data_1ETX
# 
_entry.id   1ETX 
# 
_audit_conform.dict_name       mmcif_pdbx.dic 
_audit_conform.dict_version    5.389 
_audit_conform.dict_location   http://mmcif.pdb.org/dictionaries/ascii/mmcif_pdbx.dic 
# 
loop_
_database_2.database_id 
_database_2.database_code 
_database_2.pdbx_database_accession 
_database_2.pdbx_DOI 
PDB   1ETX         pdb_00001etx 10.2210/pdb1etx/pdb 
RCSB  RCSB010884   ?            ?                   
WWPDB D_1000010884 ?            ?                   
# 
loop_
_pdbx_audit_revision_history.ordinal 
_pdbx_audit_revision_history.data_content_type 
_pdbx_audit_revision_history.major_revision 
_pdbx_audit_revision_history.minor_revision 
_pdbx_audit_revision_history.revision_date 
1 'Structure model' 1 0 2000-10-11 
2 'Structure model' 1 1 2008-04-27 
3 'Structure model' 1 2 2011-07-13 
4 'Structure model' 1 3 2018-03-14 
5 'Structure model' 1 4 2024-02-07 
6 'Structure model' 1 5 2024-04-03 
# 
_pdbx_audit_revision_details.ordinal             1 
_pdbx_audit_revision_details.revision_ordinal    1 
_pdbx_audit_revision_details.data_content_type   'Structure model' 
_pdbx_audit_revision_details.provider            repository 
_pdbx_audit_revision_details.type                'Initial release' 
_pdbx_audit_revision_details.description         ? 
_pdbx_audit_revision_details.details             ? 
# 
loop_
_pdbx_audit_revision_group.ordinal 
_pdbx_audit_revision_group.revision_ordinal 
_pdbx_audit_revision_group.data_content_type 
_pdbx_audit_revision_group.group 
1 2 'Structure model' 'Version format compliance' 
2 3 'Structure model' 'Version format compliance' 
3 4 'Structure model' 'Database references'       
4 5 'Structure model' 'Data collection'           
5 5 'Structure model' 'Database references'       
6 6 'Structure model' 'Refinement description'    
# 
loop_
_pdbx_audit_revision_category.ordinal 
_pdbx_audit_revision_category.revision_ordinal 
_pdbx_audit_revision_category.data_content_type 
_pdbx_audit_revision_category.category 
1 4 'Structure model' struct_ref_seq_dif            
2 5 'Structure model' chem_comp_atom                
3 5 'Structure model' chem_comp_bond                
4 5 'Structure model' database_2                    
5 5 'Structure model' struct_ref_seq_dif            
6 6 'Structure model' pdbx_initial_refinement_model 
# 
loop_
_pdbx_audit_revision_item.ordinal 
_pdbx_audit_revision_item.revision_ordinal 
_pdbx_audit_revision_item.data_content_type 
_pdbx_audit_revision_item.item 
1 4 'Structure model' '_struct_ref_seq_dif.details'         
2 5 'Structure model' '_database_2.pdbx_DOI'                
3 5 'Structure model' '_database_2.pdbx_database_accession' 
4 5 'Structure model' '_struct_ref_seq_dif.details'         
# 
_pdbx_database_status.status_code                     REL 
_pdbx_database_status.entry_id                        1ETX 
_pdbx_database_status.recvd_initial_deposition_date   2000-04-13 
_pdbx_database_status.deposit_site                    RCSB 
_pdbx_database_status.process_site                    RCSB 
_pdbx_database_status.SG_entry                        . 
_pdbx_database_status.pdb_format_compatible           Y 
_pdbx_database_status.status_code_mr                  ? 
_pdbx_database_status.status_code_sf                  ? 
_pdbx_database_status.status_code_cs                  ? 
_pdbx_database_status.methods_development_category    ? 
_pdbx_database_status.status_code_nmr_data            ? 
# 
loop_
_pdbx_database_related.db_name 
_pdbx_database_related.db_id 
_pdbx_database_related.details 
_pdbx_database_related.content_type 
PDB 3FIS '3FIS contains the wild-type Fis'   unspecified 
PDB 1FIP '1FIP contains the Fis mutant P61A' unspecified 
PDB 1F36 '1F36 contains the Fis mutant K36E' unspecified 
PDB 1ETK '1ETK contains the Fis mutant Q68A' unspecified 
PDB 1ETO '1ETO contains the Fis mutant R71L' unspecified 
PDB 1ETQ '1ETQ contains the Fis mutant R71Y' unspecified 
PDB 1ETV '1ETV contains the Fis mutant G72A' unspecified 
PDB 1ETW '1ETW contains the Fis mutant G72D' unspecified 
PDB 1ETY '1ETY contains the Fis wild type'   unspecified 
# 
loop_
_audit_author.name 
_audit_author.pdbx_ordinal 
'Cheng, Y.S.'   1 
'Yang, W.Z.'    2 
'Johnson, R.C.' 3 
'Yuan, H.S.'    4 
# 
_citation.id                        primary 
_citation.title                     
;Structural analysis of the transcriptional activation on Fis: crystal structures of six Fis mutants with different activation properties.
;
_citation.journal_abbrev            J.Mol.Biol. 
_citation.journal_volume            302 
_citation.page_first                1139 
_citation.page_last                 1151 
_citation.year                      2000 
_citation.journal_id_ASTM           JMOBAK 
_citation.country                   UK 
_citation.journal_id_ISSN           0022-2836 
_citation.journal_id_CSD            0070 
_citation.book_publisher            ? 
_citation.pdbx_database_id_PubMed   11183780 
_citation.pdbx_database_id_DOI      10.1006/jmbi.2000.4123 
# 
loop_
_citation_author.citation_id 
_citation_author.name 
_citation_author.ordinal 
_citation_author.identifier_ORCID 
primary 'Cheng, Y.S.'   1 ? 
primary 'Yang, W.Z.'    2 ? 
primary 'Johnson, R.C.' 3 ? 
primary 'Yuan, H.S.'    4 ? 
# 
loop_
_entity.id 
_entity.type 
_entity.src_method 
_entity.pdbx_description 
_entity.formula_weight 
_entity.pdbx_number_of_molecules 
_entity.pdbx_ec 
_entity.pdbx_mutation 
_entity.pdbx_fragment 
_entity.details 
1 polymer man 'FACTOR FOR INVERSION STIMULATION' 11195.867 2   ? Q74A ? ? 
2 water   nat water                              18.015    101 ? ?    ? ? 
# 
_entity_name_com.entity_id   1 
_entity_name_com.name        FIS 
# 
_entity_poly.entity_id                      1 
_entity_poly.type                           'polypeptide(L)' 
_entity_poly.nstd_linkage                   no 
_entity_poly.nstd_monomer                   no 
_entity_poly.pdbx_seq_one_letter_code       
;MFEQRVNSDVLTVSTVNSQDQVTQKPLRDSVKQALKNYFAQLNGQDVNDLYELVLAEVEQPLLDMVMQYTRGNATRAALM
MGINRGTLRKKLKKYGMN
;
_entity_poly.pdbx_seq_one_letter_code_can   
;MFEQRVNSDVLTVSTVNSQDQVTQKPLRDSVKQALKNYFAQLNGQDVNDLYELVLAEVEQPLLDMVMQYTRGNATRAALM
MGINRGTLRKKLKKYGMN
;
_entity_poly.pdbx_strand_id                 A,B 
_entity_poly.pdbx_target_identifier         ? 
# 
_pdbx_entity_nonpoly.entity_id   2 
_pdbx_entity_nonpoly.name        water 
_pdbx_entity_nonpoly.comp_id     HOH 
# 
loop_
_entity_poly_seq.entity_id 
_entity_poly_seq.num 
_entity_poly_seq.mon_id 
_entity_poly_seq.hetero 
1 1  MET n 
1 2  PHE n 
1 3  GLU n 
1 4  GLN n 
1 5  ARG n 
1 6  VAL n 
1 7  ASN n 
1 8  SER n 
1 9  ASP n 
1 10 VAL n 
1 11 LEU n 
1 12 THR n 
1 13 VAL n 
1 14 SER n 
1 15 THR n 
1 16 VAL n 
1 17 ASN n 
1 18 SER n 
1 19 GLN n 
1 20 ASP n 
1 21 GLN n 
1 22 VAL n 
1 23 THR n 
1 24 GLN n 
1 25 LYS n 
1 26 PRO n 
1 27 LEU n 
1 28 ARG n 
1 29 ASP n 
1 30 SER n 
1 31 VAL n 
1 32 LYS n 
1 33 GLN n 
1 34 ALA n 
1 35 LEU n 
1 36 LYS n 
1 37 ASN n 
1 38 TYR n 
1 39 PHE n 
1 40 ALA n 
1 41 GLN n 
1 42 LEU n 
1 43 ASN n 
1 44 GLY n 
1 45 GLN n 
1 46 ASP n 
1 47 VAL n 
1 48 ASN n 
1 49 ASP n 
1 50 LEU n 
1 51 TYR n 
1 52 GLU n 
1 53 LEU n 
1 54 VAL n 
1 55 LEU n 
1 56 ALA n 
1 57 GLU n 
1 58 VAL n 
1 59 GLU n 
1 60 GLN n 
1 61 PRO n 
1 62 LEU n 
1 63 LEU n 
1 64 ASP n 
1 65 MET n 
1 66 VAL n 
1 67 MET n 
1 68 GLN n 
1 69 TYR n 
1 70 THR n 
1 71 ARG n 
1 72 GLY n 
1 73 ASN n 
1 74 ALA n 
1 75 THR n 
1 76 ARG n 
1 77 ALA n 
1 78 ALA n 
1 79 LEU n 
1 80 MET n 
1 81 MET n 
1 82 GLY n 
1 83 ILE n 
1 84 ASN n 
1 85 ARG n 
1 86 GLY n 
1 87 THR n 
1 88 LEU n 
1 89 ARG n 
1 90 LYS n 
1 91 LYS n 
1 92 LEU n 
1 93 LYS n 
1 94 LYS n 
1 95 TYR n 
1 96 GLY n 
1 97 MET n 
1 98 ASN n 
# 
_entity_src_gen.entity_id                          1 
_entity_src_gen.pdbx_src_id                        1 
_entity_src_gen.pdbx_alt_source_flag               sample 
_entity_src_gen.pdbx_seq_type                      ? 
_entity_src_gen.pdbx_beg_seq_num                   ? 
_entity_src_gen.pdbx_end_seq_num                   ? 
_entity_src_gen.gene_src_common_name               ? 
_entity_src_gen.gene_src_genus                     Escherichia 
_entity_src_gen.pdbx_gene_src_gene                 ? 
_entity_src_gen.gene_src_species                   ? 
_entity_src_gen.gene_src_strain                    ? 
_entity_src_gen.gene_src_tissue                    ? 
_entity_src_gen.gene_src_tissue_fraction           ? 
_entity_src_gen.gene_src_details                   ? 
_entity_src_gen.pdbx_gene_src_fragment             ? 
_entity_src_gen.pdbx_gene_src_scientific_name      'Escherichia coli' 
_entity_src_gen.pdbx_gene_src_ncbi_taxonomy_id     562 
_entity_src_gen.pdbx_gene_src_variant              ? 
_entity_src_gen.pdbx_gene_src_cell_line            ? 
_entity_src_gen.pdbx_gene_src_atcc                 ? 
_entity_src_gen.pdbx_gene_src_organ                ? 
_entity_src_gen.pdbx_gene_src_organelle            ? 
_entity_src_gen.pdbx_gene_src_cell                 ? 
_entity_src_gen.pdbx_gene_src_cellular_location    ? 
_entity_src_gen.host_org_common_name               ? 
_entity_src_gen.pdbx_host_org_scientific_name      'Escherichia coli' 
_entity_src_gen.pdbx_host_org_ncbi_taxonomy_id     562 
_entity_src_gen.host_org_genus                     Escherichia 
_entity_src_gen.pdbx_host_org_gene                 ? 
_entity_src_gen.pdbx_host_org_organ                ? 
_entity_src_gen.host_org_species                   ? 
_entity_src_gen.pdbx_host_org_tissue               ? 
_entity_src_gen.pdbx_host_org_tissue_fraction      ? 
_entity_src_gen.pdbx_host_org_strain               'BL21 (-FIS)' 
_entity_src_gen.pdbx_host_org_variant              ? 
_entity_src_gen.pdbx_host_org_cell_line            ? 
_entity_src_gen.pdbx_host_org_atcc                 ? 
_entity_src_gen.pdbx_host_org_culture_collection   ? 
_entity_src_gen.pdbx_host_org_cell                 ? 
_entity_src_gen.pdbx_host_org_organelle            ? 
_entity_src_gen.pdbx_host_org_cellular_location    ? 
_entity_src_gen.pdbx_host_org_vector_type          ? 
_entity_src_gen.pdbx_host_org_vector               ? 
_entity_src_gen.host_org_details                   ? 
_entity_src_gen.expression_system_id               ? 
_entity_src_gen.plasmid_name                       PET11A 
_entity_src_gen.plasmid_details                    ? 
_entity_src_gen.pdbx_description                   ? 
# 
loop_
_chem_comp.id 
_chem_comp.type 
_chem_comp.mon_nstd_flag 
_chem_comp.name 
_chem_comp.pdbx_synonyms 
_chem_comp.formula 
_chem_comp.formula_weight 
ALA 'L-peptide linking' y ALANINE         ? 'C3 H7 N O2'     89.093  
ARG 'L-peptide linking' y ARGININE        ? 'C6 H15 N4 O2 1' 175.209 
ASN 'L-peptide linking' y ASPARAGINE      ? 'C4 H8 N2 O3'    132.118 
ASP 'L-peptide linking' y 'ASPARTIC ACID' ? 'C4 H7 N O4'     133.103 
GLN 'L-peptide linking' y GLUTAMINE       ? 'C5 H10 N2 O3'   146.144 
GLU 'L-peptide linking' y 'GLUTAMIC ACID' ? 'C5 H9 N O4'     147.129 
GLY 'peptide linking'   y GLYCINE         ? 'C2 H5 N O2'     75.067  
HOH non-polymer         . WATER           ? 'H2 O'           18.015  
ILE 'L-peptide linking' y ISOLEUCINE      ? 'C6 H13 N O2'    131.173 
LEU 'L-peptide linking' y LEUCINE         ? 'C6 H13 N O2'    131.173 
LYS 'L-peptide linking' y LYSINE          ? 'C6 H15 N2 O2 1' 147.195 
MET 'L-peptide linking' y METHIONINE      ? 'C5 H11 N O2 S'  149.211 
PHE 'L-peptide linking' y PHENYLALANINE   ? 'C9 H11 N O2'    165.189 
PRO 'L-peptide linking' y PROLINE         ? 'C5 H9 N O2'     115.130 
SER 'L-peptide linking' y SERINE          ? 'C3 H7 N O3'     105.093 
THR 'L-peptide linking' y THREONINE       ? 'C4 H9 N O3'     119.119 
TYR 'L-peptide linking' y TYROSINE        ? 'C9 H11 N O3'    181.189 
VAL 'L-peptide linking' y VALINE          ? 'C5 H11 N O2'    117.146 
# 
loop_
_pdbx_poly_seq_scheme.asym_id 
_pdbx_poly_seq_scheme.entity_id 
_pdbx_poly_seq_scheme.seq_id 
_pdbx_poly_seq_scheme.mon_id 
_pdbx_poly_seq_scheme.ndb_seq_num 
_pdbx_poly_seq_scheme.pdb_seq_num 
_pdbx_poly_seq_scheme.auth_seq_num 
_pdbx_poly_seq_scheme.pdb_mon_id 
_pdbx_poly_seq_scheme.auth_mon_id 
_pdbx_poly_seq_scheme.pdb_strand_id 
_pdbx_poly_seq_scheme.pdb_ins_code 
_pdbx_poly_seq_scheme.hetero 
A 1 1  MET 1  1  ?  ?   ?   A . n 
A 1 2  PHE 2  2  ?  ?   ?   A . n 
A 1 3  GLU 3  3  ?  ?   ?   A . n 
A 1 4  GLN 4  4  ?  ?   ?   A . n 
A 1 5  ARG 5  5  ?  ?   ?   A . n 
A 1 6  VAL 6  6  ?  ?   ?   A . n 
A 1 7  ASN 7  7  ?  ?   ?   A . n 
A 1 8  SER 8  8  ?  ?   ?   A . n 
A 1 9  ASP 9  9  ?  ?   ?   A . n 
A 1 10 VAL 10 10 10 VAL VAL A . n 
A 1 11 LEU 11 11 11 LEU LEU A . n 
A 1 12 THR 12 12 12 THR THR A . n 
A 1 13 VAL 13 13 13 VAL VAL A . n 
A 1 14 SER 14 14 ?  ?   ?   A . n 
A 1 15 THR 15 15 ?  ?   ?   A . n 
A 1 16 VAL 16 16 ?  ?   ?   A . n 
A 1 17 ASN 17 17 ?  ?   ?   A . n 
A 1 18 SER 18 18 ?  ?   ?   A . n 
A 1 19 GLN 19 19 ?  ?   ?   A . n 
A 1 20 ASP 20 20 ?  ?   ?   A . n 
A 1 21 GLN 21 21 ?  ?   ?   A . n 
A 1 22 VAL 22 22 ?  ?   ?   A . n 
A 1 23 THR 23 23 ?  ?   ?   A . n 
A 1 24 GLN 24 24 ?  ?   ?   A . n 
A 1 25 LYS 25 25 25 LYS LYS A . n 
A 1 26 PRO 26 26 26 PRO PRO A . n 
A 1 27 LEU 27 27 27 LEU LEU A . n 
A 1 28 ARG 28 28 28 ARG ARG A . n 
A 1 29 ASP 29 29 29 ASP ASP A . n 
A 1 30 SER 30 30 30 SER SER A . n 
A 1 31 VAL 31 31 31 VAL VAL A . n 
A 1 32 LYS 32 32 32 LYS LYS A . n 
A 1 33 GLN 33 33 33 GLN GLN A . n 
A 1 34 ALA 34 34 34 ALA ALA A . n 
A 1 35 LEU 35 35 35 LEU LEU A . n 
A 1 36 LYS 36 36 36 LYS LYS A . n 
A 1 37 ASN 37 37 37 ASN ASN A . n 
A 1 38 TYR 38 38 38 TYR TYR A . n 
A 1 39 PHE 39 39 39 PHE PHE A . n 
A 1 40 ALA 40 40 40 ALA ALA A . n 
A 1 41 GLN 41 41 41 GLN GLN A . n 
A 1 42 LEU 42 42 42 LEU LEU A . n 
A 1 43 ASN 43 43 ?  ?   ?   A . n 
A 1 44 GLY 44 44 ?  ?   ?   A . n 
A 1 45 GLN 45 45 ?  ?   ?   A . n 
A 1 46 ASP 46 46 ?  ?   ?   A . n 
A 1 47 VAL 47 47 47 VAL VAL A . n 
A 1 48 ASN 48 48 48 ASN ASN A . n 
A 1 49 ASP 49 49 49 ASP ASP A . n 
A 1 50 LEU 50 50 50 LEU LEU A . n 
A 1 51 TYR 51 51 51 TYR TYR A . n 
A 1 52 GLU 52 52 52 GLU GLU A . n 
A 1 53 LEU 53 53 53 LEU LEU A . n 
A 1 54 VAL 54 54 54 VAL VAL A . n 
A 1 55 LEU 55 55 55 LEU LEU A . n 
A 1 56 ALA 56 56 56 ALA ALA A . n 
A 1 57 GLU 57 57 57 GLU GLU A . n 
A 1 58 VAL 58 58 58 VAL VAL A . n 
A 1 59 GLU 59 59 59 GLU GLU A . n 
A 1 60 GLN 60 60 60 GLN GLN A . n 
A 1 61 PRO 61 61 61 PRO PRO A . n 
A 1 62 LEU 62 62 62 LEU LEU A . n 
A 1 63 LEU 63 63 63 LEU LEU A . n 
A 1 64 ASP 64 64 64 ASP ASP A . n 
A 1 65 MET 65 65 65 MET MET A . n 
A 1 66 VAL 66 66 66 VAL VAL A . n 
A 1 67 MET 67 67 67 MET MET A . n 
A 1 68 GLN 68 68 68 GLN GLN A . n 
A 1 69 TYR 69 69 69 TYR TYR A . n 
A 1 70 THR 70 70 70 THR THR A . n 
A 1 71 ARG 71 71 71 ARG ARG A . n 
A 1 72 GLY 72 72 72 GLY GLY A . n 
A 1 73 ASN 73 73 73 ASN ASN A . n 
A 1 74 ALA 74 74 74 ALA ALA A . n 
A 1 75 THR 75 75 75 THR THR A . n 
A 1 76 ARG 76 76 76 ARG ARG A . n 
A 1 77 ALA 77 77 77 ALA ALA A . n 
A 1 78 ALA 78 78 78 ALA ALA A . n 
A 1 79 LEU 79 79 79 LEU LEU A . n 
A 1 80 MET 80 80 80 MET MET A . n 
A 1 81 MET 81 81 81 MET MET A . n 
A 1 82 GLY 82 82 82 GLY GLY A . n 
A 1 83 ILE 83 83 83 ILE ILE A . n 
A 1 84 ASN 84 84 84 ASN ASN A . n 
A 1 85 ARG 85 85 85 ARG ARG A . n 
A 1 86 GLY 86 86 86 GLY GLY A . n 
A 1 87 THR 87 87 87 THR THR A . n 
A 1 88 LEU 88 88 88 LEU LEU A . n 
A 1 89 ARG 89 89 89 ARG ARG A . n 
A 1 90 LYS 90 90 90 LYS LYS A . n 
A 1 91 LYS 91 91 91 LYS LYS A . n 
A 1 92 LEU 92 92 92 LEU LEU A . n 
A 1 93 LYS 93 93 93 LYS LYS A . n 
A 1 94 LYS 94 94 94 LYS LYS A . n 
A 1 95 TYR 95 95 95 TYR TYR A . n 
A 1 96 GLY 96 96 96 GLY GLY A . n 
A 1 97 MET 97 97 97 MET MET A . n 
A 1 98 ASN 98 98 98 ASN ASN A . n 
B 1 1  MET 1  1  ?  ?   ?   B . n 
B 1 2  PHE 2  2  ?  ?   ?   B . n 
B 1 3  GLU 3  3  ?  ?   ?   B . n 
B 1 4  GLN 4  4  ?  ?   ?   B . n 
B 1 5  ARG 5  5  5  ARG ARG B . n 
B 1 6  VAL 6  6  6  VAL VAL B . n 
B 1 7  ASN 7  7  7  ASN ASN B . n 
B 1 8  SER 8  8  8  SER SER B . n 
B 1 9  ASP 9  9  9  ASP ASP B . n 
B 1 10 VAL 10 10 10 VAL VAL B . n 
B 1 11 LEU 11 11 11 LEU LEU B . n 
B 1 12 THR 12 12 12 THR THR B . n 
B 1 13 VAL 13 13 13 VAL VAL B . n 
B 1 14 SER 14 14 ?  ?   ?   B . n 
B 1 15 THR 15 15 ?  ?   ?   B . n 
B 1 16 VAL 16 16 ?  ?   ?   B . n 
B 1 17 ASN 17 17 ?  ?   ?   B . n 
B 1 18 SER 18 18 ?  ?   ?   B . n 
B 1 19 GLN 19 19 ?  ?   ?   B . n 
B 1 20 ASP 20 20 ?  ?   ?   B . n 
B 1 21 GLN 21 21 ?  ?   ?   B . n 
B 1 22 VAL 22 22 ?  ?   ?   B . n 
B 1 23 THR 23 23 ?  ?   ?   B . n 
B 1 24 GLN 24 24 ?  ?   ?   B . n 
B 1 25 LYS 25 25 25 LYS LYS B . n 
B 1 26 PRO 26 26 26 PRO PRO B . n 
B 1 27 LEU 27 27 27 LEU LEU B . n 
B 1 28 ARG 28 28 28 ARG ARG B . n 
B 1 29 ASP 29 29 29 ASP ASP B . n 
B 1 30 SER 30 30 30 SER SER B . n 
B 1 31 VAL 31 31 31 VAL VAL B . n 
B 1 32 LYS 32 32 32 LYS LYS B . n 
B 1 33 GLN 33 33 33 GLN GLN B . n 
B 1 34 ALA 34 34 34 ALA ALA B . n 
B 1 35 LEU 35 35 35 LEU LEU B . n 
B 1 36 LYS 36 36 36 LYS LYS B . n 
B 1 37 ASN 37 37 37 ASN ASN B . n 
B 1 38 TYR 38 38 38 TYR TYR B . n 
B 1 39 PHE 39 39 39 PHE PHE B . n 
B 1 40 ALA 40 40 40 ALA ALA B . n 
B 1 41 GLN 41 41 41 GLN GLN B . n 
B 1 42 LEU 42 42 ?  ?   ?   B . n 
B 1 43 ASN 43 43 ?  ?   ?   B . n 
B 1 44 GLY 44 44 ?  ?   ?   B . n 
B 1 45 GLN 45 45 ?  ?   ?   B . n 
B 1 46 ASP 46 46 46 ASP ASP B . n 
B 1 47 VAL 47 47 47 VAL VAL B . n 
B 1 48 ASN 48 48 48 ASN ASN B . n 
B 1 49 ASP 49 49 49 ASP ASP B . n 
B 1 50 LEU 50 50 50 LEU LEU B . n 
B 1 51 TYR 51 51 51 TYR TYR B . n 
B 1 52 GLU 52 52 52 GLU GLU B . n 
B 1 53 LEU 53 53 53 LEU LEU B . n 
B 1 54 VAL 54 54 54 VAL VAL B . n 
B 1 55 LEU 55 55 55 LEU LEU B . n 
B 1 56 ALA 56 56 56 ALA ALA B . n 
B 1 57 GLU 57 57 57 GLU GLU B . n 
B 1 58 VAL 58 58 58 VAL VAL B . n 
B 1 59 GLU 59 59 59 GLU GLU B . n 
B 1 60 GLN 60 60 60 GLN GLN B . n 
B 1 61 PRO 61 61 61 PRO PRO B . n 
B 1 62 LEU 62 62 62 LEU LEU B . n 
B 1 63 LEU 63 63 63 LEU LEU B . n 
B 1 64 ASP 64 64 64 ASP ASP B . n 
B 1 65 MET 65 65 65 MET MET B . n 
B 1 66 VAL 66 66 66 VAL VAL B . n 
B 1 67 MET 67 67 67 MET MET B . n 
B 1 68 GLN 68 68 68 GLN GLN B . n 
B 1 69 TYR 69 69 69 TYR TYR B . n 
B 1 70 THR 70 70 70 THR THR B . n 
B 1 71 ARG 71 71 71 ARG ARG B . n 
B 1 72 GLY 72 72 72 GLY GLY B . n 
B 1 73 ASN 73 73 73 ASN ASN B . n 
B 1 74 ALA 74 74 74 ALA ALA B . n 
B 1 75 THR 75 75 75 THR THR B . n 
B 1 76 ARG 76 76 76 ARG ARG B . n 
B 1 77 ALA 77 77 77 ALA ALA B . n 
B 1 78 ALA 78 78 78 ALA ALA B . n 
B 1 79 LEU 79 79 79 LEU LEU B . n 
B 1 80 MET 80 80 80 MET MET B . n 
B 1 81 MET 81 81 81 MET MET B . n 
B 1 82 GLY 82 82 82 GLY GLY B . n 
B 1 83 ILE 83 83 83 ILE ILE B . n 
B 1 84 ASN 84 84 84 ASN ASN B . n 
B 1 85 ARG 85 85 85 ARG ARG B . n 
B 1 86 GLY 86 86 86 GLY GLY B . n 
B 1 87 THR 87 87 87 THR THR B . n 
B 1 88 LEU 88 88 88 LEU LEU B . n 
B 1 89 ARG 89 89 89 ARG ARG B . n 
B 1 90 LYS 90 90 90 LYS LYS B . n 
B 1 91 LYS 91 91 91 LYS LYS B . n 
B 1 92 LEU 92 92 92 LEU LEU B . n 
B 1 93 LYS 93 93 93 LYS LYS B . n 
B 1 94 LYS 94 94 94 LYS LYS B . n 
B 1 95 TYR 95 95 95 TYR TYR B . n 
B 1 96 GLY 96 96 96 GLY GLY B . n 
B 1 97 MET 97 97 97 MET MET B . n 
B 1 98 ASN 98 98 98 ASN ASN B . n 
# 
loop_
_pdbx_nonpoly_scheme.asym_id 
_pdbx_nonpoly_scheme.entity_id 
_pdbx_nonpoly_scheme.mon_id 
_pdbx_nonpoly_scheme.ndb_seq_num 
_pdbx_nonpoly_scheme.pdb_seq_num 
_pdbx_nonpoly_scheme.auth_seq_num 
_pdbx_nonpoly_scheme.pdb_mon_id 
_pdbx_nonpoly_scheme.auth_mon_id 
_pdbx_nonpoly_scheme.pdb_strand_id 
_pdbx_nonpoly_scheme.pdb_ins_code 
C 2 HOH 1  99  1   HOH HOH A . 
C 2 HOH 2  100 2   HOH HOH A . 
C 2 HOH 3  101 3   HOH HOH A . 
C 2 HOH 4  102 5   HOH HOH A . 
C 2 HOH 5  103 7   HOH HOH A . 
C 2 HOH 6  104 8   HOH HOH A . 
C 2 HOH 7  105 12  HOH HOH A . 
C 2 HOH 8  106 13  HOH HOH A . 
C 2 HOH 9  107 15  HOH HOH A . 
C 2 HOH 10 108 16  HOH HOH A . 
C 2 HOH 11 109 17  HOH HOH A . 
C 2 HOH 12 110 18  HOH HOH A . 
C 2 HOH 13 111 19  HOH HOH A . 
C 2 HOH 14 112 22  HOH HOH A . 
C 2 HOH 15 113 24  HOH HOH A . 
C 2 HOH 16 114 26  HOH HOH A . 
C 2 HOH 17 115 30  HOH HOH A . 
C 2 HOH 18 116 31  HOH HOH A . 
C 2 HOH 19 117 37  HOH HOH A . 
C 2 HOH 20 118 38  HOH HOH A . 
C 2 HOH 21 119 42  HOH HOH A . 
C 2 HOH 22 120 43  HOH HOH A . 
C 2 HOH 23 121 44  HOH HOH A . 
C 2 HOH 24 122 46  HOH HOH A . 
C 2 HOH 25 123 47  HOH HOH A . 
C 2 HOH 26 124 49  HOH HOH A . 
C 2 HOH 27 125 51  HOH HOH A . 
C 2 HOH 28 126 53  HOH HOH A . 
C 2 HOH 29 127 55  HOH HOH A . 
C 2 HOH 30 128 56  HOH HOH A . 
C 2 HOH 31 129 57  HOH HOH A . 
C 2 HOH 32 130 58  HOH HOH A . 
C 2 HOH 33 131 59  HOH HOH A . 
C 2 HOH 34 132 60  HOH HOH A . 
C 2 HOH 35 133 61  HOH HOH A . 
C 2 HOH 36 134 63  HOH HOH A . 
C 2 HOH 37 135 64  HOH HOH A . 
C 2 HOH 38 136 65  HOH HOH A . 
C 2 HOH 39 137 66  HOH HOH A . 
C 2 HOH 40 138 67  HOH HOH A . 
C 2 HOH 41 139 68  HOH HOH A . 
C 2 HOH 42 140 69  HOH HOH A . 
C 2 HOH 43 141 70  HOH HOH A . 
C 2 HOH 44 142 73  HOH HOH A . 
C 2 HOH 45 143 74  HOH HOH A . 
C 2 HOH 46 144 75  HOH HOH A . 
C 2 HOH 47 145 76  HOH HOH A . 
C 2 HOH 48 146 77  HOH HOH A . 
C 2 HOH 49 147 78  HOH HOH A . 
C 2 HOH 50 148 79  HOH HOH A . 
C 2 HOH 51 149 80  HOH HOH A . 
C 2 HOH 52 150 83  HOH HOH A . 
C 2 HOH 53 151 85  HOH HOH A . 
C 2 HOH 54 152 86  HOH HOH A . 
C 2 HOH 55 153 87  HOH HOH A . 
C 2 HOH 56 154 88  HOH HOH A . 
C 2 HOH 57 155 89  HOH HOH A . 
C 2 HOH 58 156 91  HOH HOH A . 
C 2 HOH 59 157 94  HOH HOH A . 
C 2 HOH 60 158 96  HOH HOH A . 
C 2 HOH 61 159 100 HOH HOH A . 
D 2 HOH 1  99  4   HOH HOH B . 
D 2 HOH 2  100 6   HOH HOH B . 
D 2 HOH 3  101 9   HOH HOH B . 
D 2 HOH 4  102 10  HOH HOH B . 
D 2 HOH 5  103 11  HOH HOH B . 
D 2 HOH 6  104 14  HOH HOH B . 
D 2 HOH 7  105 20  HOH HOH B . 
D 2 HOH 8  106 21  HOH HOH B . 
D 2 HOH 9  107 23  HOH HOH B . 
D 2 HOH 10 108 25  HOH HOH B . 
D 2 HOH 11 109 27  HOH HOH B . 
D 2 HOH 12 110 28  HOH HOH B . 
D 2 HOH 13 111 29  HOH HOH B . 
D 2 HOH 14 112 32  HOH HOH B . 
D 2 HOH 15 113 33  HOH HOH B . 
D 2 HOH 16 114 34  HOH HOH B . 
D 2 HOH 17 115 35  HOH HOH B . 
D 2 HOH 18 116 36  HOH HOH B . 
D 2 HOH 19 117 39  HOH HOH B . 
D 2 HOH 20 118 40  HOH HOH B . 
D 2 HOH 21 119 41  HOH HOH B . 
D 2 HOH 22 120 45  HOH HOH B . 
D 2 HOH 23 121 48  HOH HOH B . 
D 2 HOH 24 122 50  HOH HOH B . 
D 2 HOH 25 123 52  HOH HOH B . 
D 2 HOH 26 124 54  HOH HOH B . 
D 2 HOH 27 125 62  HOH HOH B . 
D 2 HOH 28 126 71  HOH HOH B . 
D 2 HOH 29 127 72  HOH HOH B . 
D 2 HOH 30 128 81  HOH HOH B . 
D 2 HOH 31 129 82  HOH HOH B . 
D 2 HOH 32 130 84  HOH HOH B . 
D 2 HOH 33 131 90  HOH HOH B . 
D 2 HOH 34 132 92  HOH HOH B . 
D 2 HOH 35 133 93  HOH HOH B . 
D 2 HOH 36 134 95  HOH HOH B . 
D 2 HOH 37 135 97  HOH HOH B . 
D 2 HOH 38 136 98  HOH HOH B . 
D 2 HOH 39 137 99  HOH HOH B . 
D 2 HOH 40 138 101 HOH HOH B . 
# 
loop_
_software.name 
_software.classification 
_software.version 
_software.citation_id 
_software.pdbx_ordinal 
X-PLOR    'model building' .   ? 1 
CNS       refinement       0.9 ? 2 
DENZO     'data reduction' .   ? 3 
SCALEPACK 'data scaling'   .   ? 4 
X-PLOR    phasing          .   ? 5 
# 
_cell.entry_id           1ETX 
_cell.length_a           77.70 
_cell.length_b           50.29 
_cell.length_c           47.34 
_cell.angle_alpha        90.0 
_cell.angle_beta         90.0 
_cell.angle_gamma        90.0 
_cell.Z_PDB              8 
_cell.pdbx_unique_axis   ? 
# 
_symmetry.entry_id                         1ETX 
_symmetry.space_group_name_H-M             'P 21 21 21' 
_symmetry.pdbx_full_space_group_name_H-M   ? 
_symmetry.cell_setting                     ? 
_symmetry.Int_Tables_number                19 
# 
_exptl.entry_id          1ETX 
_exptl.method            'X-RAY DIFFRACTION' 
_exptl.crystals_number   1 
# 
_exptl_crystal.id                    1 
_exptl_crystal.density_meas          ? 
_exptl_crystal.density_percent_sol   40.43 
_exptl_crystal.density_Matthews      2.06 
_exptl_crystal.description           ? 
# 
_exptl_crystal_grow.crystal_id      1 
_exptl_crystal_grow.method          'VAPOR DIFFUSION, HANGING DROP' 
_exptl_crystal_grow.pH              6.5 
_exptl_crystal_grow.temp            298 
_exptl_crystal_grow.temp_details    ? 
_exptl_crystal_grow.pdbx_details    
;10 mg/ml protein, 0.5 M sodium chloride, 0.1 M sodium acetate, 0.05 M sodium cacodylate(pH 6.5), 15% PEG 8000, VAPOR DIFFUSION, HANGING DROP, temperature 298K
;
_exptl_crystal_grow.pdbx_pH_range   . 
# 
_diffrn.id                     1 
_diffrn.ambient_temp           120 
_diffrn.ambient_temp_details   ? 
_diffrn.crystal_id             1 
# 
_diffrn_detector.diffrn_id              1 
_diffrn_detector.detector               'IMAGE PLATE' 
_diffrn_detector.type                   'RIGAKU RAXIS II' 
_diffrn_detector.pdbx_collection_date   1999-09-08 
_diffrn_detector.details                mirrors 
# 
_diffrn_radiation.diffrn_id                        1 
_diffrn_radiation.wavelength_id                    1 
_diffrn_radiation.monochromator                    ? 
_diffrn_radiation.pdbx_monochromatic_or_laue_m_l   M 
_diffrn_radiation.pdbx_diffrn_protocol             'SINGLE WAVELENGTH' 
_diffrn_radiation.pdbx_scattering_type             x-ray 
# 
_diffrn_radiation_wavelength.id           1 
_diffrn_radiation_wavelength.wavelength   1.5418 
_diffrn_radiation_wavelength.wt           1.0 
# 
_diffrn_source.diffrn_id                   1 
_diffrn_source.source                      'ROTATING ANODE' 
_diffrn_source.type                        'RIGAKU RU300' 
_diffrn_source.pdbx_wavelength             1.5418 
_diffrn_source.pdbx_synchrotron_site       ? 
_diffrn_source.pdbx_synchrotron_beamline   ? 
_diffrn_source.pdbx_wavelength_list        ? 
# 
_reflns.entry_id                     1ETX 
_reflns.observed_criterion_sigma_F   0.0 
_reflns.observed_criterion_sigma_I   0.0 
_reflns.d_resolution_high            1.9 
_reflns.d_resolution_low             40.0 
_reflns.number_all                   85997 
_reflns.number_obs                   15224 
_reflns.percent_possible_obs         100.0 
_reflns.pdbx_Rmerge_I_obs            ? 
_reflns.pdbx_Rsym_value              0.0730000 
_reflns.pdbx_netI_over_sigmaI        22.7 
_reflns.B_iso_Wilson_estimate        17.1 
_reflns.pdbx_redundancy              5.6 
_reflns.R_free_details               ? 
_reflns.limit_h_max                  ? 
_reflns.limit_h_min                  ? 
_reflns.limit_k_max                  ? 
_reflns.limit_k_min                  ? 
_reflns.limit_l_max                  ? 
_reflns.limit_l_min                  ? 
_reflns.observed_criterion_F_max     ? 
_reflns.observed_criterion_F_min     ? 
_reflns.pdbx_diffrn_id               1 
_reflns.pdbx_ordinal                 1 
# 
_reflns_shell.d_res_high             1.90 
_reflns_shell.d_res_low              1.97 
_reflns_shell.percent_possible_obs   ? 
_reflns_shell.percent_possible_all   100.0 
_reflns_shell.Rmerge_I_obs           0.5590000 
_reflns_shell.meanI_over_sigI_obs    ? 
_reflns_shell.pdbx_Rsym_value        0.5590000 
_reflns_shell.pdbx_redundancy        3.0 
_reflns_shell.number_unique_all      1495 
_reflns_shell.pdbx_diffrn_id         ? 
_reflns_shell.pdbx_ordinal           1 
# 
_refine.entry_id                                 1ETX 
_refine.ls_d_res_high                            1.9 
_refine.ls_d_res_low                             19.43 
_refine.pdbx_ls_sigma_F                          0.0 
_refine.pdbx_ls_sigma_I                          0.0 
_refine.ls_number_reflns_all                     15170 
_refine.ls_number_reflns_obs                     14597 
_refine.ls_number_reflns_R_free                  1486 
_refine.ls_percent_reflns_obs                    96.1 
_refine.ls_R_factor_all                          0.2230000 
_refine.ls_R_factor_obs                          ? 
_refine.ls_R_factor_R_work                       0.2230000 
_refine.ls_R_factor_R_free                       0.2480000 
_refine.ls_redundancy_reflns_obs                 ? 
_refine.pdbx_data_cutoff_high_absF               ? 
_refine.pdbx_data_cutoff_low_absF                ? 
_refine.ls_number_parameters                     ? 
_refine.ls_number_restraints                     ? 
_refine.ls_percent_reflns_R_free                 10.2 
_refine.ls_R_factor_R_free_error                 0.006 
_refine.ls_R_factor_R_free_error_details         ? 
_refine.pdbx_method_to_determine_struct          ? 
_refine.pdbx_starting_model                      'The wild-type FIS' 
_refine.pdbx_isotropic_thermal_model             restrained 
_refine.B_iso_mean                               24.7 
_refine.aniso_B[1][1]                            -0.87 
_refine.aniso_B[1][2]                            0.00 
_refine.aniso_B[1][3]                            0.00 
_refine.aniso_B[2][2]                            -1.66 
_refine.aniso_B[2][3]                            0.00 
_refine.aniso_B[3][3]                            2.53 
_refine.pdbx_ls_cross_valid_method               THROUGHOUT 
_refine.pdbx_R_Free_selection_details            RANDOM 
_refine.pdbx_stereochem_target_val_spec_case     ? 
_refine.pdbx_stereochemistry_target_values       'Engh & Huber' 
_refine.solvent_model_details                    'flat model' 
_refine.solvent_model_param_bsol                 52.9301 
_refine.solvent_model_param_ksol                 0.372314 
_refine.occupancy_max                            ? 
_refine.occupancy_min                            ? 
_refine.details                                  ? 
_refine.B_iso_min                                ? 
_refine.B_iso_max                                ? 
_refine.overall_SU_B                             ? 
_refine.overall_SU_ML                            ? 
_refine.pdbx_overall_ESU_R                       ? 
_refine.pdbx_overall_ESU_R_Free                  ? 
_refine.pdbx_data_cutoff_high_rms_absF           295671.13 
_refine.pdbx_refine_id                           'X-RAY DIFFRACTION' 
_refine.pdbx_diffrn_id                           1 
_refine.pdbx_TLS_residual_ADP_flag               ? 
_refine.correlation_coeff_Fo_to_Fc               ? 
_refine.correlation_coeff_Fo_to_Fc_free          ? 
_refine.pdbx_solvent_vdw_probe_radii             ? 
_refine.pdbx_solvent_ion_probe_radii             ? 
_refine.pdbx_solvent_shrinkage_radii             ? 
_refine.pdbx_overall_phase_error                 ? 
_refine.overall_SU_R_Cruickshank_DPI             ? 
_refine.pdbx_overall_SU_R_free_Cruickshank_DPI   ? 
_refine.pdbx_overall_SU_R_Blow_DPI               ? 
_refine.pdbx_overall_SU_R_free_Blow_DPI          ? 
# 
_refine_analyze.entry_id                        1ETX 
_refine_analyze.Luzzati_coordinate_error_obs    0.23 
_refine_analyze.Luzzati_sigma_a_obs             0.17 
_refine_analyze.Luzzati_d_res_low_obs           5.00 
_refine_analyze.Luzzati_coordinate_error_free   0.28 
_refine_analyze.Luzzati_sigma_a_free            0.23 
_refine_analyze.number_disordered_residues      ? 
_refine_analyze.occupancy_sum_non_hydrogen      ? 
_refine_analyze.occupancy_sum_hydrogen          ? 
_refine_analyze.pdbx_Luzzati_d_res_high_obs     ? 
_refine_analyze.Luzzati_d_res_low_free          ? 
_refine_analyze.pdbx_refine_id                  'X-RAY DIFFRACTION' 
# 
_refine_hist.pdbx_refine_id                   'X-RAY DIFFRACTION' 
_refine_hist.cycle_id                         LAST 
_refine_hist.pdbx_number_atoms_protein        1222 
_refine_hist.pdbx_number_atoms_nucleic_acid   0 
_refine_hist.pdbx_number_atoms_ligand         0 
_refine_hist.number_atoms_solvent             101 
_refine_hist.number_atoms_total               1323 
_refine_hist.d_res_high                       1.9 
_refine_hist.d_res_low                        19.43 
# 
loop_
_refine_ls_restr.type 
_refine_ls_restr.dev_ideal 
_refine_ls_restr.dev_ideal_target 
_refine_ls_restr.number 
_refine_ls_restr.weight 
_refine_ls_restr.pdbx_refine_id 
_refine_ls_restr.pdbx_restraint_function 
c_bond_d           0.009 ?    ? ? 'X-RAY DIFFRACTION' ? 
c_angle_deg        1.074 ?    ? ? 'X-RAY DIFFRACTION' ? 
c_dihedral_angle_d 18.2  ?    ? ? 'X-RAY DIFFRACTION' ? 
c_improper_angle_d 0.85  ?    ? ? 'X-RAY DIFFRACTION' ? 
c_mcbond_it        1.14  1.50 ? ? 'X-RAY DIFFRACTION' ? 
c_mcangle_it       1.82  2.00 ? ? 'X-RAY DIFFRACTION' ? 
c_scbond_it        2.13  2.00 ? ? 'X-RAY DIFFRACTION' ? 
c_scangle_it       3.30  2.50 ? ? 'X-RAY DIFFRACTION' ? 
# 
_refine_ls_shell.R_factor_R_free                  0.3330000 
_refine_ls_shell.R_factor_R_free_error            0.023 
_refine_ls_shell.R_factor_R_work                  0.2700000 
_refine_ls_shell.d_res_high                       1.90 
_refine_ls_shell.d_res_low                        2.02 
_refine_ls_shell.pdbx_total_number_of_bins_used   6 
_refine_ls_shell.number_reflns_R_free             213 
_refine_ls_shell.number_reflns_R_work             2043 
_refine_ls_shell.percent_reflns_R_free            9.4 
_refine_ls_shell.percent_reflns_obs               90.8 
_refine_ls_shell.redundancy_reflns_obs            ? 
_refine_ls_shell.number_reflns_all                ? 
_refine_ls_shell.number_reflns_obs                ? 
_refine_ls_shell.pdbx_refine_id                   'X-RAY DIFFRACTION' 
_refine_ls_shell.R_factor_all                     ? 
# 
loop_
_pdbx_xplor_file.serial_no 
_pdbx_xplor_file.param_file 
_pdbx_xplor_file.topol_file 
_pdbx_xplor_file.pdbx_refine_id 
1 protein_rep.param protein.top 'X-RAY DIFFRACTION' 
2 water_rep.param   water.top   'X-RAY DIFFRACTION' 
# 
_struct.entry_id                  1ETX 
_struct.title                     'THE CRYSTAL STRUCTURE OF E. COLI FIS MUTANT Q74A' 
_struct.pdbx_model_details        ? 
_struct.pdbx_CASP_flag            ? 
_struct.pdbx_model_type_details   ? 
# 
_struct_keywords.entry_id        1ETX 
_struct_keywords.pdbx_keywords   'TRANSCRIPTION ACTIVATOR' 
_struct_keywords.text            'TRANSCRIPTIONAL ACTIVATION REGION, DNA-BINDING PROTEIN, TRANSCRIPTION ACTIVATOR' 
# 
loop_
_struct_asym.id 
_struct_asym.pdbx_blank_PDB_chainid_flag 
_struct_asym.pdbx_modified 
_struct_asym.entity_id 
_struct_asym.details 
A N N 1 ? 
B N N 1 ? 
C N N 2 ? 
D N N 2 ? 
# 
_struct_ref.id                         1 
_struct_ref.db_name                    UNP 
_struct_ref.db_code                    FIS_ECOLI 
_struct_ref.entity_id                  1 
_struct_ref.pdbx_db_accession          P0A6R3 
_struct_ref.pdbx_align_begin           1 
_struct_ref.pdbx_seq_one_letter_code   
;MFEQRVNSDVLTVSTVNSQDQVTQKPLRDSVKQALKNYFAQLNGQDVNDLYELVLAEVEQPLLDMVMQYTRGNQTRAALM
MGINRGTLRKKLKKYGMN
;
_struct_ref.pdbx_db_isoform            ? 
# 
loop_
_struct_ref_seq.align_id 
_struct_ref_seq.ref_id 
_struct_ref_seq.pdbx_PDB_id_code 
_struct_ref_seq.pdbx_strand_id 
_struct_ref_seq.seq_align_beg 
_struct_ref_seq.pdbx_seq_align_beg_ins_code 
_struct_ref_seq.seq_align_end 
_struct_ref_seq.pdbx_seq_align_end_ins_code 
_struct_ref_seq.pdbx_db_accession 
_struct_ref_seq.db_align_beg 
_struct_ref_seq.pdbx_db_align_beg_ins_code 
_struct_ref_seq.db_align_end 
_struct_ref_seq.pdbx_db_align_end_ins_code 
_struct_ref_seq.pdbx_auth_seq_align_beg 
_struct_ref_seq.pdbx_auth_seq_align_end 
1 1 1ETX A 1 ? 98 ? P0A6R3 1 ? 98 ? 1 98 
2 1 1ETX B 1 ? 98 ? P0A6R3 1 ? 98 ? 1 98 
# 
loop_
_struct_ref_seq_dif.align_id 
_struct_ref_seq_dif.pdbx_pdb_id_code 
_struct_ref_seq_dif.mon_id 
_struct_ref_seq_dif.pdbx_pdb_strand_id 
_struct_ref_seq_dif.seq_num 
_struct_ref_seq_dif.pdbx_pdb_ins_code 
_struct_ref_seq_dif.pdbx_seq_db_name 
_struct_ref_seq_dif.pdbx_seq_db_accession_code 
_struct_ref_seq_dif.db_mon_id 
_struct_ref_seq_dif.pdbx_seq_db_seq_num 
_struct_ref_seq_dif.details 
_struct_ref_seq_dif.pdbx_auth_seq_num 
_struct_ref_seq_dif.pdbx_ordinal 
1 1ETX ALA A 74 ? UNP P0A6R3 GLN 74 'engineered mutation' 74 1 
2 1ETX ALA B 74 ? UNP P0A6R3 GLN 74 'engineered mutation' 74 2 
# 
_pdbx_struct_assembly.id                   1 
_pdbx_struct_assembly.details              author_and_software_defined_assembly 
_pdbx_struct_assembly.method_details       PISA 
_pdbx_struct_assembly.oligomeric_details   dimeric 
_pdbx_struct_assembly.oligomeric_count     2 
# 
loop_
_pdbx_struct_assembly_prop.biol_id 
_pdbx_struct_assembly_prop.type 
_pdbx_struct_assembly_prop.value 
_pdbx_struct_assembly_prop.details 
1 'ABSA (A^2)' 4160 ? 
1 MORE         -40  ? 
1 'SSA (A^2)'  8650 ? 
# 
_pdbx_struct_assembly_gen.assembly_id       1 
_pdbx_struct_assembly_gen.oper_expression   1 
_pdbx_struct_assembly_gen.asym_id_list      A,B,C,D 
# 
_pdbx_struct_oper_list.id                   1 
_pdbx_struct_oper_list.type                 'identity operation' 
_pdbx_struct_oper_list.name                 1_555 
_pdbx_struct_oper_list.symmetry_operation   x,y,z 
_pdbx_struct_oper_list.matrix[1][1]         1.0000000000 
_pdbx_struct_oper_list.matrix[1][2]         0.0000000000 
_pdbx_struct_oper_list.matrix[1][3]         0.0000000000 
_pdbx_struct_oper_list.vector[1]            0.0000000000 
_pdbx_struct_oper_list.matrix[2][1]         0.0000000000 
_pdbx_struct_oper_list.matrix[2][2]         1.0000000000 
_pdbx_struct_oper_list.matrix[2][3]         0.0000000000 
_pdbx_struct_oper_list.vector[2]            0.0000000000 
_pdbx_struct_oper_list.matrix[3][1]         0.0000000000 
_pdbx_struct_oper_list.matrix[3][2]         0.0000000000 
_pdbx_struct_oper_list.matrix[3][3]         1.0000000000 
_pdbx_struct_oper_list.vector[3]            0.0000000000 
# 
_struct_biol.id                    1 
_struct_biol.details               
;The biological assembly is a dimer constructed from chain A and a symmetry partner (chain B) generated by the non-crystallographic two-fold
;
_struct_biol.pdbx_parent_biol_id   ? 
# 
loop_
_struct_conf.conf_type_id 
_struct_conf.id 
_struct_conf.pdbx_PDB_helix_id 
_struct_conf.beg_label_comp_id 
_struct_conf.beg_label_asym_id 
_struct_conf.beg_label_seq_id 
_struct_conf.pdbx_beg_PDB_ins_code 
_struct_conf.end_label_comp_id 
_struct_conf.end_label_asym_id 
_struct_conf.end_label_seq_id 
_struct_conf.pdbx_end_PDB_ins_code 
_struct_conf.beg_auth_comp_id 
_struct_conf.beg_auth_asym_id 
_struct_conf.beg_auth_seq_id 
_struct_conf.end_auth_comp_id 
_struct_conf.end_auth_asym_id 
_struct_conf.end_auth_seq_id 
_struct_conf.pdbx_PDB_helix_class 
_struct_conf.details 
_struct_conf.pdbx_PDB_helix_length 
HELX_P HELX_P1 1 PRO A 26 ? LEU A 42 ? PRO A 26 LEU A 42 1 ? 17 
HELX_P HELX_P2 2 ASP A 49 ? THR A 70 ? ASP A 49 THR A 70 1 ? 22 
HELX_P HELX_P3 3 ASN A 73 ? GLY A 82 ? ASN A 73 GLY A 82 1 ? 10 
HELX_P HELX_P4 4 ASN A 84 ? TYR A 95 ? ASN A 84 TYR A 95 1 ? 12 
HELX_P HELX_P5 5 PRO B 26 ? GLN B 41 ? PRO B 26 GLN B 41 1 ? 16 
HELX_P HELX_P6 6 ASP B 49 ? THR B 70 ? ASP B 49 THR B 70 1 ? 22 
HELX_P HELX_P7 7 ASN B 73 ? GLY B 82 ? ASN B 73 GLY B 82 1 ? 10 
HELX_P HELX_P8 8 ASN B 84 ? TYR B 95 ? ASN B 84 TYR B 95 1 ? 12 
# 
_struct_conf_type.id          HELX_P 
_struct_conf_type.criteria    ? 
_struct_conf_type.reference   ? 
# 
loop_
_pdbx_validate_torsion.id 
_pdbx_validate_torsion.PDB_model_num 
_pdbx_validate_torsion.auth_comp_id 
_pdbx_validate_torsion.auth_asym_id 
_pdbx_validate_torsion.auth_seq_id 
_pdbx_validate_torsion.PDB_ins_code 
_pdbx_validate_torsion.label_alt_id 
_pdbx_validate_torsion.phi 
_pdbx_validate_torsion.psi 
1 1 ASN A 48 ? ? -144.45 16.48 
2 1 ASN B 48 ? ? -142.65 11.17 
3 1 ASP B 49 ? ? -142.70 34.56 
# 
_pdbx_database_remark.id     300 
_pdbx_database_remark.text   
; THIS ENTRY CONTAINS THE CRYSTALLOGRAPHIC ASYMMETRIC UNIT
WHICH CONSISTS OF 2 CHAINS THAT GIVE ONE BIOLOGICAL 
DIMER MOLECULE.
;
# 
_pdbx_entry_details.entry_id                 1ETX 
_pdbx_entry_details.compound_details         'Mutation at BC turn at the transcriptional activation region.' 
_pdbx_entry_details.source_details           ? 
_pdbx_entry_details.nonpolymer_details       ? 
_pdbx_entry_details.sequence_details         ? 
_pdbx_entry_details.has_ligand_of_interest   ? 
# 
loop_
_pdbx_unobs_or_zero_occ_residues.id 
_pdbx_unobs_or_zero_occ_residues.PDB_model_num 
_pdbx_unobs_or_zero_occ_residues.polymer_flag 
_pdbx_unobs_or_zero_occ_residues.occupancy_flag 
_pdbx_unobs_or_zero_occ_residues.auth_asym_id 
_pdbx_unobs_or_zero_occ_residues.auth_comp_id 
_pdbx_unobs_or_zero_occ_residues.auth_seq_id 
_pdbx_unobs_or_zero_occ_residues.PDB_ins_code 
_pdbx_unobs_or_zero_occ_residues.label_asym_id 
_pdbx_unobs_or_zero_occ_residues.label_comp_id 
_pdbx_unobs_or_zero_occ_residues.label_seq_id 
1  1 Y 1 A MET 1  ? A MET 1  
2  1 Y 1 A PHE 2  ? A PHE 2  
3  1 Y 1 A GLU 3  ? A GLU 3  
4  1 Y 1 A GLN 4  ? A GLN 4  
5  1 Y 1 A ARG 5  ? A ARG 5  
6  1 Y 1 A VAL 6  ? A VAL 6  
7  1 Y 1 A ASN 7  ? A ASN 7  
8  1 Y 1 A SER 8  ? A SER 8  
9  1 Y 1 A ASP 9  ? A ASP 9  
10 1 Y 1 A SER 14 ? A SER 14 
11 1 Y 1 A THR 15 ? A THR 15 
12 1 Y 1 A VAL 16 ? A VAL 16 
13 1 Y 1 A ASN 17 ? A ASN 17 
14 1 Y 1 A SER 18 ? A SER 18 
15 1 Y 1 A GLN 19 ? A GLN 19 
16 1 Y 1 A ASP 20 ? A ASP 20 
17 1 Y 1 A GLN 21 ? A GLN 21 
18 1 Y 1 A VAL 22 ? A VAL 22 
19 1 Y 1 A THR 23 ? A THR 23 
20 1 Y 1 A GLN 24 ? A GLN 24 
21 1 Y 1 A ASN 43 ? A ASN 43 
22 1 Y 1 A GLY 44 ? A GLY 44 
23 1 Y 1 A GLN 45 ? A GLN 45 
24 1 Y 1 A ASP 46 ? A ASP 46 
25 1 Y 1 B MET 1  ? B MET 1  
26 1 Y 1 B PHE 2  ? B PHE 2  
27 1 Y 1 B GLU 3  ? B GLU 3  
28 1 Y 1 B GLN 4  ? B GLN 4  
29 1 Y 1 B SER 14 ? B SER 14 
30 1 Y 1 B THR 15 ? B THR 15 
31 1 Y 1 B VAL 16 ? B VAL 16 
32 1 Y 1 B ASN 17 ? B ASN 17 
33 1 Y 1 B SER 18 ? B SER 18 
34 1 Y 1 B GLN 19 ? B GLN 19 
35 1 Y 1 B ASP 20 ? B ASP 20 
36 1 Y 1 B GLN 21 ? B GLN 21 
37 1 Y 1 B VAL 22 ? B VAL 22 
38 1 Y 1 B THR 23 ? B THR 23 
39 1 Y 1 B GLN 24 ? B GLN 24 
40 1 Y 1 B LEU 42 ? B LEU 42 
41 1 Y 1 B ASN 43 ? B ASN 43 
42 1 Y 1 B GLY 44 ? B GLY 44 
43 1 Y 1 B GLN 45 ? B GLN 45 
# 
loop_
_chem_comp_atom.comp_id 
_chem_comp_atom.atom_id 
_chem_comp_atom.type_symbol 
_chem_comp_atom.pdbx_aromatic_flag 
_chem_comp_atom.pdbx_stereo_config 
_chem_comp_atom.pdbx_ordinal 
ALA N    N N N 1   
ALA CA   C N S 2   
ALA C    C N N 3   
ALA O    O N N 4   
ALA CB   C N N 5   
ALA OXT  O N N 6   
ALA H    H N N 7   
ALA H2   H N N 8   
ALA HA   H N N 9   
ALA HB1  H N N 10  
ALA HB2  H N N 11  
ALA HB3  H N N 12  
ALA HXT  H N N 13  
ARG N    N N N 14  
ARG CA   C N S 15  
ARG C    C N N 16  
ARG O    O N N 17  
ARG CB   C N N 18  
ARG CG   C N N 19  
ARG CD   C N N 20  
ARG NE   N N N 21  
ARG CZ   C N N 22  
ARG NH1  N N N 23  
ARG NH2  N N N 24  
ARG OXT  O N N 25  
ARG H    H N N 26  
ARG H2   H N N 27  
ARG HA   H N N 28  
ARG HB2  H N N 29  
ARG HB3  H N N 30  
ARG HG2  H N N 31  
ARG HG3  H N N 32  
ARG HD2  H N N 33  
ARG HD3  H N N 34  
ARG HE   H N N 35  
ARG HH11 H N N 36  
ARG HH12 H N N 37  
ARG HH21 H N N 38  
ARG HH22 H N N 39  
ARG HXT  H N N 40  
ASN N    N N N 41  
ASN CA   C N S 42  
ASN C    C N N 43  
ASN O    O N N 44  
ASN CB   C N N 45  
ASN CG   C N N 46  
ASN OD1  O N N 47  
ASN ND2  N N N 48  
ASN OXT  O N N 49  
ASN H    H N N 50  
ASN H2   H N N 51  
ASN HA   H N N 52  
ASN HB2  H N N 53  
ASN HB3  H N N 54  
ASN HD21 H N N 55  
ASN HD22 H N N 56  
ASN HXT  H N N 57  
ASP N    N N N 58  
ASP CA   C N S 59  
ASP C    C N N 60  
ASP O    O N N 61  
ASP CB   C N N 62  
ASP CG   C N N 63  
ASP OD1  O N N 64  
ASP OD2  O N N 65  
ASP OXT  O N N 66  
ASP H    H N N 67  
ASP H2   H N N 68  
ASP HA   H N N 69  
ASP HB2  H N N 70  
ASP HB3  H N N 71  
ASP HD2  H N N 72  
ASP HXT  H N N 73  
GLN N    N N N 74  
GLN CA   C N S 75  
GLN C    C N N 76  
GLN O    O N N 77  
GLN CB   C N N 78  
GLN CG   C N N 79  
GLN CD   C N N 80  
GLN OE1  O N N 81  
GLN NE2  N N N 82  
GLN OXT  O N N 83  
GLN H    H N N 84  
GLN H2   H N N 85  
GLN HA   H N N 86  
GLN HB2  H N N 87  
GLN HB3  H N N 88  
GLN HG2  H N N 89  
GLN HG3  H N N 90  
GLN HE21 H N N 91  
GLN HE22 H N N 92  
GLN HXT  H N N 93  
GLU N    N N N 94  
GLU CA   C N S 95  
GLU C    C N N 96  
GLU O    O N N 97  
GLU CB   C N N 98  
GLU CG   C N N 99  
GLU CD   C N N 100 
GLU OE1  O N N 101 
GLU OE2  O N N 102 
GLU OXT  O N N 103 
GLU H    H N N 104 
GLU H2   H N N 105 
GLU HA   H N N 106 
GLU HB2  H N N 107 
GLU HB3  H N N 108 
GLU HG2  H N N 109 
GLU HG3  H N N 110 
GLU HE2  H N N 111 
GLU HXT  H N N 112 
GLY N    N N N 113 
GLY CA   C N N 114 
GLY C    C N N 115 
GLY O    O N N 116 
GLY OXT  O N N 117 
GLY H    H N N 118 
GLY H2   H N N 119 
GLY HA2  H N N 120 
GLY HA3  H N N 121 
GLY HXT  H N N 122 
HOH O    O N N 123 
HOH H1   H N N 124 
HOH H2   H N N 125 
ILE N    N N N 126 
ILE CA   C N S 127 
ILE C    C N N 128 
ILE O    O N N 129 
ILE CB   C N S 130 
ILE CG1  C N N 131 
ILE CG2  C N N 132 
ILE CD1  C N N 133 
ILE OXT  O N N 134 
ILE H    H N N 135 
ILE H2   H N N 136 
ILE HA   H N N 137 
ILE HB   H N N 138 
ILE HG12 H N N 139 
ILE HG13 H N N 140 
ILE HG21 H N N 141 
ILE HG22 H N N 142 
ILE HG23 H N N 143 
ILE HD11 H N N 144 
ILE HD12 H N N 145 
ILE HD13 H N N 146 
ILE HXT  H N N 147 
LEU N    N N N 148 
LEU CA   C N S 149 
LEU C    C N N 150 
LEU O    O N N 151 
LEU CB   C N N 152 
LEU CG   C N N 153 
LEU CD1  C N N 154 
LEU CD2  C N N 155 
LEU OXT  O N N 156 
LEU H    H N N 157 
LEU H2   H N N 158 
LEU HA   H N N 159 
LEU HB2  H N N 160 
LEU HB3  H N N 161 
LEU HG   H N N 162 
LEU HD11 H N N 163 
LEU HD12 H N N 164 
LEU HD13 H N N 165 
LEU HD21 H N N 166 
LEU HD22 H N N 167 
LEU HD23 H N N 168 
LEU HXT  H N N 169 
LYS N    N N N 170 
LYS CA   C N S 171 
LYS C    C N N 172 
LYS O    O N N 173 
LYS CB   C N N 174 
LYS CG   C N N 175 
LYS CD   C N N 176 
LYS CE   C N N 177 
LYS NZ   N N N 178 
LYS OXT  O N N 179 
LYS H    H N N 180 
LYS H2   H N N 181 
LYS HA   H N N 182 
LYS HB2  H N N 183 
LYS HB3  H N N 184 
LYS HG2  H N N 185 
LYS HG3  H N N 186 
LYS HD2  H N N 187 
LYS HD3  H N N 188 
LYS HE2  H N N 189 
LYS HE3  H N N 190 
LYS HZ1  H N N 191 
LYS HZ2  H N N 192 
LYS HZ3  H N N 193 
LYS HXT  H N N 194 
MET N    N N N 195 
MET CA   C N S 196 
MET C    C N N 197 
MET O    O N N 198 
MET CB   C N N 199 
MET CG   C N N 200 
MET SD   S N N 201 
MET CE   C N N 202 
MET OXT  O N N 203 
MET H    H N N 204 
MET H2   H N N 205 
MET HA   H N N 206 
MET HB2  H N N 207 
MET HB3  H N N 208 
MET HG2  H N N 209 
MET HG3  H N N 210 
MET HE1  H N N 211 
MET HE2  H N N 212 
MET HE3  H N N 213 
MET HXT  H N N 214 
PHE N    N N N 215 
PHE CA   C N S 216 
PHE C    C N N 217 
PHE O    O N N 218 
PHE CB   C N N 219 
PHE CG   C Y N 220 
PHE CD1  C Y N 221 
PHE CD2  C Y N 222 
PHE CE1  C Y N 223 
PHE CE2  C Y N 224 
PHE CZ   C Y N 225 
PHE OXT  O N N 226 
PHE H    H N N 227 
PHE H2   H N N 228 
PHE HA   H N N 229 
PHE HB2  H N N 230 
PHE HB3  H N N 231 
PHE HD1  H N N 232 
PHE HD2  H N N 233 
PHE HE1  H N N 234 
PHE HE2  H N N 235 
PHE HZ   H N N 236 
PHE HXT  H N N 237 
PRO N    N N N 238 
PRO CA   C N S 239 
PRO C    C N N 240 
PRO O    O N N 241 
PRO CB   C N N 242 
PRO CG   C N N 243 
PRO CD   C N N 244 
PRO OXT  O N N 245 
PRO H    H N N 246 
PRO HA   H N N 247 
PRO HB2  H N N 248 
PRO HB3  H N N 249 
PRO HG2  H N N 250 
PRO HG3  H N N 251 
PRO HD2  H N N 252 
PRO HD3  H N N 253 
PRO HXT  H N N 254 
SER N    N N N 255 
SER CA   C N S 256 
SER C    C N N 257 
SER O    O N N 258 
SER CB   C N N 259 
SER OG   O N N 260 
SER OXT  O N N 261 
SER H    H N N 262 
SER H2   H N N 263 
SER HA   H N N 264 
SER HB2  H N N 265 
SER HB3  H N N 266 
SER HG   H N N 267 
SER HXT  H N N 268 
THR N    N N N 269 
THR CA   C N S 270 
THR C    C N N 271 
THR O    O N N 272 
THR CB   C N R 273 
THR OG1  O N N 274 
THR CG2  C N N 275 
THR OXT  O N N 276 
THR H    H N N 277 
THR H2   H N N 278 
THR HA   H N N 279 
THR HB   H N N 280 
THR HG1  H N N 281 
THR HG21 H N N 282 
THR HG22 H N N 283 
THR HG23 H N N 284 
THR HXT  H N N 285 
TYR N    N N N 286 
TYR CA   C N S 287 
TYR C    C N N 288 
TYR O    O N N 289 
TYR CB   C N N 290 
TYR CG   C Y N 291 
TYR CD1  C Y N 292 
TYR CD2  C Y N 293 
TYR CE1  C Y N 294 
TYR CE2  C Y N 295 
TYR CZ   C Y N 296 
TYR OH   O N N 297 
TYR OXT  O N N 298 
TYR H    H N N 299 
TYR H2   H N N 300 
TYR HA   H N N 301 
TYR HB2  H N N 302 
TYR HB3  H N N 303 
TYR HD1  H N N 304 
TYR HD2  H N N 305 
TYR HE1  H N N 306 
TYR HE2  H N N 307 
TYR HH   H N N 308 
TYR HXT  H N N 309 
VAL N    N N N 310 
VAL CA   C N S 311 
VAL C    C N N 312 
VAL O    O N N 313 
VAL CB   C N N 314 
VAL CG1  C N N 315 
VAL CG2  C N N 316 
VAL OXT  O N N 317 
VAL H    H N N 318 
VAL H2   H N N 319 
VAL HA   H N N 320 
VAL HB   H N N 321 
VAL HG11 H N N 322 
VAL HG12 H N N 323 
VAL HG13 H N N 324 
VAL HG21 H N N 325 
VAL HG22 H N N 326 
VAL HG23 H N N 327 
VAL HXT  H N N 328 
# 
loop_
_chem_comp_bond.comp_id 
_chem_comp_bond.atom_id_1 
_chem_comp_bond.atom_id_2 
_chem_comp_bond.value_order 
_chem_comp_bond.pdbx_aromatic_flag 
_chem_comp_bond.pdbx_stereo_config 
_chem_comp_bond.pdbx_ordinal 
ALA N   CA   sing N N 1   
ALA N   H    sing N N 2   
ALA N   H2   sing N N 3   
ALA CA  C    sing N N 4   
ALA CA  CB   sing N N 5   
ALA CA  HA   sing N N 6   
ALA C   O    doub N N 7   
ALA C   OXT  sing N N 8   
ALA CB  HB1  sing N N 9   
ALA CB  HB2  sing N N 10  
ALA CB  HB3  sing N N 11  
ALA OXT HXT  sing N N 12  
ARG N   CA   sing N N 13  
ARG N   H    sing N N 14  
ARG N   H2   sing N N 15  
ARG CA  C    sing N N 16  
ARG CA  CB   sing N N 17  
ARG CA  HA   sing N N 18  
ARG C   O    doub N N 19  
ARG C   OXT  sing N N 20  
ARG CB  CG   sing N N 21  
ARG CB  HB2  sing N N 22  
ARG CB  HB3  sing N N 23  
ARG CG  CD   sing N N 24  
ARG CG  HG2  sing N N 25  
ARG CG  HG3  sing N N 26  
ARG CD  NE   sing N N 27  
ARG CD  HD2  sing N N 28  
ARG CD  HD3  sing N N 29  
ARG NE  CZ   sing N N 30  
ARG NE  HE   sing N N 31  
ARG CZ  NH1  sing N N 32  
ARG CZ  NH2  doub N N 33  
ARG NH1 HH11 sing N N 34  
ARG NH1 HH12 sing N N 35  
ARG NH2 HH21 sing N N 36  
ARG NH2 HH22 sing N N 37  
ARG OXT HXT  sing N N 38  
ASN N   CA   sing N N 39  
ASN N   H    sing N N 40  
ASN N   H2   sing N N 41  
ASN CA  C    sing N N 42  
ASN CA  CB   sing N N 43  
ASN CA  HA   sing N N 44  
ASN C   O    doub N N 45  
ASN C   OXT  sing N N 46  
ASN CB  CG   sing N N 47  
ASN CB  HB2  sing N N 48  
ASN CB  HB3  sing N N 49  
ASN CG  OD1  doub N N 50  
ASN CG  ND2  sing N N 51  
ASN ND2 HD21 sing N N 52  
ASN ND2 HD22 sing N N 53  
ASN OXT HXT  sing N N 54  
ASP N   CA   sing N N 55  
ASP N   H    sing N N 56  
ASP N   H2   sing N N 57  
ASP CA  C    sing N N 58  
ASP CA  CB   sing N N 59  
ASP CA  HA   sing N N 60  
ASP C   O    doub N N 61  
ASP C   OXT  sing N N 62  
ASP CB  CG   sing N N 63  
ASP CB  HB2  sing N N 64  
ASP CB  HB3  sing N N 65  
ASP CG  OD1  doub N N 66  
ASP CG  OD2  sing N N 67  
ASP OD2 HD2  sing N N 68  
ASP OXT HXT  sing N N 69  
GLN N   CA   sing N N 70  
GLN N   H    sing N N 71  
GLN N   H2   sing N N 72  
GLN CA  C    sing N N 73  
GLN CA  CB   sing N N 74  
GLN CA  HA   sing N N 75  
GLN C   O    doub N N 76  
GLN C   OXT  sing N N 77  
GLN CB  CG   sing N N 78  
GLN CB  HB2  sing N N 79  
GLN CB  HB3  sing N N 80  
GLN CG  CD   sing N N 81  
GLN CG  HG2  sing N N 82  
GLN CG  HG3  sing N N 83  
GLN CD  OE1  doub N N 84  
GLN CD  NE2  sing N N 85  
GLN NE2 HE21 sing N N 86  
GLN NE2 HE22 sing N N 87  
GLN OXT HXT  sing N N 88  
GLU N   CA   sing N N 89  
GLU N   H    sing N N 90  
GLU N   H2   sing N N 91  
GLU CA  C    sing N N 92  
GLU CA  CB   sing N N 93  
GLU CA  HA   sing N N 94  
GLU C   O    doub N N 95  
GLU C   OXT  sing N N 96  
GLU CB  CG   sing N N 97  
GLU CB  HB2  sing N N 98  
GLU CB  HB3  sing N N 99  
GLU CG  CD   sing N N 100 
GLU CG  HG2  sing N N 101 
GLU CG  HG3  sing N N 102 
GLU CD  OE1  doub N N 103 
GLU CD  OE2  sing N N 104 
GLU OE2 HE2  sing N N 105 
GLU OXT HXT  sing N N 106 
GLY N   CA   sing N N 107 
GLY N   H    sing N N 108 
GLY N   H2   sing N N 109 
GLY CA  C    sing N N 110 
GLY CA  HA2  sing N N 111 
GLY CA  HA3  sing N N 112 
GLY C   O    doub N N 113 
GLY C   OXT  sing N N 114 
GLY OXT HXT  sing N N 115 
HOH O   H1   sing N N 116 
HOH O   H2   sing N N 117 
ILE N   CA   sing N N 118 
ILE N   H    sing N N 119 
ILE N   H2   sing N N 120 
ILE CA  C    sing N N 121 
ILE CA  CB   sing N N 122 
ILE CA  HA   sing N N 123 
ILE C   O    doub N N 124 
ILE C   OXT  sing N N 125 
ILE CB  CG1  sing N N 126 
ILE CB  CG2  sing N N 127 
ILE CB  HB   sing N N 128 
ILE CG1 CD1  sing N N 129 
ILE CG1 HG12 sing N N 130 
ILE CG1 HG13 sing N N 131 
ILE CG2 HG21 sing N N 132 
ILE CG2 HG22 sing N N 133 
ILE CG2 HG23 sing N N 134 
ILE CD1 HD11 sing N N 135 
ILE CD1 HD12 sing N N 136 
ILE CD1 HD13 sing N N 137 
ILE OXT HXT  sing N N 138 
LEU N   CA   sing N N 139 
LEU N   H    sing N N 140 
LEU N   H2   sing N N 141 
LEU CA  C    sing N N 142 
LEU CA  CB   sing N N 143 
LEU CA  HA   sing N N 144 
LEU C   O    doub N N 145 
LEU C   OXT  sing N N 146 
LEU CB  CG   sing N N 147 
LEU CB  HB2  sing N N 148 
LEU CB  HB3  sing N N 149 
LEU CG  CD1  sing N N 150 
LEU CG  CD2  sing N N 151 
LEU CG  HG   sing N N 152 
LEU CD1 HD11 sing N N 153 
LEU CD1 HD12 sing N N 154 
LEU CD1 HD13 sing N N 155 
LEU CD2 HD21 sing N N 156 
LEU CD2 HD22 sing N N 157 
LEU CD2 HD23 sing N N 158 
LEU OXT HXT  sing N N 159 
LYS N   CA   sing N N 160 
LYS N   H    sing N N 161 
LYS N   H2   sing N N 162 
LYS CA  C    sing N N 163 
LYS CA  CB   sing N N 164 
LYS CA  HA   sing N N 165 
LYS C   O    doub N N 166 
LYS C   OXT  sing N N 167 
LYS CB  CG   sing N N 168 
LYS CB  HB2  sing N N 169 
LYS CB  HB3  sing N N 170 
LYS CG  CD   sing N N 171 
LYS CG  HG2  sing N N 172 
LYS CG  HG3  sing N N 173 
LYS CD  CE   sing N N 174 
LYS CD  HD2  sing N N 175 
LYS CD  HD3  sing N N 176 
LYS CE  NZ   sing N N 177 
LYS CE  HE2  sing N N 178 
LYS CE  HE3  sing N N 179 
LYS NZ  HZ1  sing N N 180 
LYS NZ  HZ2  sing N N 181 
LYS NZ  HZ3  sing N N 182 
LYS OXT HXT  sing N N 183 
MET N   CA   sing N N 184 
MET N   H    sing N N 185 
MET N   H2   sing N N 186 
MET CA  C    sing N N 187 
MET CA  CB   sing N N 188 
MET CA  HA   sing N N 189 
MET C   O    doub N N 190 
MET C   OXT  sing N N 191 
MET CB  CG   sing N N 192 
MET CB  HB2  sing N N 193 
MET CB  HB3  sing N N 194 
MET CG  SD   sing N N 195 
MET CG  HG2  sing N N 196 
MET CG  HG3  sing N N 197 
MET SD  CE   sing N N 198 
MET CE  HE1  sing N N 199 
MET CE  HE2  sing N N 200 
MET CE  HE3  sing N N 201 
MET OXT HXT  sing N N 202 
PHE N   CA   sing N N 203 
PHE N   H    sing N N 204 
PHE N   H2   sing N N 205 
PHE CA  C    sing N N 206 
PHE CA  CB   sing N N 207 
PHE CA  HA   sing N N 208 
PHE C   O    doub N N 209 
PHE C   OXT  sing N N 210 
PHE CB  CG   sing N N 211 
PHE CB  HB2  sing N N 212 
PHE CB  HB3  sing N N 213 
PHE CG  CD1  doub Y N 214 
PHE CG  CD2  sing Y N 215 
PHE CD1 CE1  sing Y N 216 
PHE CD1 HD1  sing N N 217 
PHE CD2 CE2  doub Y N 218 
PHE CD2 HD2  sing N N 219 
PHE CE1 CZ   doub Y N 220 
PHE CE1 HE1  sing N N 221 
PHE CE2 CZ   sing Y N 222 
PHE CE2 HE2  sing N N 223 
PHE CZ  HZ   sing N N 224 
PHE OXT HXT  sing N N 225 
PRO N   CA   sing N N 226 
PRO N   CD   sing N N 227 
PRO N   H    sing N N 228 
PRO CA  C    sing N N 229 
PRO CA  CB   sing N N 230 
PRO CA  HA   sing N N 231 
PRO C   O    doub N N 232 
PRO C   OXT  sing N N 233 
PRO CB  CG   sing N N 234 
PRO CB  HB2  sing N N 235 
PRO CB  HB3  sing N N 236 
PRO CG  CD   sing N N 237 
PRO CG  HG2  sing N N 238 
PRO CG  HG3  sing N N 239 
PRO CD  HD2  sing N N 240 
PRO CD  HD3  sing N N 241 
PRO OXT HXT  sing N N 242 
SER N   CA   sing N N 243 
SER N   H    sing N N 244 
SER N   H2   sing N N 245 
SER CA  C    sing N N 246 
SER CA  CB   sing N N 247 
SER CA  HA   sing N N 248 
SER C   O    doub N N 249 
SER C   OXT  sing N N 250 
SER CB  OG   sing N N 251 
SER CB  HB2  sing N N 252 
SER CB  HB3  sing N N 253 
SER OG  HG   sing N N 254 
SER OXT HXT  sing N N 255 
THR N   CA   sing N N 256 
THR N   H    sing N N 257 
THR N   H2   sing N N 258 
THR CA  C    sing N N 259 
THR CA  CB   sing N N 260 
THR CA  HA   sing N N 261 
THR C   O    doub N N 262 
THR C   OXT  sing N N 263 
THR CB  OG1  sing N N 264 
THR CB  CG2  sing N N 265 
THR CB  HB   sing N N 266 
THR OG1 HG1  sing N N 267 
THR CG2 HG21 sing N N 268 
THR CG2 HG22 sing N N 269 
THR CG2 HG23 sing N N 270 
THR OXT HXT  sing N N 271 
TYR N   CA   sing N N 272 
TYR N   H    sing N N 273 
TYR N   H2   sing N N 274 
TYR CA  C    sing N N 275 
TYR CA  CB   sing N N 276 
TYR CA  HA   sing N N 277 
TYR C   O    doub N N 278 
TYR C   OXT  sing N N 279 
TYR CB  CG   sing N N 280 
TYR CB  HB2  sing N N 281 
TYR CB  HB3  sing N N 282 
TYR CG  CD1  doub Y N 283 
TYR CG  CD2  sing Y N 284 
TYR CD1 CE1  sing Y N 285 
TYR CD1 HD1  sing N N 286 
TYR CD2 CE2  doub Y N 287 
TYR CD2 HD2  sing N N 288 
TYR CE1 CZ   doub Y N 289 
TYR CE1 HE1  sing N N 290 
TYR CE2 CZ   sing Y N 291 
TYR CE2 HE2  sing N N 292 
TYR CZ  OH   sing N N 293 
TYR OH  HH   sing N N 294 
TYR OXT HXT  sing N N 295 
VAL N   CA   sing N N 296 
VAL N   H    sing N N 297 
VAL N   H2   sing N N 298 
VAL CA  C    sing N N 299 
VAL CA  CB   sing N N 300 
VAL CA  HA   sing N N 301 
VAL C   O    doub N N 302 
VAL C   OXT  sing N N 303 
VAL CB  CG1  sing N N 304 
VAL CB  CG2  sing N N 305 
VAL CB  HB   sing N N 306 
VAL CG1 HG11 sing N N 307 
VAL CG1 HG12 sing N N 308 
VAL CG1 HG13 sing N N 309 
VAL CG2 HG21 sing N N 310 
VAL CG2 HG22 sing N N 311 
VAL CG2 HG23 sing N N 312 
VAL OXT HXT  sing N N 313 
# 
_pdbx_initial_refinement_model.accession_code   ? 
_pdbx_initial_refinement_model.id               1 
_pdbx_initial_refinement_model.entity_id_list   ? 
_pdbx_initial_refinement_model.type             'experimental model' 
_pdbx_initial_refinement_model.source_name      Other 
_pdbx_initial_refinement_model.details          'The wild-type FIS' 
# 
_atom_sites.entry_id                    1ETX 
_atom_sites.fract_transf_matrix[1][1]   -0.01272156 
_atom_sites.fract_transf_matrix[1][2]   -0.00085410 
_atom_sites.fract_transf_matrix[1][3]   0.00175195 
_atom_sites.fract_transf_matrix[2][1]   0.00174281 
_atom_sites.fract_transf_matrix[2][2]   0.00959172 
_atom_sites.fract_transf_matrix[2][3]   0.01733132 
_atom_sites.fract_transf_matrix[3][1]   -0.00260887 
_atom_sites.fract_transf_matrix[3][2]   0.01845088 
_atom_sites.fract_transf_matrix[3][3]   -0.00994898 
_atom_sites.fract_transf_vector[1]      0.116003 
_atom_sites.fract_transf_vector[2]      0.269520 
_atom_sites.fract_transf_vector[3]      0.908705 
# 
loop_
_atom_type.symbol 
C 
N 
O 
S 
# 
loop_
_atom_site.group_PDB 
_atom_site.id 
_atom_site.type_symbol 
_atom_site.label_atom_id 
_atom_site.label_alt_id 
_atom_site.label_comp_id 
_atom_site.label_asym_id 
_atom_site.label_entity_id 
_atom_site.label_seq_id 
_atom_site.pdbx_PDB_ins_code 
_atom_site.Cartn_x 
_atom_site.Cartn_y 
_atom_site.Cartn_z 
_atom_site.occupancy 
_atom_site.B_iso_or_equiv 
_atom_site.pdbx_formal_charge 
_atom_site.auth_seq_id 
_atom_site.auth_comp_id 
_atom_site.auth_asym_id 
_atom_site.auth_atom_id 
_atom_site.pdbx_PDB_model_num 
ATOM   1    N N   . VAL A 1 10 ? -2.568  13.469  6.625   1.00 38.21 ? 10  VAL A N   1 
ATOM   2    C CA  . VAL A 1 10 ? -1.080  13.476  6.777   1.00 37.96 ? 10  VAL A CA  1 
ATOM   3    C C   . VAL A 1 10 ? -0.383  13.073  5.477   1.00 37.08 ? 10  VAL A C   1 
ATOM   4    O O   . VAL A 1 10 ? 0.682   13.607  5.133   1.00 37.15 ? 10  VAL A O   1 
ATOM   5    C CB  . VAL A 1 10 ? -0.627  12.519  7.918   1.00 38.56 ? 10  VAL A CB  1 
ATOM   6    C CG1 . VAL A 1 10 ? -1.152  13.014  9.255   1.00 39.23 ? 10  VAL A CG1 1 
ATOM   7    C CG2 . VAL A 1 10 ? -1.136  11.109  7.652   1.00 39.10 ? 10  VAL A CG2 1 
ATOM   8    N N   . LEU A 1 11 ? -0.975  12.123  4.756   1.00 35.76 ? 11  LEU A N   1 
ATOM   9    C CA  . LEU A 1 11 ? -0.402  11.668  3.488   1.00 33.98 ? 11  LEU A CA  1 
ATOM   10   C C   . LEU A 1 11 ? -1.165  12.275  2.319   1.00 34.08 ? 11  LEU A C   1 
ATOM   11   O O   . LEU A 1 11 ? -2.272  11.836  1.999   1.00 34.00 ? 11  LEU A O   1 
ATOM   12   C CB  . LEU A 1 11 ? -0.452  10.139  3.395   1.00 31.58 ? 11  LEU A CB  1 
ATOM   13   C CG  . LEU A 1 11 ? 0.307   9.406   4.501   1.00 30.09 ? 11  LEU A CG  1 
ATOM   14   C CD1 . LEU A 1 11 ? 0.180   7.895   4.314   1.00 27.90 ? 11  LEU A CD1 1 
ATOM   15   C CD2 . LEU A 1 11 ? 1.763   9.839   4.475   1.00 29.28 ? 11  LEU A CD2 1 
ATOM   16   N N   . THR A 1 12 ? -0.561  13.275  1.683   1.00 33.99 ? 12  THR A N   1 
ATOM   17   C CA  . THR A 1 12 ? -1.180  13.964  0.561   1.00 34.95 ? 12  THR A CA  1 
ATOM   18   C C   . THR A 1 12 ? -0.196  14.142  -0.584  1.00 36.30 ? 12  THR A C   1 
ATOM   19   O O   . THR A 1 12 ? 1.020   14.020  -0.404  1.00 36.36 ? 12  THR A O   1 
ATOM   20   C CB  . THR A 1 12 ? -1.695  15.350  0.987   1.00 34.54 ? 12  THR A CB  1 
ATOM   21   O OG1 . THR A 1 12 ? -0.596  16.154  1.442   1.00 34.31 ? 12  THR A OG1 1 
ATOM   22   C CG2 . THR A 1 12 ? -2.697  15.210  2.126   1.00 34.07 ? 12  THR A CG2 1 
ATOM   23   N N   . VAL A 1 13 ? -0.732  14.416  -1.766  1.00 36.66 ? 13  VAL A N   1 
ATOM   24   C CA  . VAL A 1 13 ? 0.080   14.610  -2.956  1.00 38.14 ? 13  VAL A CA  1 
ATOM   25   C C   . VAL A 1 13 ? -0.187  15.988  -3.562  1.00 38.58 ? 13  VAL A C   1 
ATOM   26   O O   . VAL A 1 13 ? 0.636   16.512  -4.315  1.00 40.13 ? 13  VAL A O   1 
ATOM   27   C CB  . VAL A 1 13 ? -0.229  13.530  -4.018  1.00 38.32 ? 13  VAL A CB  1 
ATOM   28   C CG1 . VAL A 1 13 ? 0.069   12.138  -3.457  1.00 38.15 ? 13  VAL A CG1 1 
ATOM   29   C CG2 . VAL A 1 13 ? -1.692  13.622  -4.445  1.00 39.54 ? 13  VAL A CG2 1 
ATOM   30   N N   . LYS A 1 25 ? -6.326  15.606  -3.003  1.00 36.39 ? 25  LYS A N   1 
ATOM   31   C CA  . LYS A 1 25 ? -4.965  15.765  -2.518  1.00 34.87 ? 25  LYS A CA  1 
ATOM   32   C C   . LYS A 1 25 ? -4.523  14.544  -1.697  1.00 33.41 ? 25  LYS A C   1 
ATOM   33   O O   . LYS A 1 25 ? -3.367  14.136  -1.775  1.00 33.55 ? 25  LYS A O   1 
ATOM   34   C CB  . LYS A 1 25 ? -4.853  17.061  -1.695  1.00 36.78 ? 25  LYS A CB  1 
ATOM   35   C CG  . LYS A 1 25 ? -3.431  17.511  -1.401  1.00 37.34 ? 25  LYS A CG  1 
ATOM   36   C CD  . LYS A 1 25 ? -3.379  18.908  -0.779  1.00 38.59 ? 25  LYS A CD  1 
ATOM   37   C CE  . LYS A 1 25 ? -3.604  20.007  -1.816  1.00 38.89 ? 25  LYS A CE  1 
ATOM   38   N NZ  . LYS A 1 25 ? -2.538  20.023  -2.859  1.00 39.73 ? 25  LYS A NZ  1 
ATOM   39   N N   . PRO A 1 26 ? -5.433  13.933  -0.915  1.00 31.48 ? 26  PRO A N   1 
ATOM   40   C CA  . PRO A 1 26 ? -4.994  12.764  -0.140  1.00 29.77 ? 26  PRO A CA  1 
ATOM   41   C C   . PRO A 1 26 ? -4.485  11.618  -1.023  1.00 27.79 ? 26  PRO A C   1 
ATOM   42   O O   . PRO A 1 26 ? -4.985  11.400  -2.122  1.00 26.77 ? 26  PRO A O   1 
ATOM   43   C CB  . PRO A 1 26 ? -6.245  12.380  0.656   1.00 30.63 ? 26  PRO A CB  1 
ATOM   44   C CG  . PRO A 1 26 ? -7.367  12.843  -0.229  1.00 31.94 ? 26  PRO A CG  1 
ATOM   45   C CD  . PRO A 1 26 ? -6.874  14.182  -0.721  1.00 31.56 ? 26  PRO A CD  1 
ATOM   46   N N   . LEU A 1 27 ? -3.472  10.904  -0.531  1.00 25.03 ? 27  LEU A N   1 
ATOM   47   C CA  . LEU A 1 27 ? -2.883  9.786   -1.246  1.00 23.48 ? 27  LEU A CA  1 
ATOM   48   C C   . LEU A 1 27 ? -3.909  8.736   -1.697  1.00 22.84 ? 27  LEU A C   1 
ATOM   49   O O   . LEU A 1 27 ? -3.786  8.178   -2.776  1.00 21.49 ? 27  LEU A O   1 
ATOM   50   C CB  . LEU A 1 27 ? -1.808  9.113   -0.370  1.00 22.31 ? 27  LEU A CB  1 
ATOM   51   C CG  . LEU A 1 27 ? -1.188  7.828   -0.934  1.00 21.67 ? 27  LEU A CG  1 
ATOM   52   C CD1 . LEU A 1 27 ? -0.422  8.156   -2.204  1.00 19.82 ? 27  LEU A CD1 1 
ATOM   53   C CD2 . LEU A 1 27 ? -0.258  7.164   0.101   1.00 20.00 ? 27  LEU A CD2 1 
ATOM   54   N N   . ARG A 1 28 ? -4.922  8.478   -0.877  1.00 23.69 ? 28  ARG A N   1 
ATOM   55   C CA  . ARG A 1 28 ? -5.927  7.475   -1.227  1.00 25.08 ? 28  ARG A CA  1 
ATOM   56   C C   . ARG A 1 28 ? -6.600  7.777   -2.559  1.00 25.11 ? 28  ARG A C   1 
ATOM   57   O O   . ARG A 1 28 ? -7.004  6.850   -3.268  1.00 24.55 ? 28  ARG A O   1 
ATOM   58   C CB  . ARG A 1 28 ? -6.987  7.362   -0.128  1.00 27.05 ? 28  ARG A CB  1 
ATOM   59   C CG  . ARG A 1 28 ? -7.669  8.675   0.257   1.00 30.28 ? 28  ARG A CG  1 
ATOM   60   C CD  . ARG A 1 28 ? -8.720  8.451   1.353   1.00 33.72 ? 28  ARG A CD  1 
ATOM   61   N NE  . ARG A 1 28 ? -9.197  9.721   1.909   1.00 38.69 ? 28  ARG A NE  1 
ATOM   62   C CZ  . ARG A 1 28 ? -8.617  10.360  2.923   1.00 39.34 ? 28  ARG A CZ  1 
ATOM   63   N NH1 . ARG A 1 28 ? -7.541  9.848   3.509   1.00 40.93 ? 28  ARG A NH1 1 
ATOM   64   N NH2 . ARG A 1 28 ? -9.095  11.524  3.332   1.00 40.17 ? 28  ARG A NH2 1 
ATOM   65   N N   . ASP A 1 29 ? -6.713  9.066   -2.899  1.00 24.00 ? 29  ASP A N   1 
ATOM   66   C CA  . ASP A 1 29 ? -7.332  9.462   -4.157  1.00 24.32 ? 29  ASP A CA  1 
ATOM   67   C C   . ASP A 1 29 ? -6.480  9.021   -5.348  1.00 22.64 ? 29  ASP A C   1 
ATOM   68   O O   . ASP A 1 29 ? -7.013  8.702   -6.418  1.00 21.68 ? 29  ASP A O   1 
ATOM   69   C CB  . ASP A 1 29 ? -7.557  10.982  -4.222  1.00 26.88 ? 29  ASP A CB  1 
ATOM   70   C CG  . ASP A 1 29 ? -8.712  11.450  -3.358  1.00 29.55 ? 29  ASP A CG  1 
ATOM   71   O OD1 . ASP A 1 29 ? -9.033  12.658  -3.433  1.00 33.72 ? 29  ASP A OD1 1 
ATOM   72   O OD2 . ASP A 1 29 ? -9.298  10.640  -2.604  1.00 30.83 ? 29  ASP A OD2 1 
ATOM   73   N N   . SER A 1 30 ? -5.159  9.009   -5.174  1.00 21.25 ? 30  SER A N   1 
ATOM   74   C CA  . SER A 1 30 ? -4.266  8.551   -6.246  1.00 20.73 ? 30  SER A CA  1 
ATOM   75   C C   . SER A 1 30 ? -4.379  7.030   -6.360  1.00 18.40 ? 30  SER A C   1 
ATOM   76   O O   . SER A 1 30 ? -4.315  6.476   -7.456  1.00 18.07 ? 30  SER A O   1 
ATOM   77   C CB  . SER A 1 30 ? -2.803  8.907   -5.953  1.00 21.64 ? 30  SER A CB  1 
ATOM   78   O OG  . SER A 1 30 ? -2.643  10.290  -5.752  1.00 25.84 ? 30  SER A OG  1 
ATOM   79   N N   . VAL A 1 31 ? -4.516  6.355   -5.223  1.00 18.39 ? 31  VAL A N   1 
ATOM   80   C CA  . VAL A 1 31 ? -4.653  4.890   -5.248  1.00 16.90 ? 31  VAL A CA  1 
ATOM   81   C C   . VAL A 1 31 ? -5.946  4.542   -6.004  1.00 17.48 ? 31  VAL A C   1 
ATOM   82   O O   . VAL A 1 31 ? -5.958  3.678   -6.875  1.00 17.05 ? 31  VAL A O   1 
ATOM   83   C CB  . VAL A 1 31 ? -4.743  4.288   -3.820  1.00 16.88 ? 31  VAL A CB  1 
ATOM   84   C CG1 . VAL A 1 31 ? -5.038  2.777   -3.898  1.00 15.80 ? 31  VAL A CG1 1 
ATOM   85   C CG2 . VAL A 1 31 ? -3.421  4.523   -3.070  1.00 15.75 ? 31  VAL A CG2 1 
ATOM   86   N N   . LYS A 1 32 ? -7.030  5.224   -5.665  1.00 18.82 ? 32  LYS A N   1 
ATOM   87   C CA  . LYS A 1 32 ? -8.309  4.986   -6.321  1.00 20.60 ? 32  LYS A CA  1 
ATOM   88   C C   . LYS A 1 32 ? -8.218  5.186   -7.840  1.00 20.28 ? 32  LYS A C   1 
ATOM   89   O O   . LYS A 1 32 ? -8.701  4.352   -8.624  1.00 18.92 ? 32  LYS A O   1 
ATOM   90   C CB  . LYS A 1 32 ? -9.361  5.918   -5.716  1.00 22.56 ? 32  LYS A CB  1 
ATOM   91   C CG  . LYS A 1 32 ? -10.727 5.834   -6.359  1.00 27.26 ? 32  LYS A CG  1 
ATOM   92   C CD  . LYS A 1 32 ? -11.831 6.281   -5.386  1.00 30.18 ? 32  LYS A CD  1 
ATOM   93   C CE  . LYS A 1 32 ? -11.549 7.646   -4.776  1.00 32.59 ? 32  LYS A CE  1 
ATOM   94   N NZ  . LYS A 1 32 ? -11.408 8.720   -5.805  1.00 35.74 ? 32  LYS A NZ  1 
ATOM   95   N N   . GLN A 1 33 ? -7.597  6.289   -8.262  1.00 19.77 ? 33  GLN A N   1 
ATOM   96   C CA  . GLN A 1 33 ? -7.475  6.575   -9.689  1.00 20.38 ? 33  GLN A CA  1 
ATOM   97   C C   . GLN A 1 33 ? -6.623  5.531   -10.406 1.00 20.22 ? 33  GLN A C   1 
ATOM   98   O O   . GLN A 1 33 ? -6.941  5.101   -11.514 1.00 19.62 ? 33  GLN A O   1 
ATOM   99   C CB  . GLN A 1 33 ? -6.876  7.978   -9.916  1.00 22.09 ? 33  GLN A CB  1 
ATOM   100  C CG  . GLN A 1 33 ? -6.882  8.369   -11.390 1.00 25.06 ? 33  GLN A CG  1 
ATOM   101  C CD  . GLN A 1 33 ? -8.290  8.323   -11.970 1.00 27.97 ? 33  GLN A CD  1 
ATOM   102  O OE1 . GLN A 1 33 ? -8.544  7.669   -12.997 1.00 29.78 ? 33  GLN A OE1 1 
ATOM   103  N NE2 . GLN A 1 33 ? -9.217  9.008   -11.310 1.00 27.26 ? 33  GLN A NE2 1 
ATOM   104  N N   . ALA A 1 34 ? -5.532  5.122   -9.773  1.00 18.91 ? 34  ALA A N   1 
ATOM   105  C CA  . ALA A 1 34 ? -4.666  4.126   -10.384 1.00 19.47 ? 34  ALA A CA  1 
ATOM   106  C C   . ALA A 1 34 ? -5.443  2.815   -10.577 1.00 18.41 ? 34  ALA A C   1 
ATOM   107  O O   . ALA A 1 34 ? -5.280  2.127   -11.589 1.00 19.19 ? 34  ALA A O   1 
ATOM   108  C CB  . ALA A 1 34 ? -3.411  3.900   -9.507  1.00 18.01 ? 34  ALA A CB  1 
ATOM   109  N N   . LEU A 1 35 ? -6.300  2.480   -9.618  1.00 18.61 ? 35  LEU A N   1 
ATOM   110  C CA  . LEU A 1 35 ? -7.081  1.252   -9.724  1.00 17.55 ? 35  LEU A CA  1 
ATOM   111  C C   . LEU A 1 35 ? -8.125  1.390   -10.812 1.00 17.87 ? 35  LEU A C   1 
ATOM   112  O O   . LEU A 1 35 ? -8.415  0.427   -11.511 1.00 17.12 ? 35  LEU A O   1 
ATOM   113  C CB  . LEU A 1 35 ? -7.735  0.907   -8.376  1.00 17.13 ? 35  LEU A CB  1 
ATOM   114  C CG  . LEU A 1 35 ? -6.706  0.405   -7.352  1.00 17.50 ? 35  LEU A CG  1 
ATOM   115  C CD1 . LEU A 1 35 ? -7.304  0.370   -5.948  1.00 17.80 ? 35  LEU A CD1 1 
ATOM   116  C CD2 . LEU A 1 35 ? -6.250  -0.981  -7.782  1.00 18.25 ? 35  LEU A CD2 1 
ATOM   117  N N   . LYS A 1 36 ? -8.699  2.584   -10.963 1.00 18.12 ? 36  LYS A N   1 
ATOM   118  C CA  . LYS A 1 36 ? -9.679  2.783   -12.035 1.00 18.88 ? 36  LYS A CA  1 
ATOM   119  C C   . LYS A 1 36 ? -9.008  2.579   -13.391 1.00 18.02 ? 36  LYS A C   1 
ATOM   120  O O   . LYS A 1 36 ? -9.557  1.918   -14.277 1.00 17.76 ? 36  LYS A O   1 
ATOM   121  C CB  . LYS A 1 36 ? -10.270 4.190   -11.995 1.00 20.38 ? 36  LYS A CB  1 
ATOM   122  C CG  . LYS A 1 36 ? -11.233 4.422   -10.858 1.00 25.45 ? 36  LYS A CG  1 
ATOM   123  C CD  . LYS A 1 36 ? -11.904 5.790   -10.974 1.00 28.35 ? 36  LYS A CD  1 
ATOM   124  C CE  . LYS A 1 36 ? -12.821 6.034   -9.779  1.00 30.70 ? 36  LYS A CE  1 
ATOM   125  N NZ  . LYS A 1 36 ? -13.539 7.334   -9.840  1.00 32.27 ? 36  LYS A NZ  1 
ATOM   126  N N   . ASN A 1 37 ? -7.823  3.158   -13.560 1.00 17.16 ? 37  ASN A N   1 
ATOM   127  C CA  . ASN A 1 37 ? -7.082  3.031   -14.811 1.00 18.00 ? 37  ASN A CA  1 
ATOM   128  C C   . ASN A 1 37 ? -6.727  1.574   -15.079 1.00 18.43 ? 37  ASN A C   1 
ATOM   129  O O   . ASN A 1 37 ? -6.803  1.094   -16.215 1.00 17.54 ? 37  ASN A O   1 
ATOM   130  C CB  . ASN A 1 37 ? -5.782  3.841   -14.753 1.00 19.15 ? 37  ASN A CB  1 
ATOM   131  C CG  . ASN A 1 37 ? -6.016  5.346   -14.709 1.00 21.90 ? 37  ASN A CG  1 
ATOM   132  O OD1 . ASN A 1 37 ? -5.081  6.118   -14.456 1.00 23.38 ? 37  ASN A OD1 1 
ATOM   133  N ND2 . ASN A 1 37 ? -7.252  5.776   -14.956 1.00 20.90 ? 37  ASN A ND2 1 
ATOM   134  N N   . TYR A 1 38 ? -6.296  0.881   -14.033 1.00 17.46 ? 38  TYR A N   1 
ATOM   135  C CA  . TYR A 1 38 ? -5.917  -0.524  -14.156 1.00 18.32 ? 38  TYR A CA  1 
ATOM   136  C C   . TYR A 1 38 ? -7.087  -1.425  -14.554 1.00 16.62 ? 38  TYR A C   1 
ATOM   137  O O   . TYR A 1 38 ? -6.953  -2.267  -15.433 1.00 15.68 ? 38  TYR A O   1 
ATOM   138  C CB  . TYR A 1 38 ? -5.334  -1.007  -12.833 1.00 21.47 ? 38  TYR A CB  1 
ATOM   139  C CG  . TYR A 1 38 ? -4.903  -2.448  -12.841 1.00 23.33 ? 38  TYR A CG  1 
ATOM   140  C CD1 . TYR A 1 38 ? -4.029  -2.919  -13.808 1.00 25.07 ? 38  TYR A CD1 1 
ATOM   141  C CD2 . TYR A 1 38 ? -5.335  -3.330  -11.858 1.00 24.88 ? 38  TYR A CD2 1 
ATOM   142  C CE1 . TYR A 1 38 ? -3.582  -4.224  -13.792 1.00 26.63 ? 38  TYR A CE1 1 
ATOM   143  C CE2 . TYR A 1 38 ? -4.892  -4.650  -11.830 1.00 26.98 ? 38  TYR A CE2 1 
ATOM   144  C CZ  . TYR A 1 38 ? -4.014  -5.090  -12.804 1.00 26.81 ? 38  TYR A CZ  1 
ATOM   145  O OH  . TYR A 1 38 ? -3.545  -6.383  -12.793 1.00 28.82 ? 38  TYR A OH  1 
ATOM   146  N N   . PHE A 1 39 ? -8.225  -1.259  -13.895 1.00 16.82 ? 39  PHE A N   1 
ATOM   147  C CA  . PHE A 1 39 ? -9.377  -2.075  -14.220 1.00 17.28 ? 39  PHE A CA  1 
ATOM   148  C C   . PHE A 1 39 ? -9.815  -1.850  -15.670 1.00 17.69 ? 39  PHE A C   1 
ATOM   149  O O   . PHE A 1 39 ? -10.185 -2.790  -16.350 1.00 18.58 ? 39  PHE A O   1 
ATOM   150  C CB  . PHE A 1 39 ? -10.541 -1.777  -13.269 1.00 17.47 ? 39  PHE A CB  1 
ATOM   151  C CG  . PHE A 1 39 ? -10.286 -2.183  -11.824 1.00 18.36 ? 39  PHE A CG  1 
ATOM   152  C CD1 . PHE A 1 39 ? -9.263  -3.063  -11.493 1.00 19.48 ? 39  PHE A CD1 1 
ATOM   153  C CD2 . PHE A 1 39 ? -11.092 -1.685  -10.803 1.00 17.63 ? 39  PHE A CD2 1 
ATOM   154  C CE1 . PHE A 1 39 ? -9.053  -3.459  -10.164 1.00 21.32 ? 39  PHE A CE1 1 
ATOM   155  C CE2 . PHE A 1 39 ? -10.901 -2.068  -9.477  1.00 19.74 ? 39  PHE A CE2 1 
ATOM   156  C CZ  . PHE A 1 39 ? -9.877  -2.951  -9.156  1.00 20.90 ? 39  PHE A CZ  1 
ATOM   157  N N   . ALA A 1 40 ? -9.764  -0.611  -16.148 1.00 18.65 ? 40  ALA A N   1 
ATOM   158  C CA  . ALA A 1 40 ? -10.167 -0.334  -17.539 1.00 20.67 ? 40  ALA A CA  1 
ATOM   159  C C   . ALA A 1 40 ? -9.242  -1.031  -18.539 1.00 22.85 ? 40  ALA A C   1 
ATOM   160  O O   . ALA A 1 40 ? -9.617  -1.303  -19.698 1.00 23.50 ? 40  ALA A O   1 
ATOM   161  C CB  . ALA A 1 40 ? -10.174 1.166   -17.800 1.00 19.17 ? 40  ALA A CB  1 
ATOM   162  N N   . GLN A 1 41 ? -8.026  -1.329  -18.094 1.00 24.51 ? 41  GLN A N   1 
ATOM   163  C CA  . GLN A 1 41 ? -7.054  -2.003  -18.951 1.00 26.82 ? 41  GLN A CA  1 
ATOM   164  C C   . GLN A 1 41 ? -7.206  -3.527  -18.948 1.00 27.22 ? 41  GLN A C   1 
ATOM   165  O O   . GLN A 1 41 ? -6.643  -4.209  -19.800 1.00 27.40 ? 41  GLN A O   1 
ATOM   166  C CB  . GLN A 1 41 ? -5.631  -1.599  -18.533 1.00 28.73 ? 41  GLN A CB  1 
ATOM   167  C CG  . GLN A 1 41 ? -5.339  -0.111  -18.742 1.00 31.75 ? 41  GLN A CG  1 
ATOM   168  C CD  . GLN A 1 41 ? -4.082  0.350   -18.027 1.00 34.60 ? 41  GLN A CD  1 
ATOM   169  O OE1 . GLN A 1 41 ? -3.349  -0.460  -17.460 1.00 37.88 ? 41  GLN A OE1 1 
ATOM   170  N NE2 . GLN A 1 41 ? -3.821  1.658   -18.056 1.00 35.98 ? 41  GLN A NE2 1 
ATOM   171  N N   . LEU A 1 42 ? -7.978  -4.066  -18.009 1.00 28.34 ? 42  LEU A N   1 
ATOM   172  C CA  . LEU A 1 42 ? -8.155  -5.511  -17.948 1.00 30.08 ? 42  LEU A CA  1 
ATOM   173  C C   . LEU A 1 42 ? -9.002  -6.042  -19.104 1.00 31.29 ? 42  LEU A C   1 
ATOM   174  O O   . LEU A 1 42 ? -9.078  -7.265  -19.283 1.00 33.61 ? 42  LEU A O   1 
ATOM   175  C CB  . LEU A 1 42 ? -8.807  -5.930  -16.628 1.00 29.54 ? 42  LEU A CB  1 
ATOM   176  C CG  . LEU A 1 42 ? -7.982  -5.756  -15.354 1.00 29.82 ? 42  LEU A CG  1 
ATOM   177  C CD1 . LEU A 1 42 ? -8.797  -6.264  -14.168 1.00 30.04 ? 42  LEU A CD1 1 
ATOM   178  C CD2 . LEU A 1 42 ? -6.658  -6.522  -15.455 1.00 30.30 ? 42  LEU A CD2 1 
ATOM   179  N N   . VAL A 1 47 ? -7.574  -11.959 -12.961 1.00 19.57 ? 47  VAL A N   1 
ATOM   180  C CA  . VAL A 1 47 ? -6.671  -11.464 -11.910 1.00 17.73 ? 47  VAL A CA  1 
ATOM   181  C C   . VAL A 1 47 ? -6.983  -12.118 -10.561 1.00 17.58 ? 47  VAL A C   1 
ATOM   182  O O   . VAL A 1 47 ? -8.146  -12.258 -10.173 1.00 16.75 ? 47  VAL A O   1 
ATOM   183  C CB  . VAL A 1 47 ? -6.777  -9.921  -11.752 1.00 19.68 ? 47  VAL A CB  1 
ATOM   184  C CG1 . VAL A 1 47 ? -5.836  -9.434  -10.661 1.00 18.75 ? 47  VAL A CG1 1 
ATOM   185  C CG2 . VAL A 1 47 ? -6.439  -9.236  -13.077 1.00 20.35 ? 47  VAL A CG2 1 
ATOM   186  N N   . ASN A 1 48 ? -5.939  -12.511 -9.841  1.00 16.53 ? 48  ASN A N   1 
ATOM   187  C CA  . ASN A 1 48 ? -6.125  -13.135 -8.532  1.00 16.70 ? 48  ASN A CA  1 
ATOM   188  C C   . ASN A 1 48 ? -5.023  -12.747 -7.539  1.00 14.96 ? 48  ASN A C   1 
ATOM   189  O O   . ASN A 1 48 ? -4.866  -13.382 -6.504  1.00 14.21 ? 48  ASN A O   1 
ATOM   190  C CB  . ASN A 1 48 ? -6.230  -14.659 -8.683  1.00 18.97 ? 48  ASN A CB  1 
ATOM   191  C CG  . ASN A 1 48 ? -4.918  -15.318 -9.077  1.00 22.66 ? 48  ASN A CG  1 
ATOM   192  O OD1 . ASN A 1 48 ? -4.141  -14.780 -9.854  1.00 24.37 ? 48  ASN A OD1 1 
ATOM   193  N ND2 . ASN A 1 48 ? -4.682  -16.520 -8.542  1.00 28.33 ? 48  ASN A ND2 1 
ATOM   194  N N   . ASP A 1 49 ? -4.273  -11.685 -7.841  1.00 13.62 ? 49  ASP A N   1 
ATOM   195  C CA  . ASP A 1 49 ? -3.202  -11.233 -6.932  1.00 13.11 ? 49  ASP A CA  1 
ATOM   196  C C   . ASP A 1 49 ? -3.225  -9.725  -6.706  1.00 13.31 ? 49  ASP A C   1 
ATOM   197  O O   . ASP A 1 49 ? -2.189  -9.123  -6.417  1.00 14.32 ? 49  ASP A O   1 
ATOM   198  C CB  . ASP A 1 49 ? -1.830  -11.602 -7.508  1.00 13.64 ? 49  ASP A CB  1 
ATOM   199  C CG  . ASP A 1 49 ? -1.479  -10.795 -8.765  1.00 14.68 ? 49  ASP A CG  1 
ATOM   200  O OD1 . ASP A 1 49 ? -2.405  -10.309 -9.471  1.00 12.02 ? 49  ASP A OD1 1 
ATOM   201  O OD2 . ASP A 1 49 ? -0.268  -10.661 -9.064  1.00 13.90 ? 49  ASP A OD2 1 
ATOM   202  N N   . LEU A 1 50 ? -4.401  -9.119  -6.819  1.00 11.76 ? 50  LEU A N   1 
ATOM   203  C CA  . LEU A 1 50 ? -4.496  -7.674  -6.704  1.00 11.44 ? 50  LEU A CA  1 
ATOM   204  C C   . LEU A 1 50 ? -3.979  -7.115  -5.387  1.00 12.31 ? 50  LEU A C   1 
ATOM   205  O O   . LEU A 1 50 ? -3.360  -6.054  -5.368  1.00 12.48 ? 50  LEU A O   1 
ATOM   206  C CB  . LEU A 1 50 ? -5.942  -7.230  -6.939  1.00 10.75 ? 50  LEU A CB  1 
ATOM   207  C CG  . LEU A 1 50 ? -6.177  -5.716  -7.012  1.00 13.20 ? 50  LEU A CG  1 
ATOM   208  C CD1 . LEU A 1 50 ? -5.345  -5.086  -8.117  1.00 13.02 ? 50  LEU A CD1 1 
ATOM   209  C CD2 . LEU A 1 50 ? -7.673  -5.490  -7.248  1.00 13.44 ? 50  LEU A CD2 1 
ATOM   210  N N   . TYR A 1 51 ? -4.212  -7.821  -4.286  1.00 10.58 ? 51  TYR A N   1 
ATOM   211  C CA  . TYR A 1 51 ? -3.743  -7.310  -3.001  1.00 12.92 ? 51  TYR A CA  1 
ATOM   212  C C   . TYR A 1 51 ? -2.211  -7.222  -2.959  1.00 12.98 ? 51  TYR A C   1 
ATOM   213  O O   . TYR A 1 51 ? -1.646  -6.164  -2.638  1.00 14.05 ? 51  TYR A O   1 
ATOM   214  C CB  . TYR A 1 51 ? -4.229  -8.190  -1.846  1.00 12.02 ? 51  TYR A CB  1 
ATOM   215  C CG  . TYR A 1 51 ? -3.856  -7.597  -0.510  1.00 12.54 ? 51  TYR A CG  1 
ATOM   216  C CD1 . TYR A 1 51 ? -4.513  -6.464  -0.028  1.00 13.29 ? 51  TYR A CD1 1 
ATOM   217  C CD2 . TYR A 1 51 ? -2.813  -8.132  0.243   1.00 15.93 ? 51  TYR A CD2 1 
ATOM   218  C CE1 . TYR A 1 51 ? -4.152  -5.876  1.167   1.00 13.57 ? 51  TYR A CE1 1 
ATOM   219  C CE2 . TYR A 1 51 ? -2.422  -7.547  1.454   1.00 15.38 ? 51  TYR A CE2 1 
ATOM   220  C CZ  . TYR A 1 51 ? -3.104  -6.423  1.913   1.00 16.21 ? 51  TYR A CZ  1 
ATOM   221  O OH  . TYR A 1 51 ? -2.768  -5.861  3.131   1.00 13.92 ? 51  TYR A OH  1 
ATOM   222  N N   . GLU A 1 52 ? -1.533  -8.319  -3.278  1.00 12.68 ? 52  GLU A N   1 
ATOM   223  C CA  . GLU A 1 52 ? -0.062  -8.321  -3.266  1.00 15.10 ? 52  GLU A CA  1 
ATOM   224  C C   . GLU A 1 52 ? 0.475   -7.355  -4.301  1.00 14.61 ? 52  GLU A C   1 
ATOM   225  O O   . GLU A 1 52 ? 1.465   -6.677  -4.066  1.00 14.01 ? 52  GLU A O   1 
ATOM   226  C CB  . GLU A 1 52 ? 0.477   -9.725  -3.543  1.00 16.76 ? 52  GLU A CB  1 
ATOM   227  C CG  . GLU A 1 52 ? 0.216   -10.666 -2.405  1.00 22.87 ? 52  GLU A CG  1 
ATOM   228  C CD  . GLU A 1 52 ? 1.236   -10.555 -1.291  1.00 26.18 ? 52  GLU A CD  1 
ATOM   229  O OE1 . GLU A 1 52 ? 0.980   -11.126 -0.213  1.00 28.77 ? 52  GLU A OE1 1 
ATOM   230  O OE2 . GLU A 1 52 ? 2.304   -9.914  -1.487  1.00 28.71 ? 52  GLU A OE2 1 
ATOM   231  N N   . LEU A 1 53 ? -0.184  -7.293  -5.453  1.00 14.87 ? 53  LEU A N   1 
ATOM   232  C CA  . LEU A 1 53 ? 0.221   -6.367  -6.507  1.00 16.28 ? 53  LEU A CA  1 
ATOM   233  C C   . LEU A 1 53 ? 0.260   -4.915  -5.983  1.00 16.05 ? 53  LEU A C   1 
ATOM   234  O O   . LEU A 1 53 ? 1.233   -4.181  -6.180  1.00 16.98 ? 53  LEU A O   1 
ATOM   235  C CB  . LEU A 1 53 ? -0.772  -6.440  -7.667  1.00 17.91 ? 53  LEU A CB  1 
ATOM   236  C CG  . LEU A 1 53 ? -0.564  -5.388  -8.758  1.00 21.44 ? 53  LEU A CG  1 
ATOM   237  C CD1 . LEU A 1 53 ? 0.594   -5.831  -9.665  1.00 22.00 ? 53  LEU A CD1 1 
ATOM   238  C CD2 . LEU A 1 53 ? -1.834  -5.239  -9.593  1.00 23.54 ? 53  LEU A CD2 1 
ATOM   239  N N   . VAL A 1 54 ? -0.821  -4.500  -5.343  1.00 14.55 ? 54  VAL A N   1 
ATOM   240  C CA  . VAL A 1 54 ? -0.920  -3.148  -4.788  1.00 14.67 ? 54  VAL A CA  1 
ATOM   241  C C   . VAL A 1 54 ? 0.055   -2.957  -3.616  1.00 14.07 ? 54  VAL A C   1 
ATOM   242  O O   . VAL A 1 54 ? 0.742   -1.929  -3.520  1.00 13.58 ? 54  VAL A O   1 
ATOM   243  C CB  . VAL A 1 54 ? -2.365  -2.867  -4.307  1.00 14.34 ? 54  VAL A CB  1 
ATOM   244  C CG1 . VAL A 1 54 ? -2.426  -1.549  -3.532  1.00 14.19 ? 54  VAL A CG1 1 
ATOM   245  C CG2 . VAL A 1 54 ? -3.304  -2.809  -5.518  1.00 13.30 ? 54  VAL A CG2 1 
ATOM   246  N N   . LEU A 1 55 ? 0.109   -3.948  -2.720  1.00 14.12 ? 55  LEU A N   1 
ATOM   247  C CA  . LEU A 1 55 ? 1.009   -3.889  -1.565  1.00 15.50 ? 55  LEU A CA  1 
ATOM   248  C C   . LEU A 1 55 ? 2.465   -3.726  -2.015  1.00 15.43 ? 55  LEU A C   1 
ATOM   249  O O   . LEU A 1 55 ? 3.249   -3.014  -1.384  1.00 15.61 ? 55  LEU A O   1 
ATOM   250  C CB  . LEU A 1 55 ? 0.882   -5.164  -0.715  1.00 17.02 ? 55  LEU A CB  1 
ATOM   251  C CG  . LEU A 1 55 ? 1.417   -5.102  0.724   1.00 20.64 ? 55  LEU A CG  1 
ATOM   252  C CD1 . LEU A 1 55 ? 0.514   -4.144  1.524   1.00 19.97 ? 55  LEU A CD1 1 
ATOM   253  C CD2 . LEU A 1 55 ? 1.397   -6.503  1.399   1.00 21.14 ? 55  LEU A CD2 1 
ATOM   254  N N   . ALA A 1 56 ? 2.834   -4.392  -3.099  1.00 14.86 ? 56  ALA A N   1 
ATOM   255  C CA  . ALA A 1 56 ? 4.206   -4.301  -3.597  1.00 15.55 ? 56  ALA A CA  1 
ATOM   256  C C   . ALA A 1 56 ? 4.517   -2.895  -4.129  1.00 16.57 ? 56  ALA A C   1 
ATOM   257  O O   . ALA A 1 56 ? 5.629   -2.376  -3.964  1.00 14.86 ? 56  ALA A O   1 
ATOM   258  C CB  . ALA A 1 56 ? 4.422   -5.338  -4.694  1.00 16.54 ? 56  ALA A CB  1 
ATOM   259  N N   . GLU A 1 57 ? 3.526   -2.287  -4.773  1.00 14.93 ? 57  GLU A N   1 
ATOM   260  C CA  . GLU A 1 57 ? 3.682   -0.949  -5.335  1.00 17.10 ? 57  GLU A CA  1 
ATOM   261  C C   . GLU A 1 57 ? 3.677   0.143   -4.243  1.00 17.24 ? 57  GLU A C   1 
ATOM   262  O O   . GLU A 1 57 ? 4.106   1.278   -4.477  1.00 18.26 ? 57  GLU A O   1 
ATOM   263  C CB  . GLU A 1 57 ? 2.567   -0.713  -6.365  1.00 18.83 ? 57  GLU A CB  1 
ATOM   264  C CG  . GLU A 1 57 ? 2.582   0.673   -7.000  1.00 21.71 ? 57  GLU A CG  1 
ATOM   265  C CD  . GLU A 1 57 ? 3.673   0.845   -8.047  1.00 23.52 ? 57  GLU A CD  1 
ATOM   266  O OE1 . GLU A 1 57 ? 4.524   -0.064  -8.187  1.00 23.10 ? 57  GLU A OE1 1 
ATOM   267  O OE2 . GLU A 1 57 ? 3.683   1.897   -8.729  1.00 23.55 ? 57  GLU A OE2 1 
ATOM   268  N N   . VAL A 1 58 ? 3.229   -0.208  -3.041  1.00 16.21 ? 58  VAL A N   1 
ATOM   269  C CA  . VAL A 1 58 ? 3.190   0.744   -1.945  1.00 17.46 ? 58  VAL A CA  1 
ATOM   270  C C   . VAL A 1 58 ? 4.288   0.492   -0.900  1.00 17.82 ? 58  VAL A C   1 
ATOM   271  O O   . VAL A 1 58 ? 4.884   1.446   -0.385  1.00 17.53 ? 58  VAL A O   1 
ATOM   272  C CB  . VAL A 1 58 ? 1.772   0.743   -1.300  1.00 19.01 ? 58  VAL A CB  1 
ATOM   273  C CG1 . VAL A 1 58 ? 1.750   1.553   -0.009  1.00 22.16 ? 58  VAL A CG1 1 
ATOM   274  C CG2 . VAL A 1 58 ? 0.773   1.352   -2.303  1.00 17.81 ? 58  VAL A CG2 1 
ATOM   275  N N   . GLU A 1 59 ? 4.555   -0.781  -0.589  1.00 16.36 ? 59  GLU A N   1 
ATOM   276  C CA  . GLU A 1 59 ? 5.594   -1.130  0.380   1.00 17.46 ? 59  GLU A CA  1 
ATOM   277  C C   . GLU A 1 59 ? 6.997   -0.785  -0.096  1.00 17.34 ? 59  GLU A C   1 
ATOM   278  O O   . GLU A 1 59 ? 7.778   -0.220  0.664   1.00 16.59 ? 59  GLU A O   1 
ATOM   279  C CB  . GLU A 1 59 ? 5.571   -2.631  0.718   1.00 18.33 ? 59  GLU A CB  1 
ATOM   280  C CG  . GLU A 1 59 ? 4.496   -3.017  1.726   1.00 21.61 ? 59  GLU A CG  1 
ATOM   281  C CD  . GLU A 1 59 ? 4.736   -4.389  2.361   1.00 22.77 ? 59  GLU A CD  1 
ATOM   282  O OE1 . GLU A 1 59 ? 4.143   -4.673  3.415   1.00 23.73 ? 59  GLU A OE1 1 
ATOM   283  O OE2 . GLU A 1 59 ? 5.502   -5.193  1.799   1.00 24.66 ? 59  GLU A OE2 1 
ATOM   284  N N   . GLN A 1 60 ? 7.329   -1.130  -1.339  1.00 16.29 ? 60  GLN A N   1 
ATOM   285  C CA  . GLN A 1 60 ? 8.672   -0.847  -1.834  1.00 17.39 ? 60  GLN A CA  1 
ATOM   286  C C   . GLN A 1 60 ? 9.050   0.622   -1.719  1.00 16.26 ? 60  GLN A C   1 
ATOM   287  O O   . GLN A 1 60 ? 10.128  0.946   -1.224  1.00 15.19 ? 60  GLN A O   1 
ATOM   288  C CB  . GLN A 1 60 ? 8.843   -1.335  -3.280  1.00 20.15 ? 60  GLN A CB  1 
ATOM   289  C CG  . GLN A 1 60 ? 10.198  -0.970  -3.873  1.00 25.70 ? 60  GLN A CG  1 
ATOM   290  C CD  . GLN A 1 60 ? 10.713  -1.984  -4.897  1.00 30.60 ? 60  GLN A CD  1 
ATOM   291  O OE1 . GLN A 1 60 ? 11.811  -1.815  -5.454  1.00 32.56 ? 60  GLN A OE1 1 
ATOM   292  N NE2 . GLN A 1 60 ? 9.931   -3.043  -5.146  1.00 29.69 ? 60  GLN A NE2 1 
ATOM   293  N N   . PRO A 1 61 ? 8.188   1.539   -2.198  1.00 16.40 ? 61  PRO A N   1 
ATOM   294  C CA  . PRO A 1 61 ? 8.572   2.954   -2.064  1.00 16.45 ? 61  PRO A CA  1 
ATOM   295  C C   . PRO A 1 61 ? 8.591   3.422   -0.603  1.00 15.62 ? 61  PRO A C   1 
ATOM   296  O O   . PRO A 1 61 ? 9.349   4.323   -0.243  1.00 15.80 ? 61  PRO A O   1 
ATOM   297  C CB  . PRO A 1 61 ? 7.519   3.687   -2.896  1.00 17.42 ? 61  PRO A CB  1 
ATOM   298  C CG  . PRO A 1 61 ? 6.346   2.730   -2.922  1.00 15.57 ? 61  PRO A CG  1 
ATOM   299  C CD  . PRO A 1 61 ? 7.035   1.398   -3.105  1.00 16.17 ? 61  PRO A CD  1 
ATOM   300  N N   . LEU A 1 62 ? 7.759   2.828   0.245   1.00 14.87 ? 62  LEU A N   1 
ATOM   301  C CA  . LEU A 1 62 ? 7.744   3.214   1.667   1.00 14.29 ? 62  LEU A CA  1 
ATOM   302  C C   . LEU A 1 62 ? 9.081   2.807   2.280   1.00 14.44 ? 62  LEU A C   1 
ATOM   303  O O   . LEU A 1 62 ? 9.717   3.582   3.005   1.00 13.91 ? 62  LEU A O   1 
ATOM   304  C CB  . LEU A 1 62 ? 6.611   2.491   2.404   1.00 13.96 ? 62  LEU A CB  1 
ATOM   305  C CG  . LEU A 1 62 ? 6.607   2.531   3.930   1.00 13.40 ? 62  LEU A CG  1 
ATOM   306  C CD1 . LEU A 1 62 ? 6.500   3.966   4.473   1.00 13.40 ? 62  LEU A CD1 1 
ATOM   307  C CD2 . LEU A 1 62 ? 5.439   1.704   4.412   1.00 12.07 ? 62  LEU A CD2 1 
ATOM   308  N N   . LEU A 1 63 ? 9.479   1.562   2.012   1.00 13.25 ? 63  LEU A N   1 
ATOM   309  C CA  . LEU A 1 63 ? 10.759  1.045   2.503   1.00 15.43 ? 63  LEU A CA  1 
ATOM   310  C C   . LEU A 1 63 ? 11.911  1.919   1.959   1.00 15.85 ? 63  LEU A C   1 
ATOM   311  O O   . LEU A 1 63 ? 12.865  2.229   2.671   1.00 16.73 ? 63  LEU A O   1 
ATOM   312  C CB  . LEU A 1 63 ? 10.942  -0.401  2.039   1.00 14.02 ? 63  LEU A CB  1 
ATOM   313  C CG  . LEU A 1 63 ? 10.000  -1.445  2.678   1.00 15.64 ? 63  LEU A CG  1 
ATOM   314  C CD1 . LEU A 1 63 ? 10.091  -2.781  1.938   1.00 13.20 ? 63  LEU A CD1 1 
ATOM   315  C CD2 . LEU A 1 63 ? 10.377  -1.629  4.137   1.00 14.93 ? 63  LEU A CD2 1 
ATOM   316  N N   . ASP A 1 64 ? 11.824  2.308   0.690   1.00 17.76 ? 64  ASP A N   1 
ATOM   317  C CA  . ASP A 1 64 ? 12.866  3.143   0.090   1.00 19.03 ? 64  ASP A CA  1 
ATOM   318  C C   . ASP A 1 64 ? 12.960  4.488   0.816   1.00 17.74 ? 64  ASP A C   1 
ATOM   319  O O   . ASP A 1 64 ? 14.040  4.927   1.204   1.00 17.37 ? 64  ASP A O   1 
ATOM   320  C CB  . ASP A 1 64 ? 12.560  3.426   -1.382  1.00 23.17 ? 64  ASP A CB  1 
ATOM   321  C CG  . ASP A 1 64 ? 13.111  2.377   -2.306  1.00 28.65 ? 64  ASP A CG  1 
ATOM   322  O OD1 . ASP A 1 64 ? 12.709  2.368   -3.497  1.00 32.02 ? 64  ASP A OD1 1 
ATOM   323  O OD2 . ASP A 1 64 ? 13.955  1.574   -1.845  1.00 31.95 ? 64  ASP A OD2 1 
ATOM   324  N N   . MET A 1 65 ? 11.822  5.147   0.977   1.00 17.04 ? 65  MET A N   1 
ATOM   325  C CA  . MET A 1 65 ? 11.802  6.447   1.634   1.00 16.40 ? 65  MET A CA  1 
ATOM   326  C C   . MET A 1 65 ? 12.226  6.429   3.096   1.00 15.91 ? 65  MET A C   1 
ATOM   327  O O   . MET A 1 65 ? 12.944  7.325   3.548   1.00 14.15 ? 65  MET A O   1 
ATOM   328  C CB  . MET A 1 65 ? 10.415  7.073   1.479   1.00 16.83 ? 65  MET A CB  1 
ATOM   329  C CG  . MET A 1 65 ? 10.068  7.423   0.042   1.00 19.72 ? 65  MET A CG  1 
ATOM   330  S SD  . MET A 1 65 ? 11.166  8.672   -0.657  1.00 24.31 ? 65  MET A SD  1 
ATOM   331  C CE  . MET A 1 65 ? 10.419  10.122  -0.009  1.00 23.93 ? 65  MET A CE  1 
ATOM   332  N N   . VAL A 1 66 ? 11.796  5.426   3.849   1.00 15.98 ? 66  VAL A N   1 
ATOM   333  C CA  . VAL A 1 66 ? 12.181  5.383   5.254   1.00 16.27 ? 66  VAL A CA  1 
ATOM   334  C C   . VAL A 1 66 ? 13.651  5.057   5.432   1.00 15.51 ? 66  VAL A C   1 
ATOM   335  O O   . VAL A 1 66 ? 14.297  5.641   6.296   1.00 15.50 ? 66  VAL A O   1 
ATOM   336  C CB  . VAL A 1 66 ? 11.320  4.402   6.083   1.00 17.46 ? 66  VAL A CB  1 
ATOM   337  C CG1 . VAL A 1 66 ? 9.879   4.857   6.043   1.00 18.10 ? 66  VAL A CG1 1 
ATOM   338  C CG2 . VAL A 1 66 ? 11.448  3.004   5.543   1.00 19.50 ? 66  VAL A CG2 1 
ATOM   339  N N   . MET A 1 67 ? 14.173  4.133   4.630   1.00 14.95 ? 67  MET A N   1 
ATOM   340  C CA  . MET A 1 67 ? 15.590  3.799   4.704   1.00 15.06 ? 67  MET A CA  1 
ATOM   341  C C   . MET A 1 67 ? 16.412  5.013   4.273   1.00 14.75 ? 67  MET A C   1 
ATOM   342  O O   . MET A 1 67 ? 17.465  5.274   4.823   1.00 14.31 ? 67  MET A O   1 
ATOM   343  C CB  . MET A 1 67 ? 15.915  2.590   3.829   1.00 15.72 ? 67  MET A CB  1 
ATOM   344  C CG  . MET A 1 67 ? 15.434  1.268   4.429   1.00 16.71 ? 67  MET A CG  1 
ATOM   345  S SD  . MET A 1 67 ? 16.141  0.921   6.078   1.00 20.81 ? 67  MET A SD  1 
ATOM   346  C CE  . MET A 1 67 ? 17.567  -0.009  5.630   1.00 19.98 ? 67  MET A CE  1 
ATOM   347  N N   . GLN A 1 68 ? 15.927  5.764   3.292   1.00 15.29 ? 68  GLN A N   1 
ATOM   348  C CA  . GLN A 1 68 ? 16.643  6.961   2.869   1.00 15.97 ? 68  GLN A CA  1 
ATOM   349  C C   . GLN A 1 68 ? 16.668  7.989   4.013   1.00 16.36 ? 68  GLN A C   1 
ATOM   350  O O   . GLN A 1 68 ? 17.706  8.602   4.320   1.00 16.45 ? 68  GLN A O   1 
ATOM   351  C CB  . GLN A 1 68 ? 15.956  7.585   1.648   1.00 16.90 ? 68  GLN A CB  1 
ATOM   352  C CG  . GLN A 1 68 ? 16.641  8.848   1.147   1.00 19.72 ? 68  GLN A CG  1 
ATOM   353  C CD  . GLN A 1 68 ? 16.024  9.389   -0.129  1.00 20.02 ? 68  GLN A CD  1 
ATOM   354  O OE1 . GLN A 1 68 ? 14.916  9.883   -0.115  1.00 22.08 ? 68  GLN A OE1 1 
ATOM   355  N NE2 . GLN A 1 68 ? 16.743  9.276   -1.235  1.00 22.18 ? 68  GLN A NE2 1 
ATOM   356  N N   . TYR A 1 69 ? 15.511  8.182   4.635   1.00 15.55 ? 69  TYR A N   1 
ATOM   357  C CA  . TYR A 1 69 ? 15.378  9.132   5.724   1.00 16.50 ? 69  TYR A CA  1 
ATOM   358  C C   . TYR A 1 69 ? 16.302  8.804   6.924   1.00 16.74 ? 69  TYR A C   1 
ATOM   359  O O   . TYR A 1 69 ? 16.842  9.701   7.564   1.00 16.19 ? 69  TYR A O   1 
ATOM   360  C CB  . TYR A 1 69 ? 13.917  9.163   6.164   1.00 18.27 ? 69  TYR A CB  1 
ATOM   361  C CG  . TYR A 1 69 ? 13.596  10.180  7.231   1.00 21.32 ? 69  TYR A CG  1 
ATOM   362  C CD1 . TYR A 1 69 ? 13.367  11.514  6.896   1.00 21.65 ? 69  TYR A CD1 1 
ATOM   363  C CD2 . TYR A 1 69 ? 13.483  9.800   8.574   1.00 21.78 ? 69  TYR A CD2 1 
ATOM   364  C CE1 . TYR A 1 69 ? 13.024  12.455  7.866   1.00 24.69 ? 69  TYR A CE1 1 
ATOM   365  C CE2 . TYR A 1 69 ? 13.139  10.734  9.557   1.00 25.43 ? 69  TYR A CE2 1 
ATOM   366  C CZ  . TYR A 1 69 ? 12.908  12.064  9.191   1.00 26.23 ? 69  TYR A CZ  1 
ATOM   367  O OH  . TYR A 1 69 ? 12.543  12.990  10.155  1.00 27.97 ? 69  TYR A OH  1 
ATOM   368  N N   . THR A 1 70 ? 16.497  7.521   7.207   1.00 16.40 ? 70  THR A N   1 
ATOM   369  C CA  . THR A 1 70 ? 17.323  7.102   8.333   1.00 16.62 ? 70  THR A CA  1 
ATOM   370  C C   . THR A 1 70 ? 18.745  6.736   7.906   1.00 17.55 ? 70  THR A C   1 
ATOM   371  O O   . THR A 1 70 ? 19.511  6.205   8.709   1.00 16.41 ? 70  THR A O   1 
ATOM   372  C CB  . THR A 1 70 ? 16.705  5.863   9.027   1.00 16.26 ? 70  THR A CB  1 
ATOM   373  O OG1 . THR A 1 70 ? 16.745  4.744   8.131   1.00 16.69 ? 70  THR A OG1 1 
ATOM   374  C CG2 . THR A 1 70 ? 15.257  6.127   9.387   1.00 15.47 ? 70  THR A CG2 1 
ATOM   375  N N   . ARG A 1 71 ? 19.080  7.019   6.647   1.00 18.52 ? 71  ARG A N   1 
ATOM   376  C CA  . ARG A 1 71 ? 20.385  6.690   6.069   1.00 19.71 ? 71  ARG A CA  1 
ATOM   377  C C   . ARG A 1 71 ? 20.701  5.194   6.153   1.00 18.83 ? 71  ARG A C   1 
ATOM   378  O O   . ARG A 1 71 ? 21.830  4.789   6.465   1.00 18.89 ? 71  ARG A O   1 
ATOM   379  C CB  . ARG A 1 71 ? 21.500  7.483   6.738   1.00 21.65 ? 71  ARG A CB  1 
ATOM   380  C CG  . ARG A 1 71 ? 21.665  8.891   6.199   1.00 26.59 ? 71  ARG A CG  1 
ATOM   381  C CD  . ARG A 1 71 ? 22.807  9.591   6.926   1.00 30.47 ? 71  ARG A CD  1 
ATOM   382  N NE  . ARG A 1 71 ? 22.997  10.950  6.442   1.00 34.25 ? 71  ARG A NE  1 
ATOM   383  C CZ  . ARG A 1 71 ? 23.797  11.845  7.012   1.00 34.43 ? 71  ARG A CZ  1 
ATOM   384  N NH1 . ARG A 1 71 ? 24.485  11.523  8.102   1.00 35.99 ? 71  ARG A NH1 1 
ATOM   385  N NH2 . ARG A 1 71 ? 23.909  13.062  6.491   1.00 36.32 ? 71  ARG A NH2 1 
ATOM   386  N N   . GLY A 1 72 ? 19.701  4.375   5.880   1.00 16.27 ? 72  GLY A N   1 
ATOM   387  C CA  . GLY A 1 72 ? 19.918  2.940   5.894   1.00 15.74 ? 72  GLY A CA  1 
ATOM   388  C C   . GLY A 1 72 ? 20.024  2.285   7.254   1.00 15.25 ? 72  GLY A C   1 
ATOM   389  O O   . GLY A 1 72 ? 20.486  1.148   7.341   1.00 15.49 ? 72  GLY A O   1 
ATOM   390  N N   . ASN A 1 73 ? 19.589  2.972   8.311   1.00 13.00 ? 73  ASN A N   1 
ATOM   391  C CA  . ASN A 1 73 ? 19.638  2.396   9.657   1.00 13.46 ? 73  ASN A CA  1 
ATOM   392  C C   . ASN A 1 73 ? 18.342  1.601   9.889   1.00 13.90 ? 73  ASN A C   1 
ATOM   393  O O   . ASN A 1 73 ? 17.275  2.173   10.059  1.00 13.55 ? 73  ASN A O   1 
ATOM   394  C CB  . ASN A 1 73 ? 19.786  3.522   10.695  1.00 13.34 ? 73  ASN A CB  1 
ATOM   395  C CG  . ASN A 1 73 ? 20.059  2.996   12.086  1.00 14.56 ? 73  ASN A CG  1 
ATOM   396  O OD1 . ASN A 1 73 ? 19.218  2.337   12.675  1.00 13.73 ? 73  ASN A OD1 1 
ATOM   397  N ND2 . ASN A 1 73 ? 21.253  3.274   12.607  1.00 15.87 ? 73  ASN A ND2 1 
ATOM   398  N N   . ALA A 1 74 ? 18.436  0.275   9.867   1.00 12.79 ? 74  ALA A N   1 
ATOM   399  C CA  . ALA A 1 74 ? 17.256  -0.572  10.027  1.00 12.90 ? 74  ALA A CA  1 
ATOM   400  C C   . ALA A 1 74 ? 16.521  -0.417  11.361  1.00 12.85 ? 74  ALA A C   1 
ATOM   401  O O   . ALA A 1 74 ? 15.296  -0.443  11.406  1.00 12.55 ? 74  ALA A O   1 
ATOM   402  C CB  . ALA A 1 74 ? 17.630  -2.046  9.810   1.00 13.12 ? 74  ALA A CB  1 
ATOM   403  N N   . THR A 1 75 ? 17.258  -0.282  12.449  1.00 12.73 ? 75  THR A N   1 
ATOM   404  C CA  . THR A 1 75 ? 16.589  -0.103  13.741  1.00 13.15 ? 75  THR A CA  1 
ATOM   405  C C   . THR A 1 75 ? 15.764  1.186   13.752  1.00 13.11 ? 75  THR A C   1 
ATOM   406  O O   . THR A 1 75 ? 14.605  1.197   14.195  1.00 13.75 ? 75  THR A O   1 
ATOM   407  C CB  . THR A 1 75 ? 17.629  -0.065  14.900  1.00 12.27 ? 75  THR A CB  1 
ATOM   408  O OG1 . THR A 1 75 ? 18.221  -1.364  15.045  1.00 13.35 ? 75  THR A OG1 1 
ATOM   409  C CG2 . THR A 1 75 ? 16.958  0.302   16.215  1.00 13.16 ? 75  THR A CG2 1 
ATOM   410  N N   . ARG A 1 76 ? 16.352  2.283   13.290  1.00 13.14 ? 76  ARG A N   1 
ATOM   411  C CA  . ARG A 1 76 ? 15.601  3.530   13.287  1.00 16.23 ? 76  ARG A CA  1 
ATOM   412  C C   . ARG A 1 76 ? 14.422  3.453   12.333  1.00 14.84 ? 76  ARG A C   1 
ATOM   413  O O   . ARG A 1 76 ? 13.356  3.995   12.626  1.00 14.17 ? 76  ARG A O   1 
ATOM   414  C CB  . ARG A 1 76 ? 16.471  4.730   12.883  1.00 19.75 ? 76  ARG A CB  1 
ATOM   415  C CG  . ARG A 1 76 ? 17.336  5.338   13.993  1.00 25.70 ? 76  ARG A CG  1 
ATOM   416  C CD  . ARG A 1 76 ? 17.555  6.847   13.733  1.00 31.72 ? 76  ARG A CD  1 
ATOM   417  N NE  . ARG A 1 76 ? 18.370  7.138   12.547  1.00 34.57 ? 76  ARG A NE  1 
ATOM   418  C CZ  . ARG A 1 76 ? 18.313  8.280   11.854  1.00 37.25 ? 76  ARG A CZ  1 
ATOM   419  N NH1 . ARG A 1 76 ? 17.475  9.252   12.208  1.00 38.78 ? 76  ARG A NH1 1 
ATOM   420  N NH2 . ARG A 1 76 ? 19.109  8.464   10.805  1.00 39.26 ? 76  ARG A NH2 1 
ATOM   421  N N   . ALA A 1 77 ? 14.613  2.784   11.196  1.00 13.65 ? 77  ALA A N   1 
ATOM   422  C CA  . ALA A 1 77 ? 13.548  2.668   10.198  1.00 14.07 ? 77  ALA A CA  1 
ATOM   423  C C   . ALA A 1 77 ? 12.380  1.862   10.760  1.00 14.56 ? 77  ALA A C   1 
ATOM   424  O O   . ALA A 1 77 ? 11.218  2.285   10.659  1.00 14.60 ? 77  ALA A O   1 
ATOM   425  C CB  . ALA A 1 77 ? 14.082  2.007   8.909   1.00 14.12 ? 77  ALA A CB  1 
ATOM   426  N N   . ALA A 1 78 ? 12.681  0.716   11.372  1.00 12.90 ? 78  ALA A N   1 
ATOM   427  C CA  . ALA A 1 78 ? 11.650  -0.146  11.938  1.00 13.04 ? 78  ALA A CA  1 
ATOM   428  C C   . ALA A 1 78 ? 10.862  0.573   13.023  1.00 13.41 ? 78  ALA A C   1 
ATOM   429  O O   . ALA A 1 78 ? 9.635   0.504   13.073  1.00 12.65 ? 78  ALA A O   1 
ATOM   430  C CB  . ALA A 1 78 ? 12.289  -1.419  12.510  1.00 11.60 ? 78  ALA A CB  1 
ATOM   431  N N   . LEU A 1 79 ? 11.580  1.250   13.915  1.00 13.35 ? 79  LEU A N   1 
ATOM   432  C CA  . LEU A 1 79 ? 10.930  1.996   14.990  1.00 13.41 ? 79  LEU A CA  1 
ATOM   433  C C   . LEU A 1 79 ? 9.978   3.049   14.438  1.00 13.62 ? 79  LEU A C   1 
ATOM   434  O O   . LEU A 1 79 ? 8.892   3.242   14.978  1.00 13.50 ? 79  LEU A O   1 
ATOM   435  C CB  . LEU A 1 79 ? 11.974  2.686   15.876  1.00 12.00 ? 79  LEU A CB  1 
ATOM   436  C CG  . LEU A 1 79 ? 12.799  1.726   16.732  1.00 13.58 ? 79  LEU A CG  1 
ATOM   437  C CD1 . LEU A 1 79 ? 13.940  2.478   17.398  1.00 13.27 ? 79  LEU A CD1 1 
ATOM   438  C CD2 . LEU A 1 79 ? 11.882  1.078   17.772  1.00 14.39 ? 79  LEU A CD2 1 
ATOM   439  N N   . MET A 1 80 ? 10.401  3.764   13.400  1.00 13.60 ? 80  MET A N   1 
ATOM   440  C CA  . MET A 1 80 ? 9.527   4.778   12.793  1.00 15.05 ? 80  MET A CA  1 
ATOM   441  C C   . MET A 1 80 ? 8.271   4.142   12.183  1.00 14.49 ? 80  MET A C   1 
ATOM   442  O O   . MET A 1 80 ? 7.175   4.692   12.253  1.00 14.62 ? 80  MET A O   1 
ATOM   443  C CB  . MET A 1 80 ? 10.244  5.510   11.675  1.00 18.69 ? 80  MET A CB  1 
ATOM   444  C CG  . MET A 1 80 ? 11.106  6.663   12.111  1.00 24.01 ? 80  MET A CG  1 
ATOM   445  S SD  . MET A 1 80 ? 11.887  7.353   10.642  1.00 29.12 ? 80  MET A SD  1 
ATOM   446  C CE  . MET A 1 80 ? 10.490  8.002   9.793   1.00 23.66 ? 80  MET A CE  1 
ATOM   447  N N   . MET A 1 81 ? 8.451   2.989   11.564  1.00 14.21 ? 81  MET A N   1 
ATOM   448  C CA  . MET A 1 81 ? 7.335   2.309   10.928  1.00 14.77 ? 81  MET A CA  1 
ATOM   449  C C   . MET A 1 81 ? 6.405   1.581   11.899  1.00 15.28 ? 81  MET A C   1 
ATOM   450  O O   . MET A 1 81 ? 5.270   1.265   11.552  1.00 15.35 ? 81  MET A O   1 
ATOM   451  C CB  . MET A 1 81 ? 7.896   1.346   9.886   1.00 17.54 ? 81  MET A CB  1 
ATOM   452  C CG  . MET A 1 81 ? 8.435   2.063   8.643   1.00 20.67 ? 81  MET A CG  1 
ATOM   453  S SD  . MET A 1 81 ? 9.254   0.928   7.515   1.00 28.77 ? 81  MET A SD  1 
ATOM   454  C CE  . MET A 1 81 ? 7.803   0.123   6.825   1.00 24.25 ? 81  MET A CE  1 
ATOM   455  N N   . GLY A 1 82 ? 6.883   1.315   13.115  1.00 16.20 ? 82  GLY A N   1 
ATOM   456  C CA  . GLY A 1 82 ? 6.053   0.626   14.087  1.00 16.19 ? 82  GLY A CA  1 
ATOM   457  C C   . GLY A 1 82 ? 6.070   -0.887  13.908  1.00 16.78 ? 82  GLY A C   1 
ATOM   458  O O   . GLY A 1 82 ? 5.119   -1.575  14.290  1.00 15.19 ? 82  GLY A O   1 
ATOM   459  N N   . ILE A 1 83 ? 7.145   -1.404  13.314  1.00 15.72 ? 83  ILE A N   1 
ATOM   460  C CA  . ILE A 1 83 ? 7.293   -2.844  13.113  1.00 17.16 ? 83  ILE A CA  1 
ATOM   461  C C   . ILE A 1 83 ? 8.648   -3.257  13.690  1.00 17.58 ? 83  ILE A C   1 
ATOM   462  O O   . ILE A 1 83 ? 9.551   -2.432  13.791  1.00 16.71 ? 83  ILE A O   1 
ATOM   463  C CB  . ILE A 1 83 ? 7.212   -3.249  11.589  1.00 17.75 ? 83  ILE A CB  1 
ATOM   464  C CG1 . ILE A 1 83 ? 8.353   -2.618  10.785  1.00 17.22 ? 83  ILE A CG1 1 
ATOM   465  C CG2 . ILE A 1 83 ? 5.837   -2.841  11.008  1.00 18.75 ? 83  ILE A CG2 1 
ATOM   466  C CD1 . ILE A 1 83 ? 8.358   -3.034  9.291   1.00 16.56 ? 83  ILE A CD1 1 
ATOM   467  N N   . ASN A 1 84 ? 8.805   -4.509  14.102  1.00 17.17 ? 84  ASN A N   1 
ATOM   468  C CA  . ASN A 1 84 ? 10.109  -4.871  14.639  1.00 18.99 ? 84  ASN A CA  1 
ATOM   469  C C   . ASN A 1 84 ? 11.147  -4.937  13.515  1.00 18.93 ? 84  ASN A C   1 
ATOM   470  O O   . ASN A 1 84 ? 10.803  -4.946  12.332  1.00 17.84 ? 84  ASN A O   1 
ATOM   471  C CB  . ASN A 1 84 ? 10.071  -6.189  15.418  1.00 22.38 ? 84  ASN A CB  1 
ATOM   472  C CG  . ASN A 1 84 ? 9.453   -7.302  14.640  1.00 24.36 ? 84  ASN A CG  1 
ATOM   473  O OD1 . ASN A 1 84 ? 9.841   -7.571  13.505  1.00 26.56 ? 84  ASN A OD1 1 
ATOM   474  N ND2 . ASN A 1 84 ? 8.475   -7.971  15.248  1.00 25.78 ? 84  ASN A ND2 1 
ATOM   475  N N   . ARG A 1 85 ? 12.420  -4.963  13.896  1.00 17.28 ? 85  ARG A N   1 
ATOM   476  C CA  . ARG A 1 85 ? 13.514  -4.977  12.941  1.00 17.88 ? 85  ARG A CA  1 
ATOM   477  C C   . ARG A 1 85 ? 13.498  -6.243  12.102  1.00 17.65 ? 85  ARG A C   1 
ATOM   478  O O   . ARG A 1 85 ? 13.844  -6.204  10.931  1.00 18.36 ? 85  ARG A O   1 
ATOM   479  C CB  . ARG A 1 85 ? 14.844  -4.860  13.690  1.00 16.29 ? 85  ARG A CB  1 
ATOM   480  C CG  . ARG A 1 85 ? 16.118  -4.779  12.837  1.00 17.10 ? 85  ARG A CG  1 
ATOM   481  C CD  . ARG A 1 85 ? 17.319  -4.646  13.781  1.00 16.18 ? 85  ARG A CD  1 
ATOM   482  N NE  . ARG A 1 85 ? 18.614  -4.402  13.135  1.00 17.07 ? 85  ARG A NE  1 
ATOM   483  C CZ  . ARG A 1 85 ? 19.466  -5.354  12.757  1.00 17.15 ? 85  ARG A CZ  1 
ATOM   484  N NH1 . ARG A 1 85 ? 19.168  -6.640  12.927  1.00 18.88 ? 85  ARG A NH1 1 
ATOM   485  N NH2 . ARG A 1 85 ? 20.665  -5.016  12.298  1.00 16.30 ? 85  ARG A NH2 1 
ATOM   486  N N   . GLY A 1 86 ? 13.103  -7.357  12.711  1.00 17.35 ? 86  GLY A N   1 
ATOM   487  C CA  . GLY A 1 86 ? 13.046  -8.609  11.980  1.00 17.29 ? 86  GLY A CA  1 
ATOM   488  C C   . GLY A 1 86 ? 12.080  -8.515  10.808  1.00 17.70 ? 86  GLY A C   1 
ATOM   489  O O   . GLY A 1 86 ? 12.382  -8.986  9.714   1.00 17.18 ? 86  GLY A O   1 
ATOM   490  N N   . THR A 1 87 ? 10.921  -7.903  11.035  1.00 17.79 ? 87  THR A N   1 
ATOM   491  C CA  . THR A 1 87 ? 9.892   -7.761  9.993   1.00 18.76 ? 87  THR A CA  1 
ATOM   492  C C   . THR A 1 87 ? 10.376  -6.824  8.890   1.00 18.92 ? 87  THR A C   1 
ATOM   493  O O   . THR A 1 87 ? 10.133  -7.054  7.696   1.00 18.27 ? 87  THR A O   1 
ATOM   494  C CB  . THR A 1 87 ? 8.575   -7.214  10.597  1.00 20.37 ? 87  THR A CB  1 
ATOM   495  O OG1 . THR A 1 87 ? 8.144   -8.102  11.642  1.00 21.06 ? 87  THR A OG1 1 
ATOM   496  C CG2 . THR A 1 87 ? 7.467   -7.115  9.526   1.00 19.59 ? 87  THR A CG2 1 
ATOM   497  N N   . LEU A 1 88 ? 11.049  -5.748  9.290   1.00 17.91 ? 88  LEU A N   1 
ATOM   498  C CA  . LEU A 1 88 ? 11.599  -4.806  8.320   1.00 18.76 ? 88  LEU A CA  1 
ATOM   499  C C   . LEU A 1 88 ? 12.605  -5.509  7.394   1.00 19.44 ? 88  LEU A C   1 
ATOM   500  O O   . LEU A 1 88 ? 12.544  -5.376  6.176   1.00 18.11 ? 88  LEU A O   1 
ATOM   501  C CB  . LEU A 1 88 ? 12.323  -3.658  9.031   1.00 18.30 ? 88  LEU A CB  1 
ATOM   502  C CG  . LEU A 1 88 ? 13.007  -2.648  8.087   1.00 19.62 ? 88  LEU A CG  1 
ATOM   503  C CD1 . LEU A 1 88 ? 11.975  -1.722  7.496   1.00 21.47 ? 88  LEU A CD1 1 
ATOM   504  C CD2 . LEU A 1 88 ? 14.024  -1.830  8.841   1.00 20.37 ? 88  LEU A CD2 1 
ATOM   505  N N   . ARG A 1 89 ? 13.549  -6.239  7.976   1.00 20.60 ? 89  ARG A N   1 
ATOM   506  C CA  . ARG A 1 89 ? 14.535  -6.908  7.146   1.00 21.35 ? 89  ARG A CA  1 
ATOM   507  C C   . ARG A 1 89 ? 13.906  -7.983  6.262   1.00 20.58 ? 89  ARG A C   1 
ATOM   508  O O   . ARG A 1 89 ? 14.418  -8.263  5.192   1.00 19.42 ? 89  ARG A O   1 
ATOM   509  C CB  . ARG A 1 89 ? 15.670  -7.455  8.017   1.00 23.45 ? 89  ARG A CB  1 
ATOM   510  C CG  . ARG A 1 89 ? 16.437  -6.309  8.712   1.00 26.73 ? 89  ARG A CG  1 
ATOM   511  C CD  . ARG A 1 89 ? 17.570  -6.776  9.623   1.00 30.05 ? 89  ARG A CD  1 
ATOM   512  N NE  . ARG A 1 89 ? 18.801  -7.040  8.874   1.00 33.82 ? 89  ARG A NE  1 
ATOM   513  C CZ  . ARG A 1 89 ? 19.184  -8.242  8.461   1.00 34.22 ? 89  ARG A CZ  1 
ATOM   514  N NH1 . ARG A 1 89 ? 18.437  -9.305  8.731   1.00 35.79 ? 89  ARG A NH1 1 
ATOM   515  N NH2 . ARG A 1 89 ? 20.309  -8.379  7.767   1.00 35.64 ? 89  ARG A NH2 1 
ATOM   516  N N   . LYS A 1 90 ? 12.792  -8.567  6.699   1.00 21.32 ? 90  LYS A N   1 
ATOM   517  C CA  . LYS A 1 90 ? 12.113  -9.556  5.877   1.00 22.12 ? 90  LYS A CA  1 
ATOM   518  C C   . LYS A 1 90 ? 11.486  -8.850  4.668   1.00 20.88 ? 90  LYS A C   1 
ATOM   519  O O   . LYS A 1 90 ? 11.609  -9.317  3.547   1.00 19.84 ? 90  LYS A O   1 
ATOM   520  C CB  . LYS A 1 90 ? 11.035  -10.286 6.675   1.00 24.54 ? 90  LYS A CB  1 
ATOM   521  C CG  . LYS A 1 90 ? 10.283  -11.299 5.840   1.00 28.82 ? 90  LYS A CG  1 
ATOM   522  C CD  . LYS A 1 90 ? 9.353   -12.190 6.670   1.00 32.04 ? 90  LYS A CD  1 
ATOM   523  C CE  . LYS A 1 90 ? 8.055   -11.487 7.035   1.00 33.48 ? 90  LYS A CE  1 
ATOM   524  N NZ  . LYS A 1 90 ? 6.994   -12.454 7.464   1.00 34.37 ? 90  LYS A NZ  1 
ATOM   525  N N   . LYS A 1 91 ? 10.826  -7.720  4.893   1.00 19.98 ? 91  LYS A N   1 
ATOM   526  C CA  . LYS A 1 91 ? 10.216  -6.976  3.786   1.00 19.21 ? 91  LYS A CA  1 
ATOM   527  C C   . LYS A 1 91 ? 11.296  -6.526  2.808   1.00 18.80 ? 91  LYS A C   1 
ATOM   528  O O   . LYS A 1 91 ? 11.166  -6.696  1.603   1.00 18.80 ? 91  LYS A O   1 
ATOM   529  C CB  . LYS A 1 91 ? 9.450   -5.760  4.312   1.00 18.60 ? 91  LYS A CB  1 
ATOM   530  C CG  . LYS A 1 91 ? 8.168   -6.129  5.026   1.00 19.86 ? 91  LYS A CG  1 
ATOM   531  C CD  . LYS A 1 91 ? 7.407   -4.905  5.521   1.00 19.45 ? 91  LYS A CD  1 
ATOM   532  C CE  . LYS A 1 91 ? 6.183   -5.327  6.334   1.00 20.76 ? 91  LYS A CE  1 
ATOM   533  N NZ  . LYS A 1 91 ? 5.258   -6.149  5.509   1.00 19.98 ? 91  LYS A NZ  1 
ATOM   534  N N   . LEU A 1 92 ? 12.377  -5.958  3.326   1.00 18.52 ? 92  LEU A N   1 
ATOM   535  C CA  . LEU A 1 92 ? 13.467  -5.518  2.465   1.00 18.15 ? 92  LEU A CA  1 
ATOM   536  C C   . LEU A 1 92 ? 13.938  -6.688  1.613   1.00 20.62 ? 92  LEU A C   1 
ATOM   537  O O   . LEU A 1 92 ? 14.146  -6.546  0.410   1.00 19.51 ? 92  LEU A O   1 
ATOM   538  C CB  . LEU A 1 92 ? 14.638  -4.997  3.304   1.00 16.90 ? 92  LEU A CB  1 
ATOM   539  C CG  . LEU A 1 92 ? 14.416  -3.623  3.939   1.00 16.01 ? 92  LEU A CG  1 
ATOM   540  C CD1 . LEU A 1 92 ? 15.500  -3.354  4.985   1.00 18.02 ? 92  LEU A CD1 1 
ATOM   541  C CD2 . LEU A 1 92 ? 14.441  -2.551  2.844   1.00 15.67 ? 92  LEU A CD2 1 
ATOM   542  N N   . LYS A 1 93 ? 14.102  -7.851  2.245   1.00 21.22 ? 93  LYS A N   1 
ATOM   543  C CA  . LYS A 1 93 ? 14.549  -9.041  1.512   1.00 24.52 ? 93  LYS A CA  1 
ATOM   544  C C   . LYS A 1 93 ? 13.508  -9.453  0.452   1.00 24.69 ? 93  LYS A C   1 
ATOM   545  O O   . LYS A 1 93 ? 13.851  -9.744  -0.702  1.00 23.79 ? 93  LYS A O   1 
ATOM   546  C CB  . LYS A 1 93 ? 14.768  -10.197 2.482   1.00 26.27 ? 93  LYS A CB  1 
ATOM   547  C CG  . LYS A 1 93 ? 15.550  -11.361 1.893   1.00 31.01 ? 93  LYS A CG  1 
ATOM   548  C CD  . LYS A 1 93 ? 15.322  -12.606 2.719   1.00 33.26 ? 93  LYS A CD  1 
ATOM   549  C CE  . LYS A 1 93 ? 16.348  -13.682 2.398   1.00 35.59 ? 93  LYS A CE  1 
ATOM   550  N NZ  . LYS A 1 93 ? 16.441  -13.940 0.925   1.00 37.46 ? 93  LYS A NZ  1 
ATOM   551  N N   . LYS A 1 94 ? 12.241  -9.468  0.866   1.00 24.58 ? 94  LYS A N   1 
ATOM   552  C CA  . LYS A 1 94 ? 11.138  -9.824  -0.013  1.00 25.62 ? 94  LYS A CA  1 
ATOM   553  C C   . LYS A 1 94 ? 11.203  -9.083  -1.330  1.00 26.00 ? 94  LYS A C   1 
ATOM   554  O O   . LYS A 1 94 ? 10.946  -9.661  -2.383  1.00 26.23 ? 94  LYS A O   1 
ATOM   555  C CB  . LYS A 1 94 ? 9.794   -9.522  0.664   1.00 26.04 ? 94  LYS A CB  1 
ATOM   556  C CG  . LYS A 1 94 ? 8.566   -9.743  -0.249  1.00 25.80 ? 94  LYS A CG  1 
ATOM   557  C CD  . LYS A 1 94 ? 7.250   -9.538  0.512   1.00 26.30 ? 94  LYS A CD  1 
ATOM   558  C CE  . LYS A 1 94 ? 6.049   -9.615  -0.422  1.00 28.62 ? 94  LYS A CE  1 
ATOM   559  N NZ  . LYS A 1 94 ? 4.721   -9.638  0.274   1.00 31.34 ? 94  LYS A NZ  1 
ATOM   560  N N   . TYR A 1 95 ? 11.540  -7.799  -1.271  1.00 26.81 ? 95  TYR A N   1 
ATOM   561  C CA  . TYR A 1 95 ? 11.613  -6.971  -2.467  1.00 27.15 ? 95  TYR A CA  1 
ATOM   562  C C   . TYR A 1 95 ? 13.015  -6.880  -3.041  1.00 28.43 ? 95  TYR A C   1 
ATOM   563  O O   . TYR A 1 95 ? 13.277  -6.059  -3.916  1.00 29.27 ? 95  TYR A O   1 
ATOM   564  C CB  . TYR A 1 95 ? 11.065  -5.571  -2.159  1.00 25.45 ? 95  TYR A CB  1 
ATOM   565  C CG  . TYR A 1 95 ? 9.602   -5.591  -1.807  1.00 23.18 ? 95  TYR A CG  1 
ATOM   566  C CD1 . TYR A 1 95 ? 8.637   -5.971  -2.758  1.00 21.94 ? 95  TYR A CD1 1 
ATOM   567  C CD2 . TYR A 1 95 ? 9.178   -5.326  -0.504  1.00 21.49 ? 95  TYR A CD2 1 
ATOM   568  C CE1 . TYR A 1 95 ? 7.296   -6.091  -2.412  1.00 20.47 ? 95  TYR A CE1 1 
ATOM   569  C CE2 . TYR A 1 95 ? 7.836   -5.442  -0.150  1.00 20.55 ? 95  TYR A CE2 1 
ATOM   570  C CZ  . TYR A 1 95 ? 6.899   -5.827  -1.105  1.00 20.29 ? 95  TYR A CZ  1 
ATOM   571  O OH  . TYR A 1 95 ? 5.568   -5.940  -0.755  1.00 19.43 ? 95  TYR A OH  1 
ATOM   572  N N   . GLY A 1 96 ? 13.911  -7.726  -2.550  1.00 29.61 ? 96  GLY A N   1 
ATOM   573  C CA  . GLY A 1 96 ? 15.279  -7.735  -3.042  1.00 32.46 ? 96  GLY A CA  1 
ATOM   574  C C   . GLY A 1 96 ? 15.981  -6.403  -2.911  1.00 34.37 ? 96  GLY A C   1 
ATOM   575  O O   . GLY A 1 96 ? 16.744  -6.005  -3.792  1.00 34.54 ? 96  GLY A O   1 
ATOM   576  N N   . MET A 1 97 ? 15.743  -5.716  -1.799  1.00 35.89 ? 97  MET A N   1 
ATOM   577  C CA  . MET A 1 97 ? 16.352  -4.413  -1.562  1.00 37.65 ? 97  MET A CA  1 
ATOM   578  C C   . MET A 1 97 ? 17.570  -4.519  -0.655  1.00 39.98 ? 97  MET A C   1 
ATOM   579  O O   . MET A 1 97 ? 18.254  -3.527  -0.406  1.00 40.56 ? 97  MET A O   1 
ATOM   580  C CB  . MET A 1 97 ? 15.328  -3.474  -0.932  1.00 36.56 ? 97  MET A CB  1 
ATOM   581  C CG  . MET A 1 97 ? 14.009  -3.479  -1.653  1.00 36.27 ? 97  MET A CG  1 
ATOM   582  S SD  . MET A 1 97 ? 12.870  -2.277  -1.004  1.00 33.63 ? 97  MET A SD  1 
ATOM   583  C CE  . MET A 1 97 ? 13.032  -1.006  -2.251  1.00 36.44 ? 97  MET A CE  1 
ATOM   584  N N   . ASN A 1 98 ? 17.828  -5.720  -0.151  1.00 42.45 ? 98  ASN A N   1 
ATOM   585  C CA  . ASN A 1 98 ? 18.976  -5.937  0.724   1.00 45.23 ? 98  ASN A CA  1 
ATOM   586  C C   . ASN A 1 98 ? 20.214  -6.330  -0.083  1.00 45.22 ? 98  ASN A C   1 
ATOM   587  O O   . ASN A 1 98 ? 20.561  -5.668  -1.064  1.00 45.73 ? 98  ASN A O   1 
ATOM   588  C CB  . ASN A 1 98 ? 18.660  -7.027  1.756   1.00 46.64 ? 98  ASN A CB  1 
ATOM   589  C CG  . ASN A 1 98 ? 18.207  -8.330  1.118   1.00 48.88 ? 98  ASN A CG  1 
ATOM   590  O OD1 . ASN A 1 98 ? 18.051  -9.341  1.805   1.00 50.08 ? 98  ASN A OD1 1 
ATOM   591  N ND2 . ASN A 1 98 ? 17.985  -8.312  -0.199  1.00 49.30 ? 98  ASN A ND2 1 
ATOM   592  N N   . ARG B 1 5  ? 13.692  -4.449  -10.909 1.00 42.83 ? 5   ARG B N   1 
ATOM   593  C CA  . ARG B 1 5  ? 13.778  -3.595  -9.733  1.00 42.66 ? 5   ARG B CA  1 
ATOM   594  C C   . ARG B 1 5  ? 12.446  -3.452  -9.010  1.00 40.69 ? 5   ARG B C   1 
ATOM   595  O O   . ARG B 1 5  ? 12.394  -3.581  -7.792  1.00 41.27 ? 5   ARG B O   1 
ATOM   596  C CB  . ARG B 1 5  ? 14.298  -2.203  -10.108 1.00 44.80 ? 5   ARG B CB  1 
ATOM   597  C CG  . ARG B 1 5  ? 15.806  -2.051  -10.022 1.00 48.19 ? 5   ARG B CG  1 
ATOM   598  C CD  . ARG B 1 5  ? 16.223  -0.601  -10.279 1.00 50.21 ? 5   ARG B CD  1 
ATOM   599  N NE  . ARG B 1 5  ? 15.919  -0.176  -11.644 1.00 52.42 ? 5   ARG B NE  1 
ATOM   600  C CZ  . ARG B 1 5  ? 16.444  -0.726  -12.736 1.00 53.68 ? 5   ARG B CZ  1 
ATOM   601  N NH1 . ARG B 1 5  ? 16.104  -0.274  -13.939 1.00 54.39 ? 5   ARG B NH1 1 
ATOM   602  N NH2 . ARG B 1 5  ? 17.316  -1.723  -12.627 1.00 54.22 ? 5   ARG B NH2 1 
ATOM   603  N N   . VAL B 1 6  ? 11.376  -3.185  -9.760  1.00 38.11 ? 6   VAL B N   1 
ATOM   604  C CA  . VAL B 1 6  ? 10.047  -3.017  -9.175  1.00 35.14 ? 6   VAL B CA  1 
ATOM   605  C C   . VAL B 1 6  ? 9.115   -4.135  -9.643  1.00 33.60 ? 6   VAL B C   1 
ATOM   606  O O   . VAL B 1 6  ? 9.247   -4.625  -10.763 1.00 32.75 ? 6   VAL B O   1 
ATOM   607  C CB  . VAL B 1 6  ? 9.435   -1.633  -9.555  1.00 35.13 ? 6   VAL B CB  1 
ATOM   608  C CG1 . VAL B 1 6  ? 8.996   -1.621  -11.028 1.00 33.79 ? 6   VAL B CG1 1 
ATOM   609  C CG2 . VAL B 1 6  ? 8.266   -1.314  -8.624  1.00 35.51 ? 6   VAL B CG2 1 
ATOM   610  N N   . ASN B 1 7  ? 8.177   -4.538  -8.787  1.00 31.24 ? 7   ASN B N   1 
ATOM   611  C CA  . ASN B 1 7  ? 7.258   -5.618  -9.143  1.00 29.89 ? 7   ASN B CA  1 
ATOM   612  C C   . ASN B 1 7  ? 6.465   -5.419  -10.440 1.00 29.10 ? 7   ASN B C   1 
ATOM   613  O O   . ASN B 1 7  ? 6.523   -6.273  -11.317 1.00 27.51 ? 7   ASN B O   1 
ATOM   614  C CB  . ASN B 1 7  ? 6.279   -5.897  -8.000  1.00 28.04 ? 7   ASN B CB  1 
ATOM   615  C CG  . ASN B 1 7  ? 5.310   -7.020  -8.329  1.00 28.14 ? 7   ASN B CG  1 
ATOM   616  O OD1 . ASN B 1 7  ? 4.092   -6.802  -8.381  1.00 27.87 ? 7   ASN B OD1 1 
ATOM   617  N ND2 . ASN B 1 7  ? 5.840   -8.233  -8.556  1.00 24.16 ? 7   ASN B ND2 1 
ATOM   618  N N   . SER B 1 8  ? 5.727   -4.308  -10.553 1.00 28.94 ? 8   SER B N   1 
ATOM   619  C CA  . SER B 1 8  ? 4.924   -4.041  -11.750 1.00 28.56 ? 8   SER B CA  1 
ATOM   620  C C   . SER B 1 8  ? 4.824   -2.552  -12.086 1.00 29.01 ? 8   SER B C   1 
ATOM   621  O O   . SER B 1 8  ? 5.219   -1.696  -11.296 1.00 26.69 ? 8   SER B O   1 
ATOM   622  C CB  . SER B 1 8  ? 3.508   -4.602  -11.579 1.00 28.71 ? 8   SER B CB  1 
ATOM   623  O OG  . SER B 1 8  ? 2.705   -3.748  -10.780 1.00 29.53 ? 8   SER B OG  1 
ATOM   624  N N   . ASP B 1 9  ? 4.284   -2.256  -13.266 1.00 29.74 ? 9   ASP B N   1 
ATOM   625  C CA  . ASP B 1 9  ? 4.113   -0.875  -13.704 1.00 31.44 ? 9   ASP B CA  1 
ATOM   626  C C   . ASP B 1 9  ? 2.704   -0.701  -14.260 1.00 31.87 ? 9   ASP B C   1 
ATOM   627  O O   . ASP B 1 9  ? 2.470   0.164   -15.102 1.00 32.46 ? 9   ASP B O   1 
ATOM   628  C CB  . ASP B 1 9  ? 5.135   -0.517  -14.793 1.00 33.67 ? 9   ASP B CB  1 
ATOM   629  C CG  . ASP B 1 9  ? 6.567   -0.492  -14.280 1.00 35.42 ? 9   ASP B CG  1 
ATOM   630  O OD1 . ASP B 1 9  ? 7.354   -1.391  -14.656 1.00 37.43 ? 9   ASP B OD1 1 
ATOM   631  O OD2 . ASP B 1 9  ? 6.911   0.426   -13.502 1.00 36.69 ? 9   ASP B OD2 1 
ATOM   632  N N   . VAL B 1 10 ? 1.771   -1.525  -13.787 1.00 31.03 ? 10  VAL B N   1 
ATOM   633  C CA  . VAL B 1 10 ? 0.392   -1.475  -14.252 1.00 31.33 ? 10  VAL B CA  1 
ATOM   634  C C   . VAL B 1 10 ? -0.469  -0.467  -13.485 1.00 31.76 ? 10  VAL B C   1 
ATOM   635  O O   . VAL B 1 10 ? -1.579  -0.120  -13.908 1.00 31.77 ? 10  VAL B O   1 
ATOM   636  C CB  . VAL B 1 10 ? -0.251  -2.876  -14.163 1.00 31.53 ? 10  VAL B CB  1 
ATOM   637  C CG1 . VAL B 1 10 ? 0.507   -3.845  -15.057 1.00 30.38 ? 10  VAL B CG1 1 
ATOM   638  C CG2 . VAL B 1 10 ? -0.231  -3.366  -12.720 1.00 31.27 ? 10  VAL B CG2 1 
ATOM   639  N N   . LEU B 1 11 ? 0.040   0.006   -12.351 1.00 31.19 ? 11  LEU B N   1 
ATOM   640  C CA  . LEU B 1 11 ? -0.700  0.970   -11.550 1.00 30.69 ? 11  LEU B CA  1 
ATOM   641  C C   . LEU B 1 11 ? -0.122  2.365   -11.789 1.00 31.26 ? 11  LEU B C   1 
ATOM   642  O O   . LEU B 1 11 ? 0.985   2.676   -11.340 1.00 29.50 ? 11  LEU B O   1 
ATOM   643  C CB  . LEU B 1 11 ? -0.615  0.582   -10.063 1.00 29.28 ? 11  LEU B CB  1 
ATOM   644  C CG  . LEU B 1 11 ? -1.133  -0.820  -9.713  1.00 28.45 ? 11  LEU B CG  1 
ATOM   645  C CD1 . LEU B 1 11 ? -0.796  -1.150  -8.266  1.00 27.89 ? 11  LEU B CD1 1 
ATOM   646  C CD2 . LEU B 1 11 ? -2.628  -0.887  -9.945  1.00 28.05 ? 11  LEU B CD2 1 
ATOM   647  N N   . THR B 1 12 ? -0.867  3.187   -12.526 1.00 32.38 ? 12  THR B N   1 
ATOM   648  C CA  . THR B 1 12 ? -0.443  4.548   -12.850 1.00 34.99 ? 12  THR B CA  1 
ATOM   649  C C   . THR B 1 12 ? -1.569  5.540   -12.587 1.00 36.07 ? 12  THR B C   1 
ATOM   650  O O   . THR B 1 12 ? -2.730  5.280   -12.913 1.00 36.58 ? 12  THR B O   1 
ATOM   651  C CB  . THR B 1 12 ? -0.038  4.678   -14.323 1.00 35.87 ? 12  THR B CB  1 
ATOM   652  O OG1 . THR B 1 12 ? -1.185  4.453   -15.159 1.00 36.60 ? 12  THR B OG1 1 
ATOM   653  C CG2 . THR B 1 12 ? 1.044   3.662   -14.662 1.00 36.12 ? 12  THR B CG2 1 
ATOM   654  N N   . VAL B 1 13 ? -1.218  6.677   -11.996 1.00 36.91 ? 13  VAL B N   1 
ATOM   655  C CA  . VAL B 1 13 ? -2.196  7.704   -11.662 1.00 38.59 ? 13  VAL B CA  1 
ATOM   656  C C   . VAL B 1 13 ? -2.096  8.920   -12.583 1.00 38.98 ? 13  VAL B C   1 
ATOM   657  O O   . VAL B 1 13 ? -3.118  9.479   -12.998 1.00 40.04 ? 13  VAL B O   1 
ATOM   658  C CB  . VAL B 1 13 ? -2.019  8.161   -10.187 1.00 39.45 ? 13  VAL B CB  1 
ATOM   659  C CG1 . VAL B 1 13 ? -0.590  8.610   -9.955  1.00 39.63 ? 13  VAL B CG1 1 
ATOM   660  C CG2 . VAL B 1 13 ? -3.004  9.289   -9.856  1.00 40.13 ? 13  VAL B CG2 1 
ATOM   661  N N   . LYS B 1 25 ? 3.526   7.482   -15.019 1.00 39.15 ? 25  LYS B N   1 
ATOM   662  C CA  . LYS B 1 25 ? 3.210   8.111   -13.734 1.00 37.97 ? 25  LYS B CA  1 
ATOM   663  C C   . LYS B 1 25 ? 2.845   7.010   -12.737 1.00 36.05 ? 25  LYS B C   1 
ATOM   664  O O   . LYS B 1 25 ? 1.694   6.902   -12.300 1.00 35.64 ? 25  LYS B O   1 
ATOM   665  C CB  . LYS B 1 25 ? 2.036   9.085   -13.900 1.00 39.39 ? 25  LYS B CB  1 
ATOM   666  C CG  . LYS B 1 25 ? 2.123   9.947   -15.154 1.00 41.69 ? 25  LYS B CG  1 
ATOM   667  C CD  . LYS B 1 25 ? 1.412   9.282   -16.337 1.00 42.52 ? 25  LYS B CD  1 
ATOM   668  C CE  . LYS B 1 25 ? -0.100  9.478   -16.236 1.00 43.25 ? 25  LYS B CE  1 
ATOM   669  N NZ  . LYS B 1 25 ? -0.873  8.801   -17.314 1.00 43.24 ? 25  LYS B NZ  1 
ATOM   670  N N   . PRO B 1 26 ? 3.828   6.176   -12.371 1.00 33.79 ? 26  PRO B N   1 
ATOM   671  C CA  . PRO B 1 26 ? 3.582   5.082   -11.425 1.00 31.86 ? 26  PRO B CA  1 
ATOM   672  C C   . PRO B 1 26 ? 3.017   5.518   -10.080 1.00 29.35 ? 26  PRO B C   1 
ATOM   673  O O   . PRO B 1 26 ? 3.313   6.608   -9.579  1.00 27.91 ? 26  PRO B O   1 
ATOM   674  C CB  . PRO B 1 26 ? 4.953   4.403   -11.310 1.00 33.27 ? 26  PRO B CB  1 
ATOM   675  C CG  . PRO B 1 26 ? 5.917   5.503   -11.609 1.00 34.73 ? 26  PRO B CG  1 
ATOM   676  C CD  . PRO B 1 26 ? 5.248   6.229   -12.757 1.00 34.52 ? 26  PRO B CD  1 
ATOM   677  N N   . LEU B 1 27 ? 2.168   4.667   -9.513  1.00 27.07 ? 27  LEU B N   1 
ATOM   678  C CA  . LEU B 1 27 ? 1.562   4.955   -8.217  1.00 24.54 ? 27  LEU B CA  1 
ATOM   679  C C   . LEU B 1 27 ? 2.644   5.089   -7.142  1.00 23.21 ? 27  LEU B C   1 
ATOM   680  O O   . LEU B 1 27 ? 2.484   5.843   -6.195  1.00 23.03 ? 27  LEU B O   1 
ATOM   681  C CB  . LEU B 1 27 ? 0.565   3.844   -7.843  1.00 22.25 ? 27  LEU B CB  1 
ATOM   682  C CG  . LEU B 1 27 ? 0.018   3.881   -6.409  1.00 21.04 ? 27  LEU B CG  1 
ATOM   683  C CD1 . LEU B 1 27 ? -0.737  5.178   -6.169  1.00 20.10 ? 27  LEU B CD1 1 
ATOM   684  C CD2 . LEU B 1 27 ? -0.882  2.699   -6.179  1.00 20.16 ? 27  LEU B CD2 1 
ATOM   685  N N   . ARG B 1 28 ? 3.748   4.371   -7.297  1.00 23.90 ? 28  ARG B N   1 
ATOM   686  C CA  . ARG B 1 28 ? 4.827   4.434   -6.314  1.00 26.09 ? 28  ARG B CA  1 
ATOM   687  C C   . ARG B 1 28 ? 5.331   5.869   -6.160  1.00 26.64 ? 28  ARG B C   1 
ATOM   688  O O   . ARG B 1 28 ? 5.677   6.306   -5.056  1.00 25.47 ? 28  ARG B O   1 
ATOM   689  C CB  . ARG B 1 28 ? 5.978   3.521   -6.725  1.00 28.17 ? 28  ARG B CB  1 
ATOM   690  C CG  . ARG B 1 28 ? 6.783   4.038   -7.904  1.00 31.83 ? 28  ARG B CG  1 
ATOM   691  C CD  . ARG B 1 28 ? 7.746   2.976   -8.398  1.00 34.22 ? 28  ARG B CD  1 
ATOM   692  N NE  . ARG B 1 28 ? 7.001   1.867   -8.969  1.00 37.40 ? 28  ARG B NE  1 
ATOM   693  C CZ  . ARG B 1 28 ? 7.127   1.444   -10.223 1.00 38.14 ? 28  ARG B CZ  1 
ATOM   694  N NH1 . ARG B 1 28 ? 7.986   2.029   -11.058 1.00 38.75 ? 28  ARG B NH1 1 
ATOM   695  N NH2 . ARG B 1 28 ? 6.360   0.458   -10.654 1.00 37.51 ? 28  ARG B NH2 1 
ATOM   696  N N   . ASP B 1 29 ? 5.370   6.604   -7.271  1.00 26.44 ? 29  ASP B N   1 
ATOM   697  C CA  . ASP B 1 29 ? 5.804   8.000   -7.248  1.00 27.07 ? 29  ASP B CA  1 
ATOM   698  C C   . ASP B 1 29 ? 4.885   8.840   -6.366  1.00 26.00 ? 29  ASP B C   1 
ATOM   699  O O   . ASP B 1 29 ? 5.332   9.774   -5.702  1.00 25.88 ? 29  ASP B O   1 
ATOM   700  C CB  . ASP B 1 29 ? 5.823   8.586   -8.671  1.00 28.91 ? 29  ASP B CB  1 
ATOM   701  C CG  . ASP B 1 29 ? 6.968   8.047   -9.512  1.00 31.88 ? 29  ASP B CG  1 
ATOM   702  O OD1 . ASP B 1 29 ? 7.464   6.946   -9.202  1.00 34.57 ? 29  ASP B OD1 1 
ATOM   703  O OD2 . ASP B 1 29 ? 7.370   8.715   -10.497 1.00 33.97 ? 29  ASP B OD2 1 
ATOM   704  N N   . SER B 1 30 ? 3.594   8.522   -6.367  1.00 25.25 ? 30  SER B N   1 
ATOM   705  C CA  . SER B 1 30 ? 2.657   9.268   -5.543  1.00 23.87 ? 30  SER B CA  1 
ATOM   706  C C   . SER B 1 30 ? 2.911   8.925   -4.084  1.00 22.69 ? 30  SER B C   1 
ATOM   707  O O   . SER B 1 30 ? 2.796   9.782   -3.209  1.00 23.46 ? 30  SER B O   1 
ATOM   708  C CB  . SER B 1 30 ? 1.211   8.920   -5.905  1.00 24.74 ? 30  SER B CB  1 
ATOM   709  O OG  . SER B 1 30 ? 0.930   9.220   -7.261  1.00 26.22 ? 30  SER B OG  1 
ATOM   710  N N   . VAL B 1 31 ? 3.240   7.663   -3.819  1.00 21.95 ? 31  VAL B N   1 
ATOM   711  C CA  . VAL B 1 31 ? 3.532   7.236   -2.454  1.00 20.92 ? 31  VAL B CA  1 
ATOM   712  C C   . VAL B 1 31 ? 4.779   7.984   -1.962  1.00 21.96 ? 31  VAL B C   1 
ATOM   713  O O   . VAL B 1 31 ? 4.768   8.535   -0.859  1.00 23.01 ? 31  VAL B O   1 
ATOM   714  C CB  . VAL B 1 31 ? 3.747   5.698   -2.379  1.00 20.56 ? 31  VAL B CB  1 
ATOM   715  C CG1 . VAL B 1 31 ? 4.134   5.282   -0.972  1.00 19.20 ? 31  VAL B CG1 1 
ATOM   716  C CG2 . VAL B 1 31 ? 2.452   4.973   -2.782  1.00 18.95 ? 31  VAL B CG2 1 
ATOM   717  N N   . LYS B 1 32 ? 5.832   8.034   -2.784  1.00 22.92 ? 32  LYS B N   1 
ATOM   718  C CA  . LYS B 1 32 ? 7.078   8.731   -2.419  1.00 24.09 ? 32  LYS B CA  1 
ATOM   719  C C   . LYS B 1 32 ? 6.852   10.206  -2.101  1.00 25.48 ? 32  LYS B C   1 
ATOM   720  O O   . LYS B 1 32 ? 7.335   10.718  -1.088  1.00 24.50 ? 32  LYS B O   1 
ATOM   721  C CB  . LYS B 1 32 ? 8.113   8.619   -3.547  1.00 25.31 ? 32  LYS B CB  1 
ATOM   722  C CG  . LYS B 1 32 ? 8.776   7.259   -3.680  1.00 25.94 ? 32  LYS B CG  1 
ATOM   723  C CD  . LYS B 1 32 ? 9.797   7.288   -4.811  1.00 28.22 ? 32  LYS B CD  1 
ATOM   724  C CE  . LYS B 1 32 ? 10.498  5.943   -5.000  1.00 30.45 ? 32  LYS B CE  1 
ATOM   725  N NZ  . LYS B 1 32 ? 11.382  5.605   -3.845  1.00 33.37 ? 32  LYS B NZ  1 
ATOM   726  N N   . GLN B 1 33 ? 6.123   10.894  -2.982  1.00 27.75 ? 33  GLN B N   1 
ATOM   727  C CA  . GLN B 1 33 ? 5.826   12.310  -2.781  1.00 28.45 ? 33  GLN B CA  1 
ATOM   728  C C   . GLN B 1 33 ? 5.047   12.504  -1.491  1.00 27.93 ? 33  GLN B C   1 
ATOM   729  O O   . GLN B 1 33 ? 5.329   13.416  -0.722  1.00 28.16 ? 33  GLN B O   1 
ATOM   730  C CB  . GLN B 1 33 ? 5.018   12.858  -3.956  1.00 32.03 ? 33  GLN B CB  1 
ATOM   731  C CG  . GLN B 1 33 ? 5.719   12.713  -5.296  1.00 36.49 ? 33  GLN B CG  1 
ATOM   732  C CD  . GLN B 1 33 ? 7.014   13.522  -5.376  1.00 40.56 ? 33  GLN B CD  1 
ATOM   733  O OE1 . GLN B 1 33 ? 7.950   13.315  -4.587  1.00 42.18 ? 33  GLN B OE1 1 
ATOM   734  N NE2 . GLN B 1 33 ? 7.075   14.450  -6.337  1.00 42.27 ? 33  GLN B NE2 1 
ATOM   735  N N   . ALA B 1 34 ? 4.059   11.649  -1.244  1.00 26.96 ? 34  ALA B N   1 
ATOM   736  C CA  . ALA B 1 34 ? 3.285   11.770  -0.018  1.00 26.24 ? 34  ALA B CA  1 
ATOM   737  C C   . ALA B 1 34 ? 4.185   11.606  1.202   1.00 26.43 ? 34  ALA B C   1 
ATOM   738  O O   . ALA B 1 34 ? 4.001   12.290  2.206   1.00 26.59 ? 34  ALA B O   1 
ATOM   739  C CB  . ALA B 1 34 ? 2.165   10.726  0.021   1.00 26.38 ? 34  ALA B CB  1 
ATOM   740  N N   . LEU B 1 35 ? 5.135   10.679  1.136   1.00 26.56 ? 35  LEU B N   1 
ATOM   741  C CA  . LEU B 1 35 ? 6.045   10.448  2.265   1.00 26.08 ? 35  LEU B CA  1 
ATOM   742  C C   . LEU B 1 35 ? 7.038   11.598  2.390   1.00 27.28 ? 35  LEU B C   1 
ATOM   743  O O   . LEU B 1 35 ? 7.373   12.031  3.493   1.00 27.31 ? 35  LEU B O   1 
ATOM   744  C CB  . LEU B 1 35 ? 6.790   9.120   2.082   1.00 24.00 ? 35  LEU B CB  1 
ATOM   745  C CG  . LEU B 1 35 ? 5.891   7.880   2.250   1.00 23.52 ? 35  LEU B CG  1 
ATOM   746  C CD1 . LEU B 1 35 ? 6.642   6.588   1.889   1.00 20.55 ? 35  LEU B CD1 1 
ATOM   747  C CD2 . LEU B 1 35 ? 5.394   7.831   3.693   1.00 21.77 ? 35  LEU B CD2 1 
ATOM   748  N N   . LYS B 1 36 ? 7.507   12.094  1.255   1.00 28.88 ? 36  LYS B N   1 
ATOM   749  C CA  . LYS B 1 36 ? 8.447   13.212  1.258   1.00 31.42 ? 36  LYS B CA  1 
ATOM   750  C C   . LYS B 1 36 ? 7.795   14.405  1.951   1.00 32.11 ? 36  LYS B C   1 
ATOM   751  O O   . LYS B 1 36 ? 8.394   15.020  2.828   1.00 32.33 ? 36  LYS B O   1 
ATOM   752  C CB  . LYS B 1 36 ? 8.833   13.584  -0.176  1.00 33.11 ? 36  LYS B CB  1 
ATOM   753  C CG  . LYS B 1 36 ? 9.844   14.720  -0.279  1.00 35.86 ? 36  LYS B CG  1 
ATOM   754  C CD  . LYS B 1 36 ? 10.371  14.872  -1.702  1.00 37.38 ? 36  LYS B CD  1 
ATOM   755  C CE  . LYS B 1 36 ? 11.647  15.713  -1.735  1.00 39.58 ? 36  LYS B CE  1 
ATOM   756  N NZ  . LYS B 1 36 ? 12.311  15.681  -3.079  1.00 39.83 ? 36  LYS B NZ  1 
ATOM   757  N N   . ASN B 1 37 ? 6.564   14.728  1.560   1.00 32.58 ? 37  ASN B N   1 
ATOM   758  C CA  . ASN B 1 37 ? 5.840   15.843  2.165   1.00 33.79 ? 37  ASN B CA  1 
ATOM   759  C C   . ASN B 1 37 ? 5.497   15.541  3.620   1.00 33.96 ? 37  ASN B C   1 
ATOM   760  O O   . ASN B 1 37 ? 5.376   16.439  4.459   1.00 31.92 ? 37  ASN B O   1 
ATOM   761  C CB  . ASN B 1 37 ? 4.550   16.129  1.397   1.00 35.96 ? 37  ASN B CB  1 
ATOM   762  C CG  . ASN B 1 37 ? 3.746   17.256  2.021   1.00 38.22 ? 37  ASN B CG  1 
ATOM   763  O OD1 . ASN B 1 37 ? 4.202   18.403  2.081   1.00 38.85 ? 37  ASN B OD1 1 
ATOM   764  N ND2 . ASN B 1 37 ? 2.543   16.935  2.497   1.00 39.43 ? 37  ASN B ND2 1 
ATOM   765  N N   . TYR B 1 38 ? 5.306   14.262  3.917   1.00 33.33 ? 38  TYR B N   1 
ATOM   766  C CA  . TYR B 1 38 ? 5.010   13.864  5.278   1.00 33.06 ? 38  TYR B CA  1 
ATOM   767  C C   . TYR B 1 38 ? 6.243   14.154  6.148   1.00 33.49 ? 38  TYR B C   1 
ATOM   768  O O   . TYR B 1 38 ? 6.157   14.850  7.166   1.00 33.59 ? 38  TYR B O   1 
ATOM   769  C CB  . TYR B 1 38 ? 4.686   12.374  5.319   1.00 33.06 ? 38  TYR B CB  1 
ATOM   770  C CG  . TYR B 1 38 ? 4.499   11.846  6.708   1.00 32.92 ? 38  TYR B CG  1 
ATOM   771  C CD1 . TYR B 1 38 ? 3.392   12.207  7.469   1.00 33.71 ? 38  TYR B CD1 1 
ATOM   772  C CD2 . TYR B 1 38 ? 5.453   11.011  7.281   1.00 33.14 ? 38  TYR B CD2 1 
ATOM   773  C CE1 . TYR B 1 38 ? 3.243   11.747  8.776   1.00 34.97 ? 38  TYR B CE1 1 
ATOM   774  C CE2 . TYR B 1 38 ? 5.316   10.552  8.576   1.00 33.83 ? 38  TYR B CE2 1 
ATOM   775  C CZ  . TYR B 1 38 ? 4.211   10.920  9.319   1.00 34.82 ? 38  TYR B CZ  1 
ATOM   776  O OH  . TYR B 1 38 ? 4.079   10.470  10.616  1.00 37.09 ? 38  TYR B OH  1 
ATOM   777  N N   . PHE B 1 39 ? 7.392   13.626  5.736   1.00 33.27 ? 39  PHE B N   1 
ATOM   778  C CA  . PHE B 1 39 ? 8.626   13.830  6.487   1.00 35.32 ? 39  PHE B CA  1 
ATOM   779  C C   . PHE B 1 39 ? 8.989   15.314  6.628   1.00 37.51 ? 39  PHE B C   1 
ATOM   780  O O   . PHE B 1 39 ? 9.487   15.741  7.672   1.00 37.84 ? 39  PHE B O   1 
ATOM   781  C CB  . PHE B 1 39 ? 9.799   13.089  5.822   1.00 33.94 ? 39  PHE B CB  1 
ATOM   782  C CG  . PHE B 1 39 ? 9.634   11.585  5.755   1.00 32.17 ? 39  PHE B CG  1 
ATOM   783  C CD1 . PHE B 1 39 ? 9.014   10.878  6.788   1.00 31.53 ? 39  PHE B CD1 1 
ATOM   784  C CD2 . PHE B 1 39 ? 10.163  10.870  4.681   1.00 30.75 ? 39  PHE B CD2 1 
ATOM   785  C CE1 . PHE B 1 39 ? 8.920   9.475   6.753   1.00 31.17 ? 39  PHE B CE1 1 
ATOM   786  C CE2 . PHE B 1 39 ? 10.080  9.474   4.633   1.00 30.13 ? 39  PHE B CE2 1 
ATOM   787  C CZ  . PHE B 1 39 ? 9.456   8.773   5.677   1.00 30.40 ? 39  PHE B CZ  1 
ATOM   788  N N   . ALA B 1 40 ? 8.742   16.090  5.576   1.00 40.10 ? 40  ALA B N   1 
ATOM   789  C CA  . ALA B 1 40 ? 9.045   17.518  5.575   1.00 42.99 ? 40  ALA B CA  1 
ATOM   790  C C   . ALA B 1 40 ? 8.302   18.243  6.689   1.00 45.05 ? 40  ALA B C   1 
ATOM   791  O O   . ALA B 1 40 ? 8.783   19.246  7.216   1.00 45.54 ? 40  ALA B O   1 
ATOM   792  C CB  . ALA B 1 40 ? 8.685   18.123  4.231   1.00 42.90 ? 40  ALA B CB  1 
ATOM   793  N N   . GLN B 1 41 ? 7.136   17.723  7.053   1.00 47.54 ? 41  GLN B N   1 
ATOM   794  C CA  . GLN B 1 41 ? 6.314   18.322  8.099   1.00 49.50 ? 41  GLN B CA  1 
ATOM   795  C C   . GLN B 1 41 ? 6.415   17.539  9.414   1.00 49.75 ? 41  GLN B C   1 
ATOM   796  O O   . GLN B 1 41 ? 7.509   17.273  9.918   1.00 50.10 ? 41  GLN B O   1 
ATOM   797  C CB  . GLN B 1 41 ? 4.861   18.366  7.623   1.00 51.72 ? 41  GLN B CB  1 
ATOM   798  C CG  . GLN B 1 41 ? 3.940   19.260  8.435   1.00 54.95 ? 41  GLN B CG  1 
ATOM   799  C CD  . GLN B 1 41 ? 3.768   18.795  9.869   1.00 56.65 ? 41  GLN B CD  1 
ATOM   800  O OE1 . GLN B 1 41 ? 4.643   19.004  10.717  1.00 57.99 ? 41  GLN B OE1 1 
ATOM   801  N NE2 . GLN B 1 41 ? 2.638   18.149  10.148  1.00 57.50 ? 41  GLN B NE2 1 
ATOM   802  N N   . ASP B 1 46 ? 8.704   13.033  15.808  1.00 38.28 ? 46  ASP B N   1 
ATOM   803  C CA  . ASP B 1 46 ? 8.856   11.576  15.885  1.00 37.41 ? 46  ASP B CA  1 
ATOM   804  C C   . ASP B 1 46 ? 7.600   10.845  15.424  1.00 35.63 ? 46  ASP B C   1 
ATOM   805  O O   . ASP B 1 46 ? 6.482   11.318  15.644  1.00 35.28 ? 46  ASP B O   1 
ATOM   806  C CB  . ASP B 1 46 ? 9.169   11.123  17.312  1.00 39.33 ? 46  ASP B CB  1 
ATOM   807  C CG  . ASP B 1 46 ? 10.576  11.472  17.744  1.00 41.19 ? 46  ASP B CG  1 
ATOM   808  O OD1 . ASP B 1 46 ? 11.532  11.112  17.021  1.00 41.96 ? 46  ASP B OD1 1 
ATOM   809  O OD2 . ASP B 1 46 ? 10.721  12.098  18.816  1.00 42.31 ? 46  ASP B OD2 1 
ATOM   810  N N   . VAL B 1 47 ? 7.810   9.678   14.809  1.00 32.31 ? 47  VAL B N   1 
ATOM   811  C CA  . VAL B 1 47 ? 6.733   8.830   14.300  1.00 28.80 ? 47  VAL B CA  1 
ATOM   812  C C   . VAL B 1 47 ? 7.011   7.413   14.760  1.00 25.82 ? 47  VAL B C   1 
ATOM   813  O O   . VAL B 1 47 ? 8.170   7.033   14.897  1.00 24.45 ? 47  VAL B O   1 
ATOM   814  C CB  . VAL B 1 47 ? 6.704   8.830   12.766  1.00 29.93 ? 47  VAL B CB  1 
ATOM   815  C CG1 . VAL B 1 47 ? 5.413   8.175   12.277  1.00 29.72 ? 47  VAL B CG1 1 
ATOM   816  C CG2 . VAL B 1 47 ? 6.819   10.269  12.242  1.00 30.67 ? 47  VAL B CG2 1 
ATOM   817  N N   . ASN B 1 48 ? 5.961   6.636   15.016  1.00 22.88 ? 48  ASN B N   1 
ATOM   818  C CA  . ASN B 1 48 ? 6.134   5.238   15.439  1.00 21.85 ? 48  ASN B CA  1 
ATOM   819  C C   . ASN B 1 48 ? 5.073   4.295   14.849  1.00 19.81 ? 48  ASN B C   1 
ATOM   820  O O   . ASN B 1 48 ? 4.974   3.137   15.256  1.00 18.51 ? 48  ASN B O   1 
ATOM   821  C CB  . ASN B 1 48 ? 6.119   5.124   16.972  1.00 23.11 ? 48  ASN B CB  1 
ATOM   822  C CG  . ASN B 1 48 ? 4.809   5.573   17.577  1.00 25.39 ? 48  ASN B CG  1 
ATOM   823  O OD1 . ASN B 1 48 ? 3.766   5.526   16.922  1.00 24.97 ? 48  ASN B OD1 1 
ATOM   824  N ND2 . ASN B 1 48 ? 4.847   5.992   18.844  1.00 25.02 ? 48  ASN B ND2 1 
ATOM   825  N N   . ASP B 1 49 ? 4.300   4.785   13.880  1.00 18.28 ? 49  ASP B N   1 
ATOM   826  C CA  . ASP B 1 49 ? 3.244   3.986   13.248  1.00 18.87 ? 49  ASP B CA  1 
ATOM   827  C C   . ASP B 1 49 ? 3.143   4.284   11.750  1.00 18.30 ? 49  ASP B C   1 
ATOM   828  O O   . ASP B 1 49 ? 2.050   4.255   11.175  1.00 17.16 ? 49  ASP B O   1 
ATOM   829  C CB  . ASP B 1 49 ? 1.895   4.294   13.899  1.00 22.37 ? 49  ASP B CB  1 
ATOM   830  C CG  . ASP B 1 49 ? 1.439   5.735   13.665  1.00 26.26 ? 49  ASP B CG  1 
ATOM   831  O OD1 . ASP B 1 49 ? 2.267   6.587   13.261  1.00 30.19 ? 49  ASP B OD1 1 
ATOM   832  O OD2 . ASP B 1 49 ? 0.241   6.034   13.900  1.00 29.01 ? 49  ASP B OD2 1 
ATOM   833  N N   . LEU B 1 50 ? 4.278   4.558   11.118  1.00 15.15 ? 50  LEU B N   1 
ATOM   834  C CA  . LEU B 1 50 ? 4.250   4.902   9.706   1.00 15.96 ? 50  LEU B CA  1 
ATOM   835  C C   . LEU B 1 50 ? 3.735   3.775   8.815   1.00 15.21 ? 50  LEU B C   1 
ATOM   836  O O   . LEU B 1 50 ? 3.048   4.039   7.834   1.00 15.73 ? 50  LEU B O   1 
ATOM   837  C CB  . LEU B 1 50 ? 5.632   5.351   9.254   1.00 14.15 ? 50  LEU B CB  1 
ATOM   838  C CG  . LEU B 1 50 ? 5.684   5.938   7.853   1.00 16.45 ? 50  LEU B CG  1 
ATOM   839  C CD1 . LEU B 1 50 ? 4.705   7.107   7.728   1.00 16.17 ? 50  LEU B CD1 1 
ATOM   840  C CD2 . LEU B 1 50 ? 7.120   6.372   7.564   1.00 18.29 ? 50  LEU B CD2 1 
ATOM   841  N N   . TYR B 1 51 ? 4.057   2.523   9.138   1.00 15.36 ? 51  TYR B N   1 
ATOM   842  C CA  . TYR B 1 51 ? 3.552   1.412   8.310   1.00 15.12 ? 51  TYR B CA  1 
ATOM   843  C C   . TYR B 1 51 ? 2.028   1.356   8.348   1.00 14.78 ? 51  TYR B C   1 
ATOM   844  O O   . TYR B 1 51 ? 1.376   1.269   7.311   1.00 14.05 ? 51  TYR B O   1 
ATOM   845  C CB  . TYR B 1 51 ? 4.074   0.048   8.781   1.00 15.60 ? 51  TYR B CB  1 
ATOM   846  C CG  . TYR B 1 51 ? 3.644   -1.081  7.849   1.00 17.45 ? 51  TYR B CG  1 
ATOM   847  C CD1 . TYR B 1 51 ? 4.331   -1.329  6.665   1.00 16.82 ? 51  TYR B CD1 1 
ATOM   848  C CD2 . TYR B 1 51 ? 2.513   -1.856  8.130   1.00 18.37 ? 51  TYR B CD2 1 
ATOM   849  C CE1 . TYR B 1 51 ? 3.905   -2.316  5.776   1.00 19.22 ? 51  TYR B CE1 1 
ATOM   850  C CE2 . TYR B 1 51 ? 2.072   -2.846  7.248   1.00 19.59 ? 51  TYR B CE2 1 
ATOM   851  C CZ  . TYR B 1 51 ? 2.776   -3.069  6.075   1.00 20.01 ? 51  TYR B CZ  1 
ATOM   852  O OH  . TYR B 1 51 ? 2.373   -4.044  5.197   1.00 20.88 ? 51  TYR B OH  1 
ATOM   853  N N   . GLU B 1 52 ? 1.454   1.371   9.545   1.00 14.97 ? 52  GLU B N   1 
ATOM   854  C CA  . GLU B 1 52 ? -0.006  1.312   9.649   1.00 16.06 ? 52  GLU B CA  1 
ATOM   855  C C   . GLU B 1 52 ? -0.643  2.520   8.957   1.00 16.65 ? 52  GLU B C   1 
ATOM   856  O O   . GLU B 1 52 ? -1.664  2.395   8.262   1.00 14.85 ? 52  GLU B O   1 
ATOM   857  C CB  . GLU B 1 52 ? -0.440  1.263   11.110  1.00 17.22 ? 52  GLU B CB  1 
ATOM   858  C CG  . GLU B 1 52 ? -1.955  1.310   11.347  1.00 19.97 ? 52  GLU B CG  1 
ATOM   859  C CD  . GLU B 1 52 ? -2.723  0.182   10.642  1.00 22.35 ? 52  GLU B CD  1 
ATOM   860  O OE1 . GLU B 1 52 ? -2.203  -0.940  10.528  1.00 23.20 ? 52  GLU B OE1 1 
ATOM   861  O OE2 . GLU B 1 52 ? -3.866  0.417   10.205  1.00 24.03 ? 52  GLU B OE2 1 
ATOM   862  N N   . LEU B 1 53 ? -0.056  3.697   9.163   1.00 16.65 ? 53  LEU B N   1 
ATOM   863  C CA  . LEU B 1 53 ? -0.564  4.929   8.544   1.00 17.33 ? 53  LEU B CA  1 
ATOM   864  C C   . LEU B 1 53 ? -0.713  4.756   7.026   1.00 16.75 ? 53  LEU B C   1 
ATOM   865  O O   . LEU B 1 53 ? -1.739  5.096   6.421   1.00 17.24 ? 53  LEU B O   1 
ATOM   866  C CB  . LEU B 1 53 ? 0.415   6.089   8.825   1.00 19.29 ? 53  LEU B CB  1 
ATOM   867  C CG  . LEU B 1 53 ? 0.022   7.474   8.306   1.00 22.08 ? 53  LEU B CG  1 
ATOM   868  C CD1 . LEU B 1 53 ? -1.173  7.990   9.110   1.00 24.16 ? 53  LEU B CD1 1 
ATOM   869  C CD2 . LEU B 1 53 ? 1.194   8.429   8.437   1.00 24.12 ? 53  LEU B CD2 1 
ATOM   870  N N   . VAL B 1 54 ? 0.332   4.228   6.409   1.00 15.56 ? 54  VAL B N   1 
ATOM   871  C CA  . VAL B 1 54 ? 0.337   4.040   4.966   1.00 15.41 ? 54  VAL B CA  1 
ATOM   872  C C   . VAL B 1 54 ? -0.601  2.910   4.556   1.00 15.40 ? 54  VAL B C   1 
ATOM   873  O O   . VAL B 1 54 ? -1.346  3.038   3.589   1.00 15.81 ? 54  VAL B O   1 
ATOM   874  C CB  . VAL B 1 54 ? 1.748   3.726   4.476   1.00 14.73 ? 54  VAL B CB  1 
ATOM   875  C CG1 . VAL B 1 54 ? 1.717   3.305   3.016   1.00 17.22 ? 54  VAL B CG1 1 
ATOM   876  C CG2 . VAL B 1 54 ? 2.644   4.959   4.670   1.00 16.13 ? 54  VAL B CG2 1 
ATOM   877  N N   . LEU B 1 55 ? -0.563  1.800   5.285   1.00 15.65 ? 55  LEU B N   1 
ATOM   878  C CA  . LEU B 1 55 ? -1.406  0.657   4.957   1.00 17.40 ? 55  LEU B CA  1 
ATOM   879  C C   . LEU B 1 55 ? -2.878  1.042   4.937   1.00 17.93 ? 55  LEU B C   1 
ATOM   880  O O   . LEU B 1 55 ? -3.623  0.655   4.027   1.00 17.52 ? 55  LEU B O   1 
ATOM   881  C CB  . LEU B 1 55 ? -1.179  -0.464  5.973   1.00 18.86 ? 55  LEU B CB  1 
ATOM   882  C CG  . LEU B 1 55 ? -1.896  -1.790  5.716   1.00 20.02 ? 55  LEU B CG  1 
ATOM   883  C CD1 . LEU B 1 55 ? -1.283  -2.449  4.503   1.00 18.65 ? 55  LEU B CD1 1 
ATOM   884  C CD2 . LEU B 1 55 ? -1.764  -2.700  6.935   1.00 21.29 ? 55  LEU B CD2 1 
ATOM   885  N N   . ALA B 1 56 ? -3.311  1.805   5.937   1.00 16.98 ? 56  ALA B N   1 
ATOM   886  C CA  . ALA B 1 56 ? -4.721  2.195   6.005   1.00 18.01 ? 56  ALA B CA  1 
ATOM   887  C C   . ALA B 1 56 ? -5.106  3.110   4.848   1.00 18.58 ? 56  ALA B C   1 
ATOM   888  O O   . ALA B 1 56 ? -6.215  3.033   4.296   1.00 18.94 ? 56  ALA B O   1 
ATOM   889  C CB  . ALA B 1 56 ? -4.993  2.890   7.338   1.00 17.43 ? 56  ALA B CB  1 
ATOM   890  N N   . GLU B 1 57 ? -4.173  3.968   4.474   1.00 18.08 ? 57  GLU B N   1 
ATOM   891  C CA  . GLU B 1 57 ? -4.406  4.926   3.412   1.00 19.10 ? 57  GLU B CA  1 
ATOM   892  C C   . GLU B 1 57 ? -4.502  4.252   2.050   1.00 18.57 ? 57  GLU B C   1 
ATOM   893  O O   . GLU B 1 57 ? -5.107  4.781   1.124   1.00 18.87 ? 57  GLU B O   1 
ATOM   894  C CB  . GLU B 1 57 ? -3.282  5.965   3.419   1.00 21.50 ? 57  GLU B CB  1 
ATOM   895  C CG  . GLU B 1 57 ? -3.456  7.088   2.413   1.00 22.69 ? 57  GLU B CG  1 
ATOM   896  C CD  . GLU B 1 57 ? -4.477  8.105   2.862   1.00 25.57 ? 57  GLU B CD  1 
ATOM   897  O OE1 . GLU B 1 57 ? -4.815  9.011   2.061   1.00 26.73 ? 57  GLU B OE1 1 
ATOM   898  O OE2 . GLU B 1 57 ? -4.944  7.999   4.018   1.00 28.12 ? 57  GLU B OE2 1 
ATOM   899  N N   . VAL B 1 58 ? -3.918  3.068   1.929   1.00 18.47 ? 58  VAL B N   1 
ATOM   900  C CA  . VAL B 1 58 ? -3.950  2.353   0.666   1.00 17.58 ? 58  VAL B CA  1 
ATOM   901  C C   . VAL B 1 58 ? -5.019  1.258   0.636   1.00 16.96 ? 58  VAL B C   1 
ATOM   902  O O   . VAL B 1 58 ? -5.642  1.034   -0.393  1.00 16.83 ? 58  VAL B O   1 
ATOM   903  C CB  . VAL B 1 58 ? -2.553  1.751   0.348   1.00 18.38 ? 58  VAL B CB  1 
ATOM   904  C CG1 . VAL B 1 58 ? -2.628  0.819   -0.855  1.00 19.57 ? 58  VAL B CG1 1 
ATOM   905  C CG2 . VAL B 1 58 ? -1.573  2.879   0.069   1.00 19.33 ? 58  VAL B CG2 1 
ATOM   906  N N   . GLU B 1 59 ? -5.242  0.580   1.757   1.00 15.27 ? 59  GLU B N   1 
ATOM   907  C CA  . GLU B 1 59 ? -6.248  -0.469  1.768   1.00 16.07 ? 59  GLU B CA  1 
ATOM   908  C C   . GLU B 1 59 ? -7.650  0.069   1.564   1.00 15.90 ? 59  GLU B C   1 
ATOM   909  O O   . GLU B 1 59 ? -8.445  -0.533  0.850   1.00 16.65 ? 59  GLU B O   1 
ATOM   910  C CB  . GLU B 1 59 ? -6.207  -1.273  3.081   1.00 15.51 ? 59  GLU B CB  1 
ATOM   911  C CG  . GLU B 1 59 ? -5.032  -2.249  3.174   1.00 14.80 ? 59  GLU B CG  1 
ATOM   912  C CD  . GLU B 1 59 ? -5.143  -3.253  4.332   1.00 16.44 ? 59  GLU B CD  1 
ATOM   913  O OE1 . GLU B 1 59 ? -4.550  -4.334  4.212   1.00 16.28 ? 59  GLU B OE1 1 
ATOM   914  O OE2 . GLU B 1 59 ? -5.786  -2.972  5.372   1.00 17.01 ? 59  GLU B OE2 1 
ATOM   915  N N   . GLN B 1 60 ? -7.959  1.193   2.191   1.00 15.88 ? 60  GLN B N   1 
ATOM   916  C CA  . GLN B 1 60 ? -9.304  1.734   2.087   1.00 18.17 ? 60  GLN B CA  1 
ATOM   917  C C   . GLN B 1 60 ? -9.757  1.935   0.663   1.00 16.96 ? 60  GLN B C   1 
ATOM   918  O O   . GLN B 1 60 ? -10.801 1.438   0.295   1.00 18.65 ? 60  GLN B O   1 
ATOM   919  C CB  . GLN B 1 60 ? -9.426  3.031   2.896   1.00 20.16 ? 60  GLN B CB  1 
ATOM   920  C CG  . GLN B 1 60 ? -9.561  2.764   4.370   1.00 24.34 ? 60  GLN B CG  1 
ATOM   921  C CD  . GLN B 1 60 ? -9.463  4.027   5.232   1.00 26.50 ? 60  GLN B CD  1 
ATOM   922  O OE1 . GLN B 1 60 ? -8.362  4.532   5.536   1.00 26.66 ? 60  GLN B OE1 1 
ATOM   923  N NE2 . GLN B 1 60 ? -10.618 4.546   5.617   1.00 27.51 ? 60  GLN B NE2 1 
ATOM   924  N N   . PRO B 1 61 ? -8.983  2.661   -0.157  1.00 17.17 ? 61  PRO B N   1 
ATOM   925  C CA  . PRO B 1 61 ? -9.408  2.857   -1.550  1.00 16.58 ? 61  PRO B CA  1 
ATOM   926  C C   . PRO B 1 61 ? -9.360  1.557   -2.351  1.00 16.03 ? 61  PRO B C   1 
ATOM   927  O O   . PRO B 1 61 ? -10.149 1.356   -3.274  1.00 14.95 ? 61  PRO B O   1 
ATOM   928  C CB  . PRO B 1 61 ? -8.423  3.909   -2.083  1.00 17.79 ? 61  PRO B CB  1 
ATOM   929  C CG  . PRO B 1 61 ? -7.195  3.761   -1.148  1.00 18.10 ? 61  PRO B CG  1 
ATOM   930  C CD  . PRO B 1 61 ? -7.841  3.527   0.185   1.00 17.46 ? 61  PRO B CD  1 
ATOM   931  N N   . LEU B 1 62 ? -8.436  0.663   -2.000  1.00 15.02 ? 62  LEU B N   1 
ATOM   932  C CA  . LEU B 1 62 ? -8.348  -0.608  -2.723  1.00 13.80 ? 62  LEU B CA  1 
ATOM   933  C C   . LEU B 1 62 ? -9.625  -1.421  -2.529  1.00 13.98 ? 62  LEU B C   1 
ATOM   934  O O   . LEU B 1 62 ? -10.193 -1.923  -3.495  1.00 13.31 ? 62  LEU B O   1 
ATOM   935  C CB  . LEU B 1 62 ? -7.164  -1.442  -2.213  1.00 13.90 ? 62  LEU B CB  1 
ATOM   936  C CG  . LEU B 1 62 ? -7.136  -2.896  -2.702  1.00 15.33 ? 62  LEU B CG  1 
ATOM   937  C CD1 . LEU B 1 62 ? -7.036  -2.933  -4.255  1.00 13.54 ? 62  LEU B CD1 1 
ATOM   938  C CD2 . LEU B 1 62 ? -5.924  -3.625  -2.071  1.00 11.85 ? 62  LEU B CD2 1 
ATOM   939  N N   . LEU B 1 63 ? -10.059 -1.552  -1.274  1.00 13.17 ? 63  LEU B N   1 
ATOM   940  C CA  . LEU B 1 63 ? -11.260 -2.313  -0.955  1.00 13.98 ? 63  LEU B CA  1 
ATOM   941  C C   . LEU B 1 63 ? -12.463 -1.661  -1.600  1.00 15.76 ? 63  LEU B C   1 
ATOM   942  O O   . LEU B 1 63 ? -13.325 -2.335  -2.167  1.00 15.18 ? 63  LEU B O   1 
ATOM   943  C CB  . LEU B 1 63 ? -11.452 -2.381  0.568   1.00 14.59 ? 63  LEU B CB  1 
ATOM   944  C CG  . LEU B 1 63 ? -10.430 -3.212  1.342   1.00 14.57 ? 63  LEU B CG  1 
ATOM   945  C CD1 . LEU B 1 63 ? -10.425 -2.810  2.808   1.00 12.62 ? 63  LEU B CD1 1 
ATOM   946  C CD2 . LEU B 1 63 ? -10.749 -4.696  1.201   1.00 14.55 ? 63  LEU B CD2 1 
ATOM   947  N N   . ASP B 1 64 ? -12.519 -0.339  -1.525  1.00 16.56 ? 64  ASP B N   1 
ATOM   948  C CA  . ASP B 1 64 ? -13.650 0.378   -2.110  1.00 18.29 ? 64  ASP B CA  1 
ATOM   949  C C   . ASP B 1 64 ? -13.718 0.098   -3.613  1.00 17.85 ? 64  ASP B C   1 
ATOM   950  O O   . ASP B 1 64 ? -14.759 -0.321  -4.111  1.00 18.11 ? 64  ASP B O   1 
ATOM   951  C CB  . ASP B 1 64 ? -13.498 1.867   -1.816  1.00 20.32 ? 64  ASP B CB  1 
ATOM   952  C CG  . ASP B 1 64 ? -14.528 2.728   -2.528  1.00 23.47 ? 64  ASP B CG  1 
ATOM   953  O OD1 . ASP B 1 64 ? -15.608 2.231   -2.903  1.00 26.00 ? 64  ASP B OD1 1 
ATOM   954  O OD2 . ASP B 1 64 ? -14.256 3.927   -2.707  1.00 27.52 ? 64  ASP B OD2 1 
ATOM   955  N N   . MET B 1 65 ? -12.610 0.293   -4.334  1.00 17.07 ? 65  MET B N   1 
ATOM   956  C CA  . MET B 1 65 ? -12.608 0.049   -5.773  1.00 17.40 ? 65  MET B CA  1 
ATOM   957  C C   . MET B 1 65 ? -12.842 -1.405  -6.162  1.00 16.87 ? 65  MET B C   1 
ATOM   958  O O   . MET B 1 65 ? -13.507 -1.673  -7.156  1.00 16.32 ? 65  MET B O   1 
ATOM   959  C CB  . MET B 1 65 ? -11.305 0.541   -6.400  1.00 19.22 ? 65  MET B CB  1 
ATOM   960  C CG  . MET B 1 65 ? -11.147 2.065   -6.315  1.00 21.86 ? 65  MET B CG  1 
ATOM   961  S SD  . MET B 1 65 ? -12.535 2.882   -7.199  1.00 25.44 ? 65  MET B SD  1 
ATOM   962  C CE  . MET B 1 65 ? -12.461 2.129   -8.713  1.00 23.73 ? 65  MET B CE  1 
ATOM   963  N N   . VAL B 1 66 ? -12.281 -2.345  -5.410  1.00 15.72 ? 66  VAL B N   1 
ATOM   964  C CA  . VAL B 1 66 ? -12.494 -3.749  -5.744  1.00 16.44 ? 66  VAL B CA  1 
ATOM   965  C C   . VAL B 1 66 ? -13.978 -4.128  -5.575  1.00 15.42 ? 66  VAL B C   1 
ATOM   966  O O   . VAL B 1 66 ? -14.538 -4.843  -6.401  1.00 14.82 ? 66  VAL B O   1 
ATOM   967  C CB  . VAL B 1 66 ? -11.634 -4.686  -4.859  1.00 16.27 ? 66  VAL B CB  1 
ATOM   968  C CG1 . VAL B 1 66 ? -11.926 -6.135  -5.213  1.00 18.13 ? 66  VAL B CG1 1 
ATOM   969  C CG2 . VAL B 1 66 ? -10.159 -4.397  -5.077  1.00 18.84 ? 66  VAL B CG2 1 
ATOM   970  N N   . MET B 1 67 ? -14.612 -3.652  -4.509  1.00 16.44 ? 67  MET B N   1 
ATOM   971  C CA  . MET B 1 67 ? -16.023 -3.975  -4.284  1.00 18.12 ? 67  MET B CA  1 
ATOM   972  C C   . MET B 1 67 ? -16.942 -3.364  -5.362  1.00 18.56 ? 67  MET B C   1 
ATOM   973  O O   . MET B 1 67 ? -18.009 -3.915  -5.678  1.00 18.49 ? 67  MET B O   1 
ATOM   974  C CB  . MET B 1 67 ? -16.449 -3.504  -2.894  1.00 20.18 ? 67  MET B CB  1 
ATOM   975  C CG  . MET B 1 67 ? -15.782 -4.294  -1.752  1.00 21.72 ? 67  MET B CG  1 
ATOM   976  S SD  . MET B 1 67 ? -16.103 -6.077  -1.875  1.00 23.21 ? 67  MET B SD  1 
ATOM   977  C CE  . MET B 1 67 ? -17.852 -6.183  -1.493  1.00 24.81 ? 67  MET B CE  1 
ATOM   978  N N   . GLN B 1 68 ? -16.535 -2.227  -5.920  1.00 18.23 ? 68  GLN B N   1 
ATOM   979  C CA  . GLN B 1 68 ? -17.324 -1.605  -6.975  1.00 19.34 ? 68  GLN B CA  1 
ATOM   980  C C   . GLN B 1 68 ? -17.164 -2.431  -8.239  1.00 17.98 ? 68  GLN B C   1 
ATOM   981  O O   . GLN B 1 68 ? -18.131 -2.637  -8.980  1.00 17.38 ? 68  GLN B O   1 
ATOM   982  C CB  . GLN B 1 68 ? -16.844 -0.184  -7.272  1.00 21.03 ? 68  GLN B CB  1 
ATOM   983  C CG  . GLN B 1 68 ? -17.171 0.846   -6.225  1.00 25.14 ? 68  GLN B CG  1 
ATOM   984  C CD  . GLN B 1 68 ? -16.680 2.210   -6.660  1.00 28.23 ? 68  GLN B CD  1 
ATOM   985  O OE1 . GLN B 1 68 ? -16.844 2.587   -7.825  1.00 30.55 ? 68  GLN B OE1 1 
ATOM   986  N NE2 . GLN B 1 68 ? -16.082 2.957   -5.738  1.00 29.82 ? 68  GLN B NE2 1 
ATOM   987  N N   . TYR B 1 69 ? -15.939 -2.898  -8.486  1.00 17.45 ? 69  TYR B N   1 
ATOM   988  C CA  . TYR B 1 69 ? -15.662 -3.689  -9.685  1.00 17.35 ? 69  TYR B CA  1 
ATOM   989  C C   . TYR B 1 69 ? -16.439 -5.001  -9.680  1.00 17.39 ? 69  TYR B C   1 
ATOM   990  O O   . TYR B 1 69 ? -16.957 -5.418  -10.729 1.00 16.14 ? 69  TYR B O   1 
ATOM   991  C CB  . TYR B 1 69 ? -14.168 -3.999  -9.816  1.00 19.44 ? 69  TYR B CB  1 
ATOM   992  C CG  . TYR B 1 69 ? -13.798 -4.644  -11.142 1.00 21.81 ? 69  TYR B CG  1 
ATOM   993  C CD1 . TYR B 1 69 ? -13.751 -3.890  -12.312 1.00 22.69 ? 69  TYR B CD1 1 
ATOM   994  C CD2 . TYR B 1 69 ? -13.508 -6.009  -11.227 1.00 23.47 ? 69  TYR B CD2 1 
ATOM   995  C CE1 . TYR B 1 69 ? -13.422 -4.472  -13.550 1.00 24.30 ? 69  TYR B CE1 1 
ATOM   996  C CE2 . TYR B 1 69 ? -13.181 -6.612  -12.461 1.00 24.01 ? 69  TYR B CE2 1 
ATOM   997  C CZ  . TYR B 1 69 ? -13.136 -5.834  -13.617 1.00 25.46 ? 69  TYR B CZ  1 
ATOM   998  O OH  . TYR B 1 69 ? -12.807 -6.403  -14.840 1.00 25.02 ? 69  TYR B OH  1 
ATOM   999  N N   . THR B 1 70 ? -16.502 -5.662  -8.525  1.00 15.41 ? 70  THR B N   1 
ATOM   1000 C CA  . THR B 1 70 ? -17.231 -6.920  -8.421  1.00 17.24 ? 70  THR B CA  1 
ATOM   1001 C C   . THR B 1 70 ? -18.705 -6.705  -8.044  1.00 17.25 ? 70  THR B C   1 
ATOM   1002 O O   . THR B 1 70 ? -19.399 -7.634  -7.638  1.00 16.20 ? 70  THR B O   1 
ATOM   1003 C CB  . THR B 1 70 ? -16.566 -7.868  -7.398  1.00 17.09 ? 70  THR B CB  1 
ATOM   1004 O OG1 . THR B 1 70 ? -16.632 -7.294  -6.091  1.00 20.14 ? 70  THR B OG1 1 
ATOM   1005 C CG2 . THR B 1 70 ? -15.103 -8.117  -7.772  1.00 16.62 ? 70  THR B CG2 1 
ATOM   1006 N N   . ARG B 1 71 ? -19.171 -5.469  -8.196  1.00 18.47 ? 71  ARG B N   1 
ATOM   1007 C CA  . ARG B 1 71 ? -20.557 -5.115  -7.904  1.00 19.78 ? 71  ARG B CA  1 
ATOM   1008 C C   . ARG B 1 71 ? -21.073 -5.613  -6.566  1.00 19.33 ? 71  ARG B C   1 
ATOM   1009 O O   . ARG B 1 71 ? -22.220 -6.058  -6.474  1.00 19.61 ? 71  ARG B O   1 
ATOM   1010 C CB  . ARG B 1 71 ? -21.475 -5.632  -9.010  1.00 22.75 ? 71  ARG B CB  1 
ATOM   1011 C CG  . ARG B 1 71 ? -21.089 -5.180  -10.403 1.00 26.28 ? 71  ARG B CG  1 
ATOM   1012 C CD  . ARG B 1 71 ? -22.103 -5.709  -11.404 1.00 30.99 ? 71  ARG B CD  1 
ATOM   1013 N NE  . ARG B 1 71 ? -21.919 -5.137  -12.732 1.00 35.39 ? 71  ARG B NE  1 
ATOM   1014 C CZ  . ARG B 1 71 ? -20.915 -5.446  -13.546 1.00 37.48 ? 71  ARG B CZ  1 
ATOM   1015 N NH1 . ARG B 1 71 ? -19.999 -6.329  -13.168 1.00 39.47 ? 71  ARG B NH1 1 
ATOM   1016 N NH2 . ARG B 1 71 ? -20.829 -4.869  -14.739 1.00 37.97 ? 71  ARG B NH2 1 
ATOM   1017 N N   . GLY B 1 72 ? -20.228 -5.549  -5.539  1.00 18.20 ? 72  GLY B N   1 
ATOM   1018 C CA  . GLY B 1 72 ? -20.630 -5.975  -4.208  1.00 18.73 ? 72  GLY B CA  1 
ATOM   1019 C C   . GLY B 1 72 ? -20.447 -7.441  -3.879  1.00 19.39 ? 72  GLY B C   1 
ATOM   1020 O O   . GLY B 1 72 ? -20.727 -7.855  -2.759  1.00 18.48 ? 72  GLY B O   1 
ATOM   1021 N N   . ASN B 1 73 ? -19.992 -8.236  -4.845  1.00 19.83 ? 73  ASN B N   1 
ATOM   1022 C CA  . ASN B 1 73 ? -19.793 -9.672  -4.616  1.00 20.67 ? 73  ASN B CA  1 
ATOM   1023 C C   . ASN B 1 73 ? -18.511 -9.899  -3.821  1.00 20.66 ? 73  ASN B C   1 
ATOM   1024 O O   . ASN B 1 73 ? -17.412 -9.835  -4.375  1.00 20.09 ? 73  ASN B O   1 
ATOM   1025 C CB  . ASN B 1 73 ? -19.693 -10.412 -5.948  1.00 22.00 ? 73  ASN B CB  1 
ATOM   1026 C CG  . ASN B 1 73 ? -19.655 -11.937 -5.784  1.00 23.58 ? 73  ASN B CG  1 
ATOM   1027 O OD1 . ASN B 1 73 ? -19.064 -12.465 -4.846  1.00 21.71 ? 73  ASN B OD1 1 
ATOM   1028 N ND2 . ASN B 1 73 ? -20.277 -12.643 -6.720  1.00 25.43 ? 73  ASN B ND2 1 
ATOM   1029 N N   . ALA B 1 74 ? -18.660 -10.206 -2.536  1.00 19.94 ? 74  ALA B N   1 
ATOM   1030 C CA  . ALA B 1 74 ? -17.511 -10.403 -1.659  1.00 19.92 ? 74  ALA B CA  1 
ATOM   1031 C C   . ALA B 1 74 ? -16.590 -11.560 -2.048  1.00 20.17 ? 74  ALA B C   1 
ATOM   1032 O O   . ALA B 1 74 ? -15.370 -11.444 -1.950  1.00 18.69 ? 74  ALA B O   1 
ATOM   1033 C CB  . ALA B 1 74 ? -17.988 -10.580 -0.211  1.00 21.34 ? 74  ALA B CB  1 
ATOM   1034 N N   . THR B 1 75 ? -17.166 -12.671 -2.489  1.00 19.47 ? 75  THR B N   1 
ATOM   1035 C CA  . THR B 1 75 ? -16.342 -13.812 -2.878  1.00 19.05 ? 75  THR B CA  1 
ATOM   1036 C C   . THR B 1 75 ? -15.518 -13.472 -4.106  1.00 17.93 ? 75  THR B C   1 
ATOM   1037 O O   . THR B 1 75 ? -14.330 -13.783 -4.164  1.00 16.64 ? 75  THR B O   1 
ATOM   1038 C CB  . THR B 1 75 ? -17.200 -15.066 -3.142  1.00 19.84 ? 75  THR B CB  1 
ATOM   1039 O OG1 . THR B 1 75 ? -17.847 -15.433 -1.922  1.00 20.07 ? 75  THR B OG1 1 
ATOM   1040 C CG2 . THR B 1 75 ? -16.329 -16.247 -3.604  1.00 18.66 ? 75  THR B CG2 1 
ATOM   1041 N N   . ARG B 1 76 ? -16.140 -12.830 -5.088  1.00 16.57 ? 76  ARG B N   1 
ATOM   1042 C CA  . ARG B 1 76 ? -15.412 -12.443 -6.289  1.00 17.29 ? 76  ARG B CA  1 
ATOM   1043 C C   . ARG B 1 76 ? -14.310 -11.412 -5.950  1.00 15.03 ? 76  ARG B C   1 
ATOM   1044 O O   . ARG B 1 76 ? -13.229 -11.423 -6.551  1.00 13.72 ? 76  ARG B O   1 
ATOM   1045 C CB  . ARG B 1 76 ? -16.381 -11.863 -7.321  1.00 20.28 ? 76  ARG B CB  1 
ATOM   1046 C CG  . ARG B 1 76 ? -16.003 -12.229 -8.732  1.00 26.04 ? 76  ARG B CG  1 
ATOM   1047 C CD  . ARG B 1 76 ? -15.650 -11.029 -9.568  1.00 29.54 ? 76  ARG B CD  1 
ATOM   1048 N NE  . ARG B 1 76 ? -16.824 -10.417 -10.197 1.00 31.35 ? 76  ARG B NE  1 
ATOM   1049 C CZ  . ARG B 1 76 ? -16.762 -9.716  -11.325 1.00 32.78 ? 76  ARG B CZ  1 
ATOM   1050 N NH1 . ARG B 1 76 ? -15.597 -9.558  -11.934 1.00 33.88 ? 76  ARG B NH1 1 
ATOM   1051 N NH2 . ARG B 1 76 ? -17.848 -9.166  -11.843 1.00 34.05 ? 76  ARG B NH2 1 
ATOM   1052 N N   . ALA B 1 77 ? -14.580 -10.512 -5.008  1.00 14.50 ? 77  ALA B N   1 
ATOM   1053 C CA  . ALA B 1 77 ? -13.567 -9.519  -4.620  1.00 14.90 ? 77  ALA B CA  1 
ATOM   1054 C C   . ALA B 1 77 ? -12.383 -10.214 -3.920  1.00 14.01 ? 77  ALA B C   1 
ATOM   1055 O O   . ALA B 1 77 ? -11.237 -9.882  -4.155  1.00 13.80 ? 77  ALA B O   1 
ATOM   1056 C CB  . ALA B 1 77 ? -14.175 -8.451  -3.682  1.00 15.35 ? 77  ALA B CB  1 
ATOM   1057 N N   . ALA B 1 78 ? -12.659 -11.166 -3.048  1.00 14.05 ? 78  ALA B N   1 
ATOM   1058 C CA  . ALA B 1 78 ? -11.560 -11.888 -2.375  1.00 14.05 ? 78  ALA B CA  1 
ATOM   1059 C C   . ALA B 1 78 ? -10.680 -12.647 -3.386  1.00 12.87 ? 78  ALA B C   1 
ATOM   1060 O O   . ALA B 1 78 ? -9.438  -12.682 -3.289  1.00 12.98 ? 78  ALA B O   1 
ATOM   1061 C CB  . ALA B 1 78 ? -12.146 -12.875 -1.363  1.00 13.80 ? 78  ALA B CB  1 
ATOM   1062 N N   . LEU B 1 79 ? -11.333 -13.295 -4.341  1.00 11.90 ? 79  LEU B N   1 
ATOM   1063 C CA  . LEU B 1 79 ? -10.619 -14.050 -5.368  1.00 11.22 ? 79  LEU B CA  1 
ATOM   1064 C C   . LEU B 1 79 ? -9.737  -13.133 -6.207  1.00 12.56 ? 79  LEU B C   1 
ATOM   1065 O O   . LEU B 1 79 ? -8.589  -13.461 -6.539  1.00 11.50 ? 79  LEU B O   1 
ATOM   1066 C CB  . LEU B 1 79 ? -11.621 -14.790 -6.277  1.00 12.39 ? 79  LEU B CB  1 
ATOM   1067 C CG  . LEU B 1 79 ? -12.310 -15.981 -5.592  1.00 15.26 ? 79  LEU B CG  1 
ATOM   1068 C CD1 . LEU B 1 79 ? -13.431 -16.546 -6.481  1.00 15.05 ? 79  LEU B CD1 1 
ATOM   1069 C CD2 . LEU B 1 79 ? -11.257 -17.054 -5.306  1.00 14.98 ? 79  LEU B CD2 1 
ATOM   1070 N N   . MET B 1 80 ? -10.278 -11.978 -6.569  1.00 12.68 ? 80  MET B N   1 
ATOM   1071 C CA  . MET B 1 80 ? -9.509  -11.033 -7.365  1.00 12.91 ? 80  MET B CA  1 
ATOM   1072 C C   . MET B 1 80 ? -8.342  -10.461 -6.562  1.00 13.36 ? 80  MET B C   1 
ATOM   1073 O O   . MET B 1 80 ? -7.285  -10.141 -7.112  1.00 13.73 ? 80  MET B O   1 
ATOM   1074 C CB  . MET B 1 80 ? -10.421 -9.891  -7.838  1.00 15.98 ? 80  MET B CB  1 
ATOM   1075 C CG  . MET B 1 80 ? -9.729  -8.831  -8.694  1.00 19.21 ? 80  MET B CG  1 
ATOM   1076 S SD  . MET B 1 80 ? -10.865 -7.551  -9.288  1.00 23.35 ? 80  MET B SD  1 
ATOM   1077 C CE  . MET B 1 80 ? -10.136 -7.158  -10.891 1.00 22.59 ? 80  MET B CE  1 
ATOM   1078 N N   . MET B 1 81 ? -8.534  -10.318 -5.259  1.00 12.00 ? 81  MET B N   1 
ATOM   1079 C CA  . MET B 1 81 ? -7.471  -9.780  -4.419  1.00 13.37 ? 81  MET B CA  1 
ATOM   1080 C C   . MET B 1 81 ? -6.439  -10.835 -4.013  1.00 12.05 ? 81  MET B C   1 
ATOM   1081 O O   . MET B 1 81 ? -5.309  -10.493 -3.648  1.00 11.14 ? 81  MET B O   1 
ATOM   1082 C CB  . MET B 1 81 ? -8.092  -9.152  -3.180  1.00 15.06 ? 81  MET B CB  1 
ATOM   1083 C CG  . MET B 1 81 ? -9.022  -8.018  -3.525  1.00 20.13 ? 81  MET B CG  1 
ATOM   1084 S SD  . MET B 1 81 ? -9.496  -7.164  -2.054  1.00 29.96 ? 81  MET B SD  1 
ATOM   1085 C CE  . MET B 1 81 ? -8.028  -6.311  -1.758  1.00 21.63 ? 81  MET B CE  1 
ATOM   1086 N N   . GLY B 1 82 ? -6.843  -12.103 -4.066  1.00 11.42 ? 82  GLY B N   1 
ATOM   1087 C CA  . GLY B 1 82 ? -5.947  -13.199 -3.721  1.00 11.76 ? 82  GLY B CA  1 
ATOM   1088 C C   . GLY B 1 82 ? -5.950  -13.490 -2.231  1.00 13.08 ? 82  GLY B C   1 
ATOM   1089 O O   . GLY B 1 82 ? -4.961  -14.005 -1.692  1.00 12.20 ? 82  GLY B O   1 
ATOM   1090 N N   . ILE B 1 83 ? -7.049  -13.138 -1.557  1.00 13.01 ? 83  ILE B N   1 
ATOM   1091 C CA  . ILE B 1 83 ? -7.201  -13.376 -0.124  1.00 14.68 ? 83  ILE B CA  1 
ATOM   1092 C C   . ILE B 1 83 ? -8.516  -14.125 0.108   1.00 16.10 ? 83  ILE B C   1 
ATOM   1093 O O   . ILE B 1 83 ? -9.321  -14.252 -0.813  1.00 16.33 ? 83  ILE B O   1 
ATOM   1094 C CB  . ILE B 1 83 ? -7.179  -12.050 0.689   1.00 14.27 ? 83  ILE B CB  1 
ATOM   1095 C CG1 . ILE B 1 83 ? -8.353  -11.135 0.292   1.00 14.60 ? 83  ILE B CG1 1 
ATOM   1096 C CG2 . ILE B 1 83 ? -5.837  -11.351 0.486   1.00 15.32 ? 83  ILE B CG2 1 
ATOM   1097 C CD1 . ILE B 1 83 ? -8.453  -9.836  1.131   1.00 13.05 ? 83  ILE B CD1 1 
ATOM   1098 N N   . ASN B 1 84 ? -8.722  -14.675 1.304   1.00 19.02 ? 84  ASN B N   1 
ATOM   1099 C CA  . ASN B 1 84 ? -9.966  -15.400 1.538   1.00 19.78 ? 84  ASN B CA  1 
ATOM   1100 C C   . ASN B 1 84 ? -11.058 -14.448 2.002   1.00 20.11 ? 84  ASN B C   1 
ATOM   1101 O O   . ASN B 1 84 ? -10.779 -13.295 2.353   1.00 18.41 ? 84  ASN B O   1 
ATOM   1102 C CB  . ASN B 1 84 ? -9.796  -16.568 2.540   1.00 21.53 ? 84  ASN B CB  1 
ATOM   1103 C CG  . ASN B 1 84 ? -9.257  -16.138 3.884   1.00 23.11 ? 84  ASN B CG  1 
ATOM   1104 O OD1 . ASN B 1 84 ? -9.639  -15.104 4.421   1.00 26.57 ? 84  ASN B OD1 1 
ATOM   1105 N ND2 . ASN B 1 84 ? -8.361  -16.946 4.443   1.00 23.99 ? 84  ASN B ND2 1 
ATOM   1106 N N   . ARG B 1 85 ? -12.297 -14.927 1.988   1.00 21.18 ? 85  ARG B N   1 
ATOM   1107 C CA  . ARG B 1 85 ? -13.456 -14.112 2.360   1.00 24.11 ? 85  ARG B CA  1 
ATOM   1108 C C   . ARG B 1 85 ? -13.370 -13.517 3.754   1.00 22.52 ? 85  ARG B C   1 
ATOM   1109 O O   . ARG B 1 85 ? -13.727 -12.359 3.962   1.00 22.40 ? 85  ARG B O   1 
ATOM   1110 C CB  . ARG B 1 85 ? -14.732 -14.948 2.263   1.00 27.20 ? 85  ARG B CB  1 
ATOM   1111 C CG  . ARG B 1 85 ? -16.034 -14.162 2.431   1.00 32.95 ? 85  ARG B CG  1 
ATOM   1112 C CD  . ARG B 1 85 ? -16.691 -13.953 1.088   1.00 35.25 ? 85  ARG B CD  1 
ATOM   1113 N NE  . ARG B 1 85 ? -18.150 -14.054 1.121   1.00 40.09 ? 85  ARG B NE  1 
ATOM   1114 C CZ  . ARG B 1 85 ? -18.838 -15.058 1.666   1.00 41.15 ? 85  ARG B CZ  1 
ATOM   1115 N NH1 . ARG B 1 85 ? -18.216 -16.068 2.257   1.00 42.70 ? 85  ARG B NH1 1 
ATOM   1116 N NH2 . ARG B 1 85 ? -20.160 -15.073 1.579   1.00 42.71 ? 85  ARG B NH2 1 
ATOM   1117 N N   . GLY B 1 86 ? -12.921 -14.328 4.708   1.00 21.78 ? 86  GLY B N   1 
ATOM   1118 C CA  . GLY B 1 86 ? -12.793 -13.875 6.082   1.00 20.81 ? 86  GLY B CA  1 
ATOM   1119 C C   . GLY B 1 86 ? -11.829 -12.703 6.237   1.00 21.17 ? 86  GLY B C   1 
ATOM   1120 O O   . GLY B 1 86 ? -12.089 -11.768 7.001   1.00 21.44 ? 86  GLY B O   1 
ATOM   1121 N N   . THR B 1 87 ? -10.701 -12.762 5.536   1.00 20.43 ? 87  THR B N   1 
ATOM   1122 C CA  . THR B 1 87 ? -9.707  -11.693 5.580   1.00 19.46 ? 87  THR B CA  1 
ATOM   1123 C C   . THR B 1 87 ? -10.291 -10.426 4.950   1.00 20.03 ? 87  THR B C   1 
ATOM   1124 O O   . THR B 1 87 ? -10.117 -9.319  5.473   1.00 20.18 ? 87  THR B O   1 
ATOM   1125 C CB  . THR B 1 87 ? -8.441  -12.130 4.826   1.00 20.19 ? 87  THR B CB  1 
ATOM   1126 O OG1 . THR B 1 87 ? -7.899  -13.290 5.476   1.00 18.60 ? 87  THR B OG1 1 
ATOM   1127 C CG2 . THR B 1 87 ? -7.385  -11.002 4.800   1.00 18.92 ? 87  THR B CG2 1 
ATOM   1128 N N   . LEU B 1 88 ? -10.979 -10.571 3.819   1.00 19.91 ? 88  LEU B N   1 
ATOM   1129 C CA  . LEU B 1 88 ? -11.611 -9.408  3.179   1.00 19.33 ? 88  LEU B CA  1 
ATOM   1130 C C   . LEU B 1 88 ? -12.655 -8.768  4.136   1.00 19.72 ? 88  LEU B C   1 
ATOM   1131 O O   . LEU B 1 88 ? -12.720 -7.545  4.274   1.00 18.30 ? 88  LEU B O   1 
ATOM   1132 C CB  . LEU B 1 88 ? -12.313 -9.827  1.885   1.00 19.00 ? 88  LEU B CB  1 
ATOM   1133 C CG  . LEU B 1 88 ? -13.173 -8.728  1.246   1.00 20.60 ? 88  LEU B CG  1 
ATOM   1134 C CD1 . LEU B 1 88 ? -12.269 -7.649  0.672   1.00 20.78 ? 88  LEU B CD1 1 
ATOM   1135 C CD2 . LEU B 1 88 ? -14.038 -9.320  0.141   1.00 20.50 ? 88  LEU B CD2 1 
ATOM   1136 N N   . ARG B 1 89 ? -13.458 -9.602  4.793   1.00 20.37 ? 89  ARG B N   1 
ATOM   1137 C CA  . ARG B 1 89 ? -14.492 -9.120  5.720   1.00 22.47 ? 89  ARG B CA  1 
ATOM   1138 C C   . ARG B 1 89 ? -13.889 -8.333  6.870   1.00 21.87 ? 89  ARG B C   1 
ATOM   1139 O O   . ARG B 1 89 ? -14.434 -7.307  7.291   1.00 21.43 ? 89  ARG B O   1 
ATOM   1140 C CB  . ARG B 1 89 ? -15.271 -10.289 6.324   1.00 25.41 ? 89  ARG B CB  1 
ATOM   1141 C CG  . ARG B 1 89 ? -16.689 -10.454 5.827   1.00 31.30 ? 89  ARG B CG  1 
ATOM   1142 C CD  . ARG B 1 89 ? -16.771 -11.309 4.577   1.00 34.73 ? 89  ARG B CD  1 
ATOM   1143 N NE  . ARG B 1 89 ? -17.966 -12.150 4.594   1.00 38.22 ? 89  ARG B NE  1 
ATOM   1144 C CZ  . ARG B 1 89 ? -18.009 -13.389 5.093   1.00 40.52 ? 89  ARG B CZ  1 
ATOM   1145 N NH1 . ARG B 1 89 ? -16.918 -13.949 5.616   1.00 41.20 ? 89  ARG B NH1 1 
ATOM   1146 N NH2 . ARG B 1 89 ? -19.148 -14.072 5.066   1.00 39.36 ? 89  ARG B NH2 1 
ATOM   1147 N N   . LYS B 1 90 ? -12.783 -8.854  7.389   1.00 21.99 ? 90  LYS B N   1 
ATOM   1148 C CA  . LYS B 1 90 ? -12.047 -8.238  8.486   1.00 22.79 ? 90  LYS B CA  1 
ATOM   1149 C C   . LYS B 1 90 ? -11.533 -6.854  8.074   1.00 21.79 ? 90  LYS B C   1 
ATOM   1150 O O   . LYS B 1 90 ? -11.669 -5.871  8.813   1.00 21.00 ? 90  LYS B O   1 
ATOM   1151 C CB  . LYS B 1 90 ? -10.871 -9.138  8.893   1.00 24.45 ? 90  LYS B CB  1 
ATOM   1152 C CG  . LYS B 1 90 ? -9.916  -8.506  9.906   1.00 27.06 ? 90  LYS B CG  1 
ATOM   1153 C CD  . LYS B 1 90 ? -8.760  -9.430  10.253  1.00 29.90 ? 90  LYS B CD  1 
ATOM   1154 C CE  . LYS B 1 90 ? -9.260  -10.745 10.854  1.00 31.96 ? 90  LYS B CE  1 
ATOM   1155 N NZ  . LYS B 1 90 ? -8.151  -11.616 11.383  1.00 34.57 ? 90  LYS B NZ  1 
ATOM   1156 N N   . LYS B 1 91 ? -10.935 -6.766  6.895   1.00 20.58 ? 91  LYS B N   1 
ATOM   1157 C CA  . LYS B 1 91 ? -10.431 -5.480  6.426   1.00 20.32 ? 91  LYS B CA  1 
ATOM   1158 C C   . LYS B 1 91 ? -11.575 -4.467  6.249   1.00 21.29 ? 91  LYS B C   1 
ATOM   1159 O O   . LYS B 1 91 ? -11.489 -3.340  6.744   1.00 20.99 ? 91  LYS B O   1 
ATOM   1160 C CB  . LYS B 1 91 ? -9.654  -5.672  5.117   1.00 19.54 ? 91  LYS B CB  1 
ATOM   1161 C CG  . LYS B 1 91 ? -8.365  -6.497  5.296   1.00 19.10 ? 91  LYS B CG  1 
ATOM   1162 C CD  . LYS B 1 91 ? -7.515  -6.513  4.022   1.00 17.36 ? 91  LYS B CD  1 
ATOM   1163 C CE  . LYS B 1 91 ? -6.271  -7.377  4.195   1.00 17.82 ? 91  LYS B CE  1 
ATOM   1164 N NZ  . LYS B 1 91 ? -5.345  -6.887  5.257   1.00 16.16 ? 91  LYS B NZ  1 
ATOM   1165 N N   . LEU B 1 92 ? -12.647 -4.865  5.561   1.00 21.54 ? 92  LEU B N   1 
ATOM   1166 C CA  . LEU B 1 92 ? -13.789 -3.973  5.352   1.00 23.08 ? 92  LEU B CA  1 
ATOM   1167 C C   . LEU B 1 92 ? -14.351 -3.497  6.691   1.00 24.44 ? 92  LEU B C   1 
ATOM   1168 O O   . LEU B 1 92 ? -14.700 -2.327  6.852   1.00 24.32 ? 92  LEU B O   1 
ATOM   1169 C CB  . LEU B 1 92 ? -14.903 -4.694  4.583   1.00 22.83 ? 92  LEU B CB  1 
ATOM   1170 C CG  . LEU B 1 92 ? -14.626 -5.022  3.114   1.00 22.19 ? 92  LEU B CG  1 
ATOM   1171 C CD1 . LEU B 1 92 ? -15.706 -5.974  2.592   1.00 21.44 ? 92  LEU B CD1 1 
ATOM   1172 C CD2 . LEU B 1 92 ? -14.590 -3.716  2.305   1.00 21.36 ? 92  LEU B CD2 1 
ATOM   1173 N N   . LYS B 1 93 ? -14.447 -4.426  7.636   1.00 25.58 ? 93  LYS B N   1 
ATOM   1174 C CA  . LYS B 1 93 ? -14.949 -4.150  8.978   1.00 27.15 ? 93  LYS B CA  1 
ATOM   1175 C C   . LYS B 1 93 ? -14.069 -3.097  9.644   1.00 27.52 ? 93  LYS B C   1 
ATOM   1176 O O   . LYS B 1 93 ? -14.561 -2.111  10.209  1.00 26.77 ? 93  LYS B O   1 
ATOM   1177 C CB  . LYS B 1 93 ? -14.917 -5.435  9.804   1.00 29.07 ? 93  LYS B CB  1 
ATOM   1178 C CG  . LYS B 1 93 ? -15.154 -5.258  11.309  1.00 31.58 ? 93  LYS B CG  1 
ATOM   1179 C CD  . LYS B 1 93 ? -16.557 -4.770  11.588  1.00 34.09 ? 93  LYS B CD  1 
ATOM   1180 C CE  . LYS B 1 93 ? -16.918 -4.870  13.068  1.00 35.75 ? 93  LYS B CE  1 
ATOM   1181 N NZ  . LYS B 1 93 ? -18.356 -4.509  13.293  1.00 36.98 ? 93  LYS B NZ  1 
ATOM   1182 N N   . LYS B 1 94 ? -12.760 -3.324  9.571   1.00 26.64 ? 94  LYS B N   1 
ATOM   1183 C CA  . LYS B 1 94 ? -11.778 -2.425  10.158  1.00 26.21 ? 94  LYS B CA  1 
ATOM   1184 C C   . LYS B 1 94 ? -11.973 -0.984  9.712   1.00 26.08 ? 94  LYS B C   1 
ATOM   1185 O O   . LYS B 1 94 ? -11.767 -0.048  10.484  1.00 26.29 ? 94  LYS B O   1 
ATOM   1186 C CB  . LYS B 1 94 ? -10.360 -2.887  9.791   1.00 26.05 ? 94  LYS B CB  1 
ATOM   1187 C CG  . LYS B 1 94 ? -9.272  -1.939  10.276  1.00 26.61 ? 94  LYS B CG  1 
ATOM   1188 C CD  . LYS B 1 94 ? -7.881  -2.362  9.834   1.00 25.37 ? 94  LYS B CD  1 
ATOM   1189 C CE  . LYS B 1 94 ? -6.916  -1.181  9.969   1.00 25.28 ? 94  LYS B CE  1 
ATOM   1190 N NZ  . LYS B 1 94 ? -5.525  -1.548  9.648   1.00 24.40 ? 94  LYS B NZ  1 
ATOM   1191 N N   . TYR B 1 95 ? -12.375 -0.803  8.462   1.00 26.45 ? 95  TYR B N   1 
ATOM   1192 C CA  . TYR B 1 95 ? -12.570 0.533   7.925   1.00 26.94 ? 95  TYR B CA  1 
ATOM   1193 C C   . TYR B 1 95 ? -14.031 0.973   7.929   1.00 28.29 ? 95  TYR B C   1 
ATOM   1194 O O   . TYR B 1 95 ? -14.399 1.933   7.252   1.00 28.22 ? 95  TYR B O   1 
ATOM   1195 C CB  . TYR B 1 95 ? -11.985 0.588   6.509   1.00 24.94 ? 95  TYR B CB  1 
ATOM   1196 C CG  . TYR B 1 95 ? -10.501 0.250   6.494   1.00 23.40 ? 95  TYR B CG  1 
ATOM   1197 C CD1 . TYR B 1 95 ? -9.577  1.050   7.174   1.00 22.25 ? 95  TYR B CD1 1 
ATOM   1198 C CD2 . TYR B 1 95 ? -10.031 -0.889  5.845   1.00 22.90 ? 95  TYR B CD2 1 
ATOM   1199 C CE1 . TYR B 1 95 ? -8.214  0.722   7.214   1.00 22.31 ? 95  TYR B CE1 1 
ATOM   1200 C CE2 . TYR B 1 95 ? -8.677  -1.232  5.875   1.00 22.50 ? 95  TYR B CE2 1 
ATOM   1201 C CZ  . TYR B 1 95 ? -7.777  -0.427  6.558   1.00 22.48 ? 95  TYR B CZ  1 
ATOM   1202 O OH  . TYR B 1 95 ? -6.446  -0.746  6.586   1.00 21.66 ? 95  TYR B OH  1 
ATOM   1203 N N   . GLY B 1 96 ? -14.857 0.278   8.706   1.00 29.86 ? 96  GLY B N   1 
ATOM   1204 C CA  . GLY B 1 96 ? -16.268 0.617   8.777   1.00 32.41 ? 96  GLY B CA  1 
ATOM   1205 C C   . GLY B 1 96 ? -16.957 0.558   7.432   1.00 34.45 ? 96  GLY B C   1 
ATOM   1206 O O   . GLY B 1 96 ? -17.928 1.267   7.199   1.00 35.33 ? 96  GLY B O   1 
ATOM   1207 N N   . MET B 1 97 ? -16.460 -0.295  6.542   1.00 35.85 ? 97  MET B N   1 
ATOM   1208 C CA  . MET B 1 97 ? -17.044 -0.426  5.211   1.00 38.24 ? 97  MET B CA  1 
ATOM   1209 C C   . MET B 1 97 ? -17.975 -1.631  5.142   1.00 39.40 ? 97  MET B C   1 
ATOM   1210 O O   . MET B 1 97 ? -18.441 -1.995  4.074   1.00 39.87 ? 97  MET B O   1 
ATOM   1211 C CB  . MET B 1 97 ? -15.932 -0.571  4.166   1.00 38.38 ? 97  MET B CB  1 
ATOM   1212 C CG  . MET B 1 97 ? -15.028 0.645   4.055   1.00 38.44 ? 97  MET B CG  1 
ATOM   1213 S SD  . MET B 1 97 ? -13.497 0.280   3.184   1.00 38.50 ? 97  MET B SD  1 
ATOM   1214 C CE  . MET B 1 97 ? -14.145 -0.100  1.548   1.00 39.46 ? 97  MET B CE  1 
ATOM   1215 N N   . ASN B 1 98 ? -18.237 -2.239  6.294   1.00 41.24 ? 98  ASN B N   1 
ATOM   1216 C CA  . ASN B 1 98 ? -19.108 -3.408  6.384   1.00 43.28 ? 98  ASN B CA  1 
ATOM   1217 C C   . ASN B 1 98 ? -20.588 -3.007  6.454   1.00 43.72 ? 98  ASN B C   1 
ATOM   1218 O O   . ASN B 1 98 ? -20.947 -1.844  6.218   1.00 44.16 ? 98  ASN B O   1 
ATOM   1219 C CB  . ASN B 1 98 ? -18.742 -4.235  7.619   1.00 43.71 ? 98  ASN B CB  1 
ATOM   1220 C CG  . ASN B 1 98 ? -18.935 -3.460  8.924   1.00 45.67 ? 98  ASN B CG  1 
ATOM   1221 O OD1 . ASN B 1 98 ? -18.317 -2.413  9.143   1.00 44.12 ? 98  ASN B OD1 1 
ATOM   1222 N ND2 . ASN B 1 98 ? -19.798 -3.977  9.796   1.00 46.16 ? 98  ASN B ND2 1 
HETATM 1223 O O   . HOH C 2 .  ? -2.399  -7.485  -14.980 1.00 34.12 ? 99  HOH A O   1 
HETATM 1224 O O   . HOH C 2 .  ? 1.992   13.851  3.041   1.00 24.98 ? 100 HOH A O   1 
HETATM 1225 O O   . HOH C 2 .  ? -12.364 1.301   -14.148 1.00 14.40 ? 101 HOH A O   1 
HETATM 1226 O O   . HOH C 2 .  ? -3.338  -12.278 -11.335 1.00 18.74 ? 102 HOH A O   1 
HETATM 1227 O O   . HOH C 2 .  ? 20.767  -1.215  9.084   1.00 19.93 ? 103 HOH A O   1 
HETATM 1228 O O   . HOH C 2 .  ? 23.909  3.666   9.138   1.00 49.50 ? 104 HOH A O   1 
HETATM 1229 O O   . HOH C 2 .  ? 2.026   -1.943  11.887  1.00 21.62 ? 105 HOH A O   1 
HETATM 1230 O O   . HOH C 2 .  ? 8.305   2.461   17.483  1.00 16.17 ? 106 HOH A O   1 
HETATM 1231 O O   . HOH C 2 .  ? 11.295  -1.644  15.971  1.00 19.86 ? 107 HOH A O   1 
HETATM 1232 O O   . HOH C 2 .  ? 2.760   0.655   12.089  1.00 9.81  ? 108 HOH A O   1 
HETATM 1233 O O   . HOH C 2 .  ? 14.929  12.044  3.450   1.00 24.99 ? 109 HOH A O   1 
HETATM 1234 O O   . HOH C 2 .  ? 1.849   1.084   14.456  1.00 37.68 ? 110 HOH A O   1 
HETATM 1235 O O   . HOH C 2 .  ? 16.492  -7.888  13.192  1.00 21.51 ? 111 HOH A O   1 
HETATM 1236 O O   . HOH C 2 .  ? -9.365  9.492   -7.267  1.00 29.33 ? 112 HOH A O   1 
HETATM 1237 O O   . HOH C 2 .  ? 18.516  -5.713  4.642   1.00 35.51 ? 113 HOH A O   1 
HETATM 1238 O O   . HOH C 2 .  ? 13.481  6.165   14.721  1.00 40.93 ? 114 HOH A O   1 
HETATM 1239 O O   . HOH C 2 .  ? 14.516  -10.585 9.236   1.00 29.92 ? 115 HOH A O   1 
HETATM 1240 O O   . HOH C 2 .  ? 6.289   -6.159  13.612  1.00 27.52 ? 116 HOH A O   1 
HETATM 1241 O O   . HOH C 2 .  ? -4.381  11.357  3.529   1.00 35.53 ? 117 HOH A O   1 
HETATM 1242 O O   . HOH C 2 .  ? -13.398 0.209   -16.271 1.00 21.45 ? 118 HOH A O   1 
HETATM 1243 O O   . HOH C 2 .  ? -2.969  -17.577 -11.536 1.00 31.82 ? 119 HOH A O   1 
HETATM 1244 O O   . HOH C 2 .  ? 3.466   -7.712  -2.139  1.00 19.43 ? 120 HOH A O   1 
HETATM 1245 O O   . HOH C 2 .  ? 15.508  6.125   -2.864  1.00 50.03 ? 121 HOH A O   1 
HETATM 1246 O O   . HOH C 2 .  ? 12.505  -8.639  15.263  1.00 22.27 ? 122 HOH A O   1 
HETATM 1247 O O   . HOH C 2 .  ? 11.667  -11.114 14.217  1.00 37.45 ? 123 HOH A O   1 
HETATM 1248 O O   . HOH C 2 .  ? -1.193  1.422   14.956  1.00 40.06 ? 124 HOH A O   1 
HETATM 1249 O O   . HOH C 2 .  ? -1.037  -6.874  4.597   1.00 24.94 ? 125 HOH A O   1 
HETATM 1250 O O   . HOH C 2 .  ? -1.462  -20.626 -11.801 1.00 38.21 ? 126 HOH A O   1 
HETATM 1251 O O   . HOH C 2 .  ? -3.150  10.767  5.471   1.00 47.16 ? 127 HOH A O   1 
HETATM 1252 O O   . HOH C 2 .  ? -3.752  21.961  -4.600  1.00 41.31 ? 128 HOH A O   1 
HETATM 1253 O O   . HOH C 2 .  ? 20.730  6.647   13.948  1.00 44.20 ? 129 HOH A O   1 
HETATM 1254 O O   . HOH C 2 .  ? 23.158  4.962   11.407  1.00 22.05 ? 130 HOH A O   1 
HETATM 1255 O O   . HOH C 2 .  ? 7.508   -9.564  3.977   1.00 34.70 ? 131 HOH A O   1 
HETATM 1256 O O   . HOH C 2 .  ? 5.092   -7.813  2.523   1.00 32.90 ? 132 HOH A O   1 
HETATM 1257 O O   . HOH C 2 .  ? 3.839   -5.389  9.945   1.00 53.40 ? 133 HOH A O   1 
HETATM 1258 O O   . HOH C 2 .  ? 5.173   -2.484  -8.142  1.00 27.12 ? 134 HOH A O   1 
HETATM 1259 O O   . HOH C 2 .  ? 19.538  -2.360  3.640   1.00 45.26 ? 135 HOH A O   1 
HETATM 1260 O O   . HOH C 2 .  ? 8.419   -7.617  18.403  1.00 30.37 ? 136 HOH A O   1 
HETATM 1261 O O   . HOH C 2 .  ? 10.745  -5.309  -5.970  1.00 24.99 ? 137 HOH A O   1 
HETATM 1262 O O   . HOH C 2 .  ? 7.441   -3.137  -5.904  1.00 25.55 ? 138 HOH A O   1 
HETATM 1263 O O   . HOH C 2 .  ? 18.136  15.253  10.507  1.00 43.96 ? 139 HOH A O   1 
HETATM 1264 O O   . HOH C 2 .  ? 17.092  -7.824  4.605   1.00 36.00 ? 140 HOH A O   1 
HETATM 1265 O O   . HOH C 2 .  ? -10.668 14.244  -1.735  1.00 52.20 ? 141 HOH A O   1 
HETATM 1266 O O   . HOH C 2 .  ? 16.542  3.831   0.218   1.00 24.25 ? 142 HOH A O   1 
HETATM 1267 O O   . HOH C 2 .  ? 0.668   -10.512 7.023   1.00 46.51 ? 143 HOH A O   1 
HETATM 1268 O O   . HOH C 2 .  ? -10.605 -8.451  -20.995 1.00 47.35 ? 144 HOH A O   1 
HETATM 1269 O O   . HOH C 2 .  ? -8.789  -10.677 -18.429 1.00 36.97 ? 145 HOH A O   1 
HETATM 1270 O O   . HOH C 2 .  ? -8.879  -11.513 -16.239 1.00 32.12 ? 146 HOH A O   1 
HETATM 1271 O O   . HOH C 2 .  ? 19.281  -2.834  6.724   1.00 31.35 ? 147 HOH A O   1 
HETATM 1272 O O   . HOH C 2 .  ? 7.521   -0.417  17.336  1.00 30.73 ? 148 HOH A O   1 
HETATM 1273 O O   . HOH C 2 .  ? 16.695  -9.858  11.011  1.00 23.95 ? 149 HOH A O   1 
HETATM 1274 O O   . HOH C 2 .  ? -10.155 -13.841 -9.741  1.00 23.16 ? 150 HOH A O   1 
HETATM 1275 O O   . HOH C 2 .  ? -4.170  4.069   15.384  1.00 60.44 ? 151 HOH A O   1 
HETATM 1276 O O   . HOH C 2 .  ? 3.133   -8.227  4.327   1.00 46.18 ? 152 HOH A O   1 
HETATM 1277 O O   . HOH C 2 .  ? 16.480  12.678  8.156   1.00 34.01 ? 153 HOH A O   1 
HETATM 1278 O O   . HOH C 2 .  ? 16.079  13.521  10.496  1.00 45.53 ? 154 HOH A O   1 
HETATM 1279 O O   . HOH C 2 .  ? 17.339  17.968  14.349  1.00 55.60 ? 155 HOH A O   1 
HETATM 1280 O O   . HOH C 2 .  ? -3.652  -11.282 -14.004 1.00 28.09 ? 156 HOH A O   1 
HETATM 1281 O O   . HOH C 2 .  ? -9.722  -16.510 -9.297  1.00 40.69 ? 157 HOH A O   1 
HETATM 1282 O O   . HOH C 2 .  ? 13.351  10.007  2.625   1.00 21.58 ? 158 HOH A O   1 
HETATM 1283 O O   . HOH C 2 .  ? 6.337   -2.765  17.252  1.00 40.30 ? 159 HOH A O   1 
HETATM 1284 O O   . HOH D 2 .  ? -11.860 -9.261  -14.703 1.00 26.62 ? 99  HOH B O   1 
HETATM 1285 O O   . HOH D 2 .  ? -7.692  -15.662 -5.369  1.00 15.54 ? 100 HOH B O   1 
HETATM 1286 O O   . HOH D 2 .  ? -2.728  -11.083 -3.466  1.00 10.00 ? 101 HOH B O   1 
HETATM 1287 O O   . HOH D 2 .  ? -2.437  -12.457 -1.296  1.00 21.78 ? 102 HOH B O   1 
HETATM 1288 O O   . HOH D 2 .  ? -3.213  -8.591  5.398   1.00 36.40 ? 103 HOH B O   1 
HETATM 1289 O O   . HOH D 2 .  ? 10.100  5.892   16.586  1.00 23.53 ? 104 HOH B O   1 
HETATM 1290 O O   . HOH D 2 .  ? -17.287 -0.008  -2.861  1.00 28.35 ? 105 HOH B O   1 
HETATM 1291 O O   . HOH D 2 .  ? -3.749  6.544   7.383   1.00 20.99 ? 106 HOH B O   1 
HETATM 1292 O O   . HOH D 2 .  ? -12.601 -12.587 -9.041  1.00 22.36 ? 107 HOH B O   1 
HETATM 1293 O O   . HOH D 2 .  ? 3.152   -4.353  -8.019  1.00 19.19 ? 108 HOH B O   1 
HETATM 1294 O O   . HOH D 2 .  ? -5.695  -4.252  7.703   1.00 18.42 ? 109 HOH B O   1 
HETATM 1295 O O   . HOH D 2 .  ? -8.249  -5.545  11.430  1.00 42.66 ? 110 HOH B O   1 
HETATM 1296 O O   . HOH D 2 .  ? -0.309  -2.452  10.467  1.00 47.18 ? 111 HOH B O   1 
HETATM 1297 O O   . HOH D 2 .  ? 3.401   1.831   -11.428 1.00 32.56 ? 112 HOH B O   1 
HETATM 1298 O O   . HOH D 2 .  ? 1.969   -0.800  -10.472 1.00 28.52 ? 113 HOH B O   1 
HETATM 1299 O O   . HOH D 2 .  ? -20.996 -10.759 -1.265  1.00 26.22 ? 114 HOH B O   1 
HETATM 1300 O O   . HOH D 2 .  ? -6.325  -14.616 3.102   1.00 17.87 ? 115 HOH B O   1 
HETATM 1301 O O   . HOH D 2 .  ? -7.469  -5.867  8.956   1.00 24.77 ? 116 HOH B O   1 
HETATM 1302 O O   . HOH D 2 .  ? -3.202  1.949   -13.306 1.00 25.87 ? 117 HOH B O   1 
HETATM 1303 O O   . HOH D 2 .  ? -20.326 -1.491  -8.730  1.00 20.60 ? 118 HOH B O   1 
HETATM 1304 O O   . HOH D 2 .  ? -8.503  -16.024 -2.807  1.00 20.37 ? 119 HOH B O   1 
HETATM 1305 O O   . HOH D 2 .  ? 11.041  15.138  2.864   1.00 37.73 ? 120 HOH B O   1 
HETATM 1306 O O   . HOH D 2 .  ? 7.679   -3.553  -13.204 1.00 25.01 ? 121 HOH B O   1 
HETATM 1307 O O   . HOH D 2 .  ? 0.682   -5.983  5.930   1.00 32.89 ? 122 HOH B O   1 
HETATM 1308 O O   . HOH D 2 .  ? -6.216  -7.846  7.857   1.00 32.28 ? 123 HOH B O   1 
HETATM 1309 O O   . HOH D 2 .  ? -16.246 -0.591  -11.968 1.00 48.61 ? 124 HOH B O   1 
HETATM 1310 O O   . HOH D 2 .  ? 4.066   -4.718  -14.868 1.00 27.34 ? 125 HOH B O   1 
HETATM 1311 O O   . HOH D 2 .  ? -12.432 -4.416  -16.618 1.00 48.05 ? 126 HOH B O   1 
HETATM 1312 O O   . HOH D 2 .  ? -10.944 -10.659 -12.533 1.00 42.04 ? 127 HOH B O   1 
HETATM 1313 O O   . HOH D 2 .  ? -20.259 -3.531  -0.841  1.00 46.68 ? 128 HOH B O   1 
HETATM 1314 O O   . HOH D 2 .  ? -6.105  6.452   6.027   1.00 24.89 ? 129 HOH B O   1 
HETATM 1315 O O   . HOH D 2 .  ? -11.807 -5.923  11.392  1.00 31.19 ? 130 HOH B O   1 
HETATM 1316 O O   . HOH D 2 .  ? -5.246  2.359   10.914  1.00 22.40 ? 131 HOH B O   1 
HETATM 1317 O O   . HOH D 2 .  ? -2.008  12.191  -13.016 1.00 41.01 ? 132 HOH B O   1 
HETATM 1318 O O   . HOH D 2 .  ? -19.981 -12.221 3.219   1.00 39.37 ? 133 HOH B O   1 
HETATM 1319 O O   . HOH D 2 .  ? -14.294 0.096   -9.817  1.00 34.50 ? 134 HOH B O   1 
HETATM 1320 O O   . HOH D 2 .  ? -22.217 -6.226  -1.103  1.00 39.03 ? 135 HOH B O   1 
HETATM 1321 O O   . HOH D 2 .  ? -20.064 -13.442 -1.067  1.00 25.90 ? 136 HOH B O   1 
HETATM 1322 O O   . HOH D 2 .  ? -6.517  -16.851 -0.697  1.00 47.53 ? 137 HOH B O   1 
HETATM 1323 O O   . HOH D 2 .  ? 7.803   15.673  15.610  1.00 46.64 ? 138 HOH B O   1 
# 
